data_5YMS
#
_entry.id   5YMS
#
_cell.length_a   179.776
_cell.length_b   129.346
_cell.length_c   86.365
_cell.angle_alpha   90.000
_cell.angle_beta   116.070
_cell.angle_gamma   90.000
#
_symmetry.space_group_name_H-M   'C 1 2 1'
#
loop_
_entity.id
_entity.type
_entity.pdbx_description
1 polymer 'Outer capsid protein VP4'
2 branched beta-D-galactopyranose-(1-3)-[2-acetamido-2-deoxy-beta-D-glucopyranose-(1-6)]2-acetamido-2-deoxy-alpha-D-galactopyranose
3 non-polymer 2-acetamido-2-deoxy-beta-D-glucopyranose
4 water water
#
_entity_poly.entity_id   1
_entity_poly.type   'polypeptide(L)'
_entity_poly.pdbx_seq_one_letter_code
;MVLDGPYQPVAFKPPNDYWILVNSNSNGVVLEGTNNTDVWVAIISIEPNVNSESRQYSLFGVNKQITVVNTSNKWKFMEM
FRNNSNAEFQHKRTLTSSTKLVGILKHGGRLWTYHGETPNATTDYSTTSNLNEISVTTYAEFYIIPRSQESKCTEYINTG
L
;
_entity_poly.pdbx_strand_id   A,B,C,D,E,F,G,H
#
loop_
_chem_comp.id
_chem_comp.type
_chem_comp.name
_chem_comp.formula
A2G D-saccharide, alpha linking 2-acetamido-2-deoxy-alpha-D-galactopyranose 'C8 H15 N O6'
GAL D-saccharide, beta linking beta-D-galactopyranose 'C6 H12 O6'
NAG D-saccharide, beta linking 2-acetamido-2-deoxy-beta-D-glucopyranose 'C8 H15 N O6'
#
# COMPACT_ATOMS: atom_id res chain seq x y z
N MET A 1 4.51 -9.26 -56.03
CA MET A 1 3.89 -9.64 -54.77
C MET A 1 2.70 -10.56 -55.02
N VAL A 2 2.40 -11.44 -54.08
CA VAL A 2 1.18 -12.23 -54.15
C VAL A 2 0.45 -12.10 -52.81
N LEU A 3 -0.83 -11.78 -52.87
CA LEU A 3 -1.55 -11.33 -51.70
C LEU A 3 -2.88 -12.05 -51.63
N ASP A 4 -3.17 -12.63 -50.47
CA ASP A 4 -4.33 -13.49 -50.28
C ASP A 4 -5.52 -12.64 -49.83
N GLY A 5 -6.52 -12.53 -50.70
CA GLY A 5 -7.65 -11.67 -50.47
C GLY A 5 -7.99 -10.86 -51.72
N PRO A 6 -8.80 -9.80 -51.57
CA PRO A 6 -9.40 -9.25 -50.35
C PRO A 6 -10.61 -10.02 -49.86
N TYR A 7 -10.79 -10.07 -48.54
CA TYR A 7 -11.98 -10.61 -47.90
C TYR A 7 -12.83 -9.46 -47.37
N GLN A 8 -14.15 -9.64 -47.44
CA GLN A 8 -15.08 -8.62 -46.97
C GLN A 8 -15.17 -8.60 -45.43
N PRO A 9 -15.55 -7.45 -44.86
CA PRO A 9 -15.73 -7.38 -43.40
C PRO A 9 -16.57 -8.54 -42.87
N VAL A 10 -16.07 -9.20 -41.83
CA VAL A 10 -16.76 -10.36 -41.28
C VAL A 10 -16.26 -10.56 -39.86
N ALA A 11 -17.01 -11.32 -39.08
CA ALA A 11 -16.57 -11.80 -37.76
C ALA A 11 -16.07 -13.23 -37.92
N PHE A 12 -14.85 -13.50 -37.47
CA PHE A 12 -14.30 -14.85 -37.64
C PHE A 12 -13.16 -15.08 -36.66
N LYS A 13 -12.83 -16.35 -36.50
CA LYS A 13 -11.74 -16.84 -35.68
C LYS A 13 -10.51 -17.00 -36.56
N PRO A 14 -9.60 -16.04 -36.63
CA PRO A 14 -8.46 -16.15 -37.55
C PRO A 14 -7.59 -17.34 -37.17
N PRO A 15 -7.01 -18.02 -38.15
CA PRO A 15 -6.05 -19.09 -37.82
C PRO A 15 -4.75 -18.51 -37.28
N ASN A 16 -4.06 -19.31 -36.47
CA ASN A 16 -2.78 -18.87 -35.96
C ASN A 16 -1.76 -18.73 -37.11
N ASP A 17 -0.82 -17.80 -36.92
CA ASP A 17 0.28 -17.54 -37.86
C ASP A 17 -0.18 -16.96 -39.20
N TYR A 18 -1.29 -16.21 -39.20
CA TYR A 18 -1.66 -15.37 -40.33
C TYR A 18 -1.89 -13.95 -39.84
N TRP A 19 -1.15 -13.00 -40.40
CA TRP A 19 -1.50 -11.60 -40.27
C TRP A 19 -2.81 -11.31 -41.01
N ILE A 20 -3.73 -10.66 -40.31
CA ILE A 20 -4.91 -10.05 -40.92
C ILE A 20 -4.52 -8.59 -41.16
N LEU A 21 -4.48 -8.20 -42.41
CA LEU A 21 -4.05 -6.88 -42.82
C LEU A 21 -5.27 -6.14 -43.38
N VAL A 22 -5.76 -5.17 -42.63
CA VAL A 22 -7.04 -4.50 -42.88
C VAL A 22 -6.76 -3.17 -43.55
N ASN A 23 -7.44 -2.95 -44.67
CA ASN A 23 -7.25 -1.72 -45.45
C ASN A 23 -8.32 -0.75 -45.02
N SER A 24 -8.02 0.05 -44.00
CA SER A 24 -9.03 0.92 -43.40
C SER A 24 -9.23 2.16 -44.26
N ASN A 25 -10.47 2.65 -44.31
CA ASN A 25 -10.68 3.90 -45.01
C ASN A 25 -11.26 4.99 -44.12
N SER A 26 -12.41 4.75 -43.49
CA SER A 26 -13.08 5.76 -42.68
C SER A 26 -12.55 5.77 -41.25
N ASN A 27 -12.98 6.78 -40.49
CA ASN A 27 -12.42 7.10 -39.16
C ASN A 27 -13.23 6.54 -37.99
N GLY A 28 -13.54 5.26 -37.90
CA GLY A 28 -14.14 4.80 -36.67
C GLY A 28 -13.42 3.56 -36.16
N VAL A 29 -14.21 2.54 -35.80
CA VAL A 29 -13.66 1.26 -35.37
C VAL A 29 -13.21 0.48 -36.61
N VAL A 30 -11.91 0.19 -36.68
CA VAL A 30 -11.32 -0.58 -37.78
C VAL A 30 -11.51 -2.07 -37.57
N LEU A 31 -11.24 -2.55 -36.36
CA LEU A 31 -11.34 -3.96 -36.05
C LEU A 31 -11.46 -4.11 -34.55
N GLU A 32 -12.00 -5.24 -34.11
CA GLU A 32 -12.01 -5.56 -32.70
C GLU A 32 -11.93 -7.05 -32.50
N GLY A 33 -11.35 -7.47 -31.38
CA GLY A 33 -11.15 -8.89 -31.18
C GLY A 33 -11.29 -9.28 -29.73
N THR A 34 -11.84 -10.47 -29.48
CA THR A 34 -12.01 -10.93 -28.11
C THR A 34 -12.12 -12.44 -28.07
N ASN A 35 -11.67 -13.02 -26.95
CA ASN A 35 -11.97 -14.40 -26.60
C ASN A 35 -12.98 -14.48 -25.48
N ASN A 36 -13.56 -13.35 -25.08
CA ASN A 36 -14.49 -13.25 -23.95
C ASN A 36 -13.94 -13.75 -22.62
N THR A 37 -12.64 -13.94 -22.48
CA THR A 37 -12.10 -14.29 -21.17
C THR A 37 -11.05 -13.31 -20.68
N ASP A 38 -9.98 -13.05 -21.47
CA ASP A 38 -8.93 -12.18 -20.97
C ASP A 38 -8.36 -11.22 -22.02
N VAL A 39 -8.97 -11.08 -23.20
CA VAL A 39 -8.51 -10.11 -24.20
C VAL A 39 -9.73 -9.44 -24.82
N TRP A 40 -9.73 -8.11 -24.82
CA TRP A 40 -10.62 -7.28 -25.62
C TRP A 40 -9.74 -6.22 -26.24
N VAL A 41 -9.62 -6.21 -27.57
CA VAL A 41 -8.81 -5.21 -28.25
C VAL A 41 -9.65 -4.59 -29.35
N ALA A 42 -9.51 -3.29 -29.54
CA ALA A 42 -10.19 -2.58 -30.60
C ALA A 42 -9.26 -1.52 -31.13
N ILE A 43 -9.17 -1.42 -32.45
CA ILE A 43 -8.34 -0.40 -33.08
C ILE A 43 -9.29 0.65 -33.65
N ILE A 44 -9.09 1.90 -33.26
CA ILE A 44 -9.96 2.98 -33.71
C ILE A 44 -9.13 3.95 -34.53
N SER A 45 -9.77 4.51 -35.57
CA SER A 45 -9.13 5.39 -36.54
C SER A 45 -9.53 6.86 -36.30
N ILE A 46 -8.53 7.74 -36.32
CA ILE A 46 -8.71 9.18 -36.18
C ILE A 46 -8.01 9.84 -37.37
N GLU A 47 -8.77 10.66 -38.10
CA GLU A 47 -8.26 11.35 -39.27
C GLU A 47 -7.22 12.40 -38.85
N PRO A 48 -6.43 12.90 -39.80
CA PRO A 48 -5.40 13.88 -39.44
C PRO A 48 -5.98 15.18 -38.92
N ASN A 49 -5.14 15.91 -38.15
CA ASN A 49 -5.41 17.28 -37.72
C ASN A 49 -6.66 17.37 -36.85
N VAL A 50 -6.71 16.58 -35.79
CA VAL A 50 -7.83 16.54 -34.85
C VAL A 50 -7.35 17.05 -33.51
N ASN A 51 -7.93 18.15 -33.04
CA ASN A 51 -7.59 18.62 -31.69
C ASN A 51 -8.28 17.76 -30.64
N SER A 52 -7.71 17.76 -29.44
CA SER A 52 -8.20 16.85 -28.41
C SER A 52 -9.69 17.04 -28.21
N GLU A 53 -10.42 15.94 -28.13
CA GLU A 53 -11.87 16.00 -28.00
C GLU A 53 -12.37 14.60 -27.71
N SER A 54 -13.59 14.53 -27.20
CA SER A 54 -14.26 13.28 -26.91
C SER A 54 -15.01 12.82 -28.15
N ARG A 55 -14.96 11.52 -28.44
CA ARG A 55 -15.69 10.96 -29.56
C ARG A 55 -16.34 9.67 -29.09
N GLN A 56 -17.37 9.25 -29.81
CA GLN A 56 -18.11 8.06 -29.43
C GLN A 56 -17.67 6.88 -30.30
N TYR A 57 -17.59 5.69 -29.70
CA TYR A 57 -17.27 4.48 -30.43
C TYR A 57 -18.03 3.31 -29.83
N SER A 58 -18.51 2.41 -30.68
CA SER A 58 -19.10 1.16 -30.21
C SER A 58 -18.01 0.11 -30.11
N LEU A 59 -17.68 -0.30 -28.89
CA LEU A 59 -16.73 -1.36 -28.66
C LEU A 59 -17.51 -2.57 -28.14
N PHE A 60 -17.49 -3.66 -28.92
CA PHE A 60 -18.16 -4.91 -28.57
C PHE A 60 -19.63 -4.69 -28.19
N GLY A 61 -20.31 -3.83 -28.95
CA GLY A 61 -21.74 -3.64 -28.71
C GLY A 61 -22.09 -2.69 -27.58
N VAL A 62 -21.11 -2.07 -26.93
CA VAL A 62 -21.35 -1.08 -25.89
C VAL A 62 -20.74 0.24 -26.32
N ASN A 63 -21.49 1.32 -26.17
CA ASN A 63 -20.97 2.62 -26.58
C ASN A 63 -20.05 3.17 -25.50
N LYS A 64 -18.93 3.77 -25.95
CA LYS A 64 -17.90 4.32 -25.08
C LYS A 64 -17.57 5.70 -25.59
N GLN A 65 -17.32 6.62 -24.69
CA GLN A 65 -16.75 7.91 -25.07
C GLN A 65 -15.26 7.82 -24.79
N ILE A 66 -14.45 8.20 -25.77
CA ILE A 66 -13.01 8.09 -25.70
C ILE A 66 -12.42 9.42 -26.15
N THR A 67 -11.52 9.98 -25.34
CA THR A 67 -10.83 11.22 -25.72
C THR A 67 -9.70 10.92 -26.70
N VAL A 68 -9.66 11.64 -27.80
CA VAL A 68 -8.71 11.40 -28.88
C VAL A 68 -8.04 12.72 -29.23
N VAL A 69 -6.82 12.61 -29.77
CA VAL A 69 -6.09 13.74 -30.30
C VAL A 69 -5.24 13.23 -31.45
N ASN A 70 -5.10 14.04 -32.50
CA ASN A 70 -4.15 13.71 -33.55
C ASN A 70 -3.77 14.99 -34.28
N THR A 71 -2.74 15.69 -33.81
CA THR A 71 -2.31 16.88 -34.52
C THR A 71 -1.31 16.56 -35.63
N SER A 72 -1.22 15.30 -36.03
CA SER A 72 -0.37 14.86 -37.12
C SER A 72 -1.05 15.04 -38.48
N ASN A 73 -0.24 15.04 -39.53
CA ASN A 73 -0.79 14.94 -40.88
C ASN A 73 -1.10 13.51 -41.29
N LYS A 74 -0.73 12.53 -40.47
CA LYS A 74 -1.02 11.13 -40.74
C LYS A 74 -2.30 10.72 -40.02
N TRP A 75 -2.79 9.53 -40.37
CA TRP A 75 -3.90 8.96 -39.62
C TRP A 75 -3.37 8.32 -38.33
N LYS A 76 -4.17 8.37 -37.28
CA LYS A 76 -3.77 7.72 -36.04
C LYS A 76 -4.72 6.57 -35.74
N PHE A 77 -4.15 5.40 -35.46
CA PHE A 77 -4.91 4.24 -35.02
C PHE A 77 -4.57 3.97 -33.55
N MET A 78 -5.57 4.10 -32.69
CA MET A 78 -5.41 3.89 -31.26
C MET A 78 -5.79 2.45 -30.97
N GLU A 79 -4.90 1.71 -30.32
CA GLU A 79 -5.18 0.36 -29.86
C GLU A 79 -5.67 0.43 -28.42
N MET A 80 -6.99 0.20 -28.24
CA MET A 80 -7.68 0.14 -26.97
C MET A 80 -7.73 -1.29 -26.48
N PHE A 81 -7.52 -1.49 -25.18
CA PHE A 81 -7.31 -2.82 -24.66
C PHE A 81 -7.89 -2.94 -23.26
N ARG A 82 -8.41 -4.12 -22.96
CA ARG A 82 -8.64 -4.50 -21.57
C ARG A 82 -8.55 -6.01 -21.48
N ASN A 83 -8.23 -6.52 -20.27
CA ASN A 83 -8.11 -7.96 -20.06
C ASN A 83 -9.19 -8.52 -19.13
N ASN A 84 -10.26 -7.77 -18.90
CA ASN A 84 -11.28 -8.13 -17.93
C ASN A 84 -12.60 -7.53 -18.43
N SER A 85 -13.67 -8.33 -18.45
CA SER A 85 -14.94 -7.87 -19.01
C SER A 85 -15.59 -6.74 -18.21
N ASN A 86 -15.17 -6.52 -16.97
CA ASN A 86 -15.73 -5.45 -16.15
C ASN A 86 -14.91 -4.17 -16.21
N ALA A 87 -13.77 -4.15 -16.88
CA ALA A 87 -12.94 -2.96 -16.84
C ALA A 87 -13.29 -2.02 -17.98
N GLU A 88 -12.83 -0.79 -17.86
CA GLU A 88 -12.87 0.15 -18.97
C GLU A 88 -11.67 -0.09 -19.89
N PHE A 89 -11.75 0.42 -21.10
CA PHE A 89 -10.65 0.23 -22.03
C PHE A 89 -9.55 1.25 -21.77
N GLN A 90 -8.32 0.86 -22.05
CA GLN A 90 -7.19 1.76 -21.93
C GLN A 90 -6.54 1.93 -23.29
N HIS A 91 -6.02 3.13 -23.53
CA HIS A 91 -5.29 3.42 -24.75
C HIS A 91 -3.90 2.81 -24.59
N LYS A 92 -3.76 1.59 -25.10
CA LYS A 92 -2.54 0.81 -24.86
C LYS A 92 -1.43 1.24 -25.80
N ARG A 93 -1.74 1.33 -27.10
CA ARG A 93 -0.70 1.63 -28.10
C ARG A 93 -1.22 2.57 -29.17
N THR A 94 -0.29 3.11 -29.95
CA THR A 94 -0.61 4.00 -31.05
C THR A 94 0.17 3.60 -32.31
N LEU A 95 -0.52 3.55 -33.44
CA LEU A 95 0.12 3.45 -34.76
C LEU A 95 -0.21 4.71 -35.56
N THR A 96 0.81 5.44 -35.98
CA THR A 96 0.63 6.68 -36.74
C THR A 96 1.10 6.40 -38.16
N SER A 97 0.18 6.57 -39.13
CA SER A 97 0.33 5.93 -40.43
C SER A 97 -0.11 6.82 -41.59
N SER A 98 0.66 6.80 -42.68
CA SER A 98 0.20 7.41 -43.92
C SER A 98 -0.39 6.40 -44.91
N THR A 99 -0.30 5.11 -44.63
CA THR A 99 -0.82 4.06 -45.47
C THR A 99 -2.20 3.59 -45.06
N LYS A 100 -2.62 3.86 -43.82
CA LYS A 100 -3.93 3.47 -43.32
C LYS A 100 -4.14 1.96 -43.31
N LEU A 101 -3.06 1.18 -43.30
CA LEU A 101 -3.11 -0.28 -43.16
C LEU A 101 -2.87 -0.68 -41.70
N VAL A 102 -3.66 -1.65 -41.21
CA VAL A 102 -3.58 -2.09 -39.81
C VAL A 102 -3.49 -3.62 -39.79
N GLY A 103 -2.74 -4.18 -38.85
CA GLY A 103 -2.56 -5.63 -38.81
C GLY A 103 -2.87 -6.24 -37.45
N ILE A 104 -3.29 -7.50 -37.46
CA ILE A 104 -3.41 -8.27 -36.22
C ILE A 104 -3.04 -9.74 -36.46
N LEU A 105 -2.34 -10.34 -35.50
CA LEU A 105 -1.77 -11.68 -35.66
C LEU A 105 -1.93 -12.50 -34.39
N LYS A 106 -2.35 -13.75 -34.53
CA LYS A 106 -2.32 -14.70 -33.42
C LYS A 106 -1.08 -15.58 -33.58
N HIS A 107 -0.16 -15.55 -32.60
CA HIS A 107 1.06 -16.35 -32.74
C HIS A 107 1.77 -16.50 -31.40
N GLY A 108 2.25 -17.72 -31.15
CA GLY A 108 3.13 -18.00 -30.00
C GLY A 108 2.53 -17.64 -28.67
N GLY A 109 1.23 -17.93 -28.49
CA GLY A 109 0.56 -17.59 -27.26
C GLY A 109 0.26 -16.12 -27.08
N ARG A 110 0.54 -15.28 -28.07
CA ARG A 110 0.37 -13.84 -27.93
C ARG A 110 -0.41 -13.27 -29.12
N LEU A 111 -0.98 -12.09 -28.89
CA LEU A 111 -1.69 -11.33 -29.91
C LEU A 111 -0.83 -10.16 -30.35
N TRP A 112 -0.57 -10.01 -31.64
CA TRP A 112 0.36 -9.02 -32.15
C TRP A 112 -0.35 -7.94 -32.98
N THR A 113 0.13 -6.72 -32.84
CA THR A 113 -0.31 -5.58 -33.63
C THR A 113 0.93 -4.77 -33.97
N TYR A 114 0.75 -3.75 -34.80
CA TYR A 114 1.82 -2.81 -35.13
C TYR A 114 1.65 -1.51 -34.36
N HIS A 115 2.78 -0.89 -34.02
CA HIS A 115 2.76 0.43 -33.42
C HIS A 115 4.00 1.20 -33.86
N GLY A 116 4.04 2.47 -33.47
CA GLY A 116 5.07 3.37 -33.94
C GLY A 116 4.54 4.26 -35.05
N GLU A 117 5.47 4.80 -35.84
CA GLU A 117 5.16 5.72 -36.93
C GLU A 117 5.72 5.18 -38.24
N THR A 118 4.86 5.07 -39.26
CA THR A 118 5.36 4.73 -40.58
C THR A 118 6.40 5.75 -41.01
N PRO A 119 7.48 5.34 -41.69
CA PRO A 119 7.67 3.99 -42.23
C PRO A 119 8.42 3.05 -41.31
N ASN A 120 8.41 3.29 -40.00
CA ASN A 120 9.23 2.55 -39.06
C ASN A 120 8.39 1.86 -37.99
N ALA A 121 7.16 1.48 -38.34
CA ALA A 121 6.29 0.79 -37.40
C ALA A 121 6.76 -0.65 -37.20
N THR A 122 6.63 -1.15 -35.97
CA THR A 122 7.11 -2.47 -35.59
C THR A 122 6.02 -3.19 -34.79
N THR A 123 6.19 -4.51 -34.64
CA THR A 123 5.19 -5.29 -33.95
C THR A 123 5.37 -5.24 -32.43
N ASP A 124 4.27 -5.43 -31.71
CA ASP A 124 4.25 -5.58 -30.26
C ASP A 124 3.08 -6.48 -29.91
N TYR A 125 3.05 -6.94 -28.66
CA TYR A 125 2.15 -8.02 -28.28
C TYR A 125 1.35 -7.69 -27.04
N SER A 126 0.27 -8.47 -26.91
CA SER A 126 -0.50 -8.61 -25.69
C SER A 126 -0.52 -10.09 -25.33
N THR A 127 -0.49 -10.37 -24.05
CA THR A 127 -0.48 -11.75 -23.59
C THR A 127 -1.91 -12.23 -23.35
N THR A 128 -2.07 -13.55 -23.35
CA THR A 128 -3.36 -14.17 -23.08
C THR A 128 -3.10 -15.62 -22.68
N SER A 129 -4.05 -16.18 -21.95
CA SER A 129 -4.05 -17.61 -21.69
C SER A 129 -4.99 -18.37 -22.63
N ASN A 130 -5.67 -17.66 -23.54
CA ASN A 130 -6.73 -18.26 -24.36
C ASN A 130 -6.65 -17.71 -25.79
N LEU A 131 -5.48 -17.87 -26.43
CA LEU A 131 -5.25 -17.30 -27.74
C LEU A 131 -6.22 -17.83 -28.79
N ASN A 132 -6.42 -19.15 -28.82
CA ASN A 132 -7.12 -19.75 -29.95
C ASN A 132 -8.55 -19.27 -30.06
N GLU A 133 -9.18 -18.91 -28.95
N GLU A 133 -9.18 -18.92 -28.93
CA GLU A 133 -10.58 -18.51 -28.95
CA GLU A 133 -10.58 -18.50 -28.89
C GLU A 133 -10.77 -17.03 -29.27
C GLU A 133 -10.77 -17.03 -29.27
N ILE A 134 -9.70 -16.30 -29.58
CA ILE A 134 -9.83 -14.91 -30.00
C ILE A 134 -10.45 -14.89 -31.40
N SER A 135 -11.62 -14.27 -31.51
CA SER A 135 -12.21 -13.99 -32.80
C SER A 135 -12.13 -12.50 -33.06
N VAL A 136 -12.07 -12.17 -34.35
CA VAL A 136 -11.84 -10.82 -34.82
C VAL A 136 -13.01 -10.42 -35.70
N THR A 137 -13.54 -9.23 -35.48
CA THR A 137 -14.46 -8.59 -36.42
C THR A 137 -13.71 -7.46 -37.10
N THR A 138 -13.63 -7.52 -38.42
CA THR A 138 -13.08 -6.42 -39.20
C THR A 138 -14.23 -5.59 -39.76
N TYR A 139 -14.02 -4.28 -39.88
CA TYR A 139 -15.02 -3.37 -40.43
C TYR A 139 -14.60 -2.82 -41.78
N ALA A 140 -13.61 -3.44 -42.42
CA ALA A 140 -13.16 -3.06 -43.75
C ALA A 140 -12.53 -4.29 -44.40
N GLU A 141 -12.32 -4.21 -45.72
CA GLU A 141 -11.75 -5.30 -46.49
C GLU A 141 -10.39 -5.65 -45.88
N PHE A 142 -10.00 -6.94 -45.95
CA PHE A 142 -8.68 -7.33 -45.44
C PHE A 142 -8.04 -8.43 -46.28
N TYR A 143 -6.73 -8.59 -46.09
CA TYR A 143 -5.92 -9.66 -46.66
C TYR A 143 -5.35 -10.52 -45.53
N ILE A 144 -4.85 -11.72 -45.87
CA ILE A 144 -4.16 -12.56 -44.91
C ILE A 144 -2.79 -12.86 -45.46
N ILE A 145 -1.80 -12.83 -44.56
CA ILE A 145 -0.40 -12.97 -44.92
C ILE A 145 0.24 -13.94 -43.94
N PRO A 146 0.80 -15.05 -44.39
CA PRO A 146 1.42 -15.98 -43.43
C PRO A 146 2.50 -15.28 -42.63
N ARG A 147 2.67 -15.72 -41.38
CA ARG A 147 3.73 -15.18 -40.56
C ARG A 147 5.11 -15.36 -41.19
N SER A 148 5.33 -16.42 -41.98
CA SER A 148 6.63 -16.58 -42.64
C SER A 148 6.92 -15.46 -43.63
N GLN A 149 5.93 -14.68 -44.02
CA GLN A 149 6.16 -13.50 -44.85
C GLN A 149 5.86 -12.21 -44.09
N GLU A 150 6.16 -12.21 -42.79
CA GLU A 150 5.89 -11.04 -41.98
C GLU A 150 6.68 -9.83 -42.47
N SER A 151 7.91 -10.05 -42.95
CA SER A 151 8.68 -8.92 -43.48
C SER A 151 7.91 -8.19 -44.58
N LYS A 152 7.12 -8.93 -45.38
CA LYS A 152 6.30 -8.27 -46.40
C LYS A 152 5.13 -7.52 -45.76
N CYS A 153 4.45 -8.15 -44.80
CA CYS A 153 3.40 -7.46 -44.08
C CYS A 153 3.92 -6.15 -43.50
N THR A 154 5.07 -6.21 -42.82
CA THR A 154 5.65 -5.00 -42.25
C THR A 154 5.90 -3.94 -43.31
N GLU A 155 6.39 -4.36 -44.47
CA GLU A 155 6.61 -3.43 -45.56
C GLU A 155 5.30 -2.77 -45.97
N TYR A 156 4.23 -3.58 -46.13
CA TYR A 156 2.93 -3.02 -46.47
C TYR A 156 2.46 -2.06 -45.40
N ILE A 157 2.69 -2.40 -44.14
CA ILE A 157 2.23 -1.52 -43.08
C ILE A 157 2.89 -0.17 -43.22
N ASN A 158 4.17 -0.17 -43.60
CA ASN A 158 5.00 1.00 -43.52
C ASN A 158 5.04 1.80 -44.82
N THR A 159 4.80 1.17 -45.99
CA THR A 159 4.87 1.88 -47.26
C THR A 159 3.71 1.59 -48.21
N GLY A 160 2.75 0.75 -47.83
CA GLY A 160 1.52 0.61 -48.57
C GLY A 160 1.54 -0.59 -49.51
N LEU A 161 0.36 -0.85 -50.09
CA LEU A 161 0.23 -1.89 -51.10
C LEU A 161 0.69 -1.35 -52.46
N MET B 1 19.74 -47.21 -25.14
CA MET B 1 19.95 -45.79 -24.90
C MET B 1 21.28 -45.33 -25.49
N VAL B 2 21.31 -44.07 -25.91
CA VAL B 2 22.53 -43.39 -26.30
C VAL B 2 22.65 -42.13 -25.45
N LEU B 3 23.70 -42.04 -24.65
CA LEU B 3 23.86 -41.01 -23.64
C LEU B 3 25.22 -40.34 -23.80
N ASP B 4 25.20 -39.03 -23.98
CA ASP B 4 26.40 -38.22 -24.21
C ASP B 4 27.01 -37.84 -22.87
N GLY B 5 28.19 -38.38 -22.59
CA GLY B 5 28.85 -38.20 -21.31
C GLY B 5 29.46 -39.51 -20.84
N PRO B 6 29.95 -39.56 -19.59
CA PRO B 6 29.85 -38.50 -18.59
C PRO B 6 30.94 -37.46 -18.70
N TYR B 7 30.62 -36.24 -18.33
CA TYR B 7 31.59 -35.16 -18.18
C TYR B 7 31.88 -34.96 -16.69
N GLN B 8 33.13 -34.57 -16.39
CA GLN B 8 33.51 -34.32 -15.00
C GLN B 8 32.96 -32.98 -14.51
N PRO B 9 32.76 -32.83 -13.20
CA PRO B 9 32.32 -31.54 -12.64
C PRO B 9 33.15 -30.36 -13.15
N VAL B 10 32.48 -29.33 -13.63
CA VAL B 10 33.15 -28.20 -14.27
C VAL B 10 32.19 -27.02 -14.26
N ALA B 11 32.74 -25.82 -14.43
CA ALA B 11 31.97 -24.61 -14.67
C ALA B 11 32.03 -24.30 -16.15
N PHE B 12 30.87 -24.14 -16.76
CA PHE B 12 30.83 -23.86 -18.20
C PHE B 12 29.53 -23.16 -18.52
N LYS B 13 29.49 -22.60 -19.72
CA LYS B 13 28.31 -21.99 -20.29
C LYS B 13 27.63 -23.06 -21.13
N PRO B 14 26.53 -23.65 -20.67
CA PRO B 14 25.87 -24.71 -21.47
C PRO B 14 25.25 -24.15 -22.74
N PRO B 15 25.33 -24.89 -23.84
CA PRO B 15 24.60 -24.52 -25.04
C PRO B 15 23.09 -24.62 -24.83
N ASN B 16 22.37 -23.71 -25.48
CA ASN B 16 20.91 -23.79 -25.46
CA ASN B 16 20.91 -23.76 -25.56
C ASN B 16 20.44 -25.14 -26.01
N ASP B 17 19.29 -25.58 -25.51
CA ASP B 17 18.64 -26.81 -25.97
C ASP B 17 19.43 -28.09 -25.67
N TYR B 18 20.21 -28.10 -24.60
CA TYR B 18 20.72 -29.35 -24.05
C TYR B 18 20.39 -29.41 -22.57
N TRP B 19 19.67 -30.47 -22.17
CA TRP B 19 19.58 -30.83 -20.77
C TRP B 19 20.94 -31.25 -20.23
N ILE B 20 21.32 -30.67 -19.10
CA ILE B 20 22.46 -31.09 -18.31
C ILE B 20 21.88 -31.96 -17.21
N LEU B 21 22.15 -33.25 -17.25
CA LEU B 21 21.59 -34.23 -16.34
C LEU B 21 22.70 -34.65 -15.39
N VAL B 22 22.57 -34.29 -14.11
CA VAL B 22 23.61 -34.45 -13.11
C VAL B 22 23.30 -35.67 -12.26
N ASN B 23 24.26 -36.60 -12.20
CA ASN B 23 24.16 -37.81 -11.39
C ASN B 23 24.71 -37.49 -10.01
N SER B 24 23.85 -37.02 -9.12
CA SER B 24 24.35 -36.60 -7.82
C SER B 24 24.47 -37.79 -6.88
N ASN B 25 25.46 -37.75 -6.00
CA ASN B 25 25.61 -38.79 -5.00
C ASN B 25 25.47 -38.25 -3.58
N SER B 26 26.30 -37.30 -3.19
CA SER B 26 26.30 -36.80 -1.83
C SER B 26 25.27 -35.68 -1.65
N ASN B 27 24.99 -35.37 -0.40
CA ASN B 27 24.16 -34.20 -0.12
C ASN B 27 25.03 -32.94 -0.28
N GLY B 28 24.39 -31.79 -0.15
CA GLY B 28 25.05 -30.54 -0.44
C GLY B 28 24.62 -29.94 -1.77
N VAL B 29 25.42 -29.01 -2.26
CA VAL B 29 25.12 -28.34 -3.53
C VAL B 29 25.45 -29.26 -4.69
N VAL B 30 24.45 -29.54 -5.53
CA VAL B 30 24.57 -30.39 -6.71
C VAL B 30 25.00 -29.59 -7.93
N LEU B 31 24.53 -28.36 -8.03
CA LEU B 31 24.77 -27.52 -9.21
C LEU B 31 24.34 -26.11 -8.89
N GLU B 32 24.98 -25.15 -9.53
CA GLU B 32 24.56 -23.77 -9.38
C GLU B 32 24.76 -23.06 -10.69
N GLY B 33 23.94 -22.05 -10.95
CA GLY B 33 24.05 -21.35 -12.21
C GLY B 33 23.72 -19.88 -12.07
N THR B 34 24.47 -19.04 -12.79
CA THR B 34 24.15 -17.61 -12.74
C THR B 34 24.64 -16.93 -14.01
N ASN B 35 23.98 -15.82 -14.36
CA ASN B 35 24.47 -14.90 -15.39
C ASN B 35 24.99 -13.62 -14.77
N ASN B 36 25.03 -13.54 -13.45
CA ASN B 36 25.44 -12.35 -12.69
C ASN B 36 24.56 -11.14 -12.94
N THR B 37 23.38 -11.31 -13.55
CA THR B 37 22.47 -10.17 -13.75
C THR B 37 21.09 -10.41 -13.17
N ASP B 38 20.38 -11.48 -13.57
CA ASP B 38 19.03 -11.66 -13.03
C ASP B 38 18.69 -13.10 -12.67
N VAL B 39 19.64 -14.03 -12.70
CA VAL B 39 19.39 -15.40 -12.28
C VAL B 39 20.54 -15.89 -11.42
N TRP B 40 20.21 -16.41 -10.24
CA TRP B 40 21.10 -17.22 -9.42
C TRP B 40 20.27 -18.41 -8.99
N VAL B 41 20.70 -19.62 -9.34
CA VAL B 41 19.96 -20.84 -8.98
C VAL B 41 20.95 -21.85 -8.42
N ALA B 42 20.57 -22.52 -7.33
CA ALA B 42 21.38 -23.58 -6.76
C ALA B 42 20.46 -24.71 -6.37
N ILE B 43 20.85 -25.93 -6.69
CA ILE B 43 20.07 -27.09 -6.30
C ILE B 43 20.85 -27.78 -5.20
N ILE B 44 20.22 -27.95 -4.05
CA ILE B 44 20.88 -28.54 -2.90
C ILE B 44 20.18 -29.84 -2.54
N SER B 45 20.97 -30.81 -2.10
CA SER B 45 20.52 -32.18 -1.88
C SER B 45 20.44 -32.46 -0.38
N ILE B 46 19.35 -33.10 0.03
CA ILE B 46 19.12 -33.51 1.41
C ILE B 46 18.78 -34.98 1.40
N GLU B 47 19.42 -35.76 2.29
CA GLU B 47 19.20 -37.20 2.36
C GLU B 47 17.86 -37.54 3.02
N PRO B 48 17.36 -38.76 2.84
CA PRO B 48 16.05 -39.12 3.44
C PRO B 48 16.04 -38.99 4.95
N ASN B 49 14.83 -38.73 5.47
CA ASN B 49 14.52 -38.85 6.91
C ASN B 49 15.30 -37.82 7.73
N VAL B 50 15.19 -36.56 7.33
CA VAL B 50 15.82 -35.44 8.01
C VAL B 50 14.71 -34.59 8.63
N ASN B 51 14.81 -34.36 9.94
CA ASN B 51 13.91 -33.42 10.61
C ASN B 51 14.40 -31.99 10.38
N SER B 52 13.46 -31.04 10.47
CA SER B 52 13.77 -29.66 10.12
C SER B 52 14.94 -29.13 10.94
N GLU B 53 15.91 -28.51 10.27
CA GLU B 53 17.13 -28.06 10.92
C GLU B 53 17.85 -27.11 9.98
N SER B 54 18.69 -26.27 10.54
CA SER B 54 19.53 -25.38 9.75
C SER B 54 20.80 -26.12 9.31
N ARG B 55 21.17 -25.97 8.04
CA ARG B 55 22.42 -26.53 7.51
C ARG B 55 23.14 -25.44 6.74
N GLN B 56 24.47 -25.53 6.66
CA GLN B 56 25.18 -24.53 5.89
C GLN B 56 25.52 -25.10 4.52
N TYR B 57 25.47 -24.21 3.53
CA TYR B 57 25.73 -24.55 2.14
C TYR B 57 26.51 -23.41 1.52
N SER B 58 27.40 -23.73 0.60
CA SER B 58 28.12 -22.75 -0.20
C SER B 58 27.30 -22.42 -1.44
N LEU B 59 26.80 -21.19 -1.53
CA LEU B 59 26.07 -20.72 -2.70
C LEU B 59 26.92 -19.64 -3.34
N PHE B 60 27.45 -19.93 -4.53
CA PHE B 60 28.33 -19.03 -5.25
C PHE B 60 29.44 -18.52 -4.33
N GLY B 61 30.08 -19.46 -3.64
CA GLY B 61 31.16 -19.18 -2.73
C GLY B 61 30.74 -18.86 -1.30
N VAL B 62 29.56 -18.27 -1.12
CA VAL B 62 29.17 -17.70 0.17
C VAL B 62 28.52 -18.78 1.02
N ASN B 63 29.08 -19.01 2.20
CA ASN B 63 28.47 -19.92 3.16
C ASN B 63 27.18 -19.28 3.67
N LYS B 64 26.09 -20.04 3.63
CA LYS B 64 24.77 -19.56 4.01
C LYS B 64 24.10 -20.64 4.85
N GLN B 65 23.25 -20.20 5.77
CA GLN B 65 22.44 -21.12 6.56
C GLN B 65 21.05 -21.21 5.92
N ILE B 66 20.59 -22.44 5.71
CA ILE B 66 19.29 -22.69 5.10
C ILE B 66 18.59 -23.74 5.94
N THR B 67 17.31 -23.48 6.25
CA THR B 67 16.50 -24.45 6.98
C THR B 67 15.98 -25.49 6.00
N VAL B 68 16.20 -26.76 6.34
CA VAL B 68 15.85 -27.86 5.44
C VAL B 68 15.05 -28.87 6.26
N VAL B 69 14.24 -29.64 5.54
CA VAL B 69 13.46 -30.71 6.14
C VAL B 69 13.20 -31.70 5.04
N ASN B 70 13.27 -32.99 5.37
CA ASN B 70 12.91 -34.03 4.41
C ASN B 70 12.46 -35.28 5.19
N THR B 71 11.18 -35.35 5.52
CA THR B 71 10.76 -36.54 6.25
C THR B 71 10.47 -37.73 5.30
N SER B 72 10.78 -37.59 4.02
CA SER B 72 10.55 -38.63 3.03
C SER B 72 11.61 -39.72 3.10
N ASN B 73 11.30 -40.87 2.50
CA ASN B 73 12.30 -41.90 2.24
C ASN B 73 13.12 -41.59 0.99
N LYS B 74 12.70 -40.62 0.19
CA LYS B 74 13.42 -40.22 -1.00
C LYS B 74 14.39 -39.10 -0.66
N TRP B 75 15.29 -38.82 -1.61
CA TRP B 75 16.17 -37.66 -1.49
C TRP B 75 15.44 -36.40 -1.93
N LYS B 76 15.78 -35.28 -1.30
CA LYS B 76 15.10 -34.02 -1.60
C LYS B 76 16.08 -33.04 -2.20
N PHE B 77 15.73 -32.51 -3.37
CA PHE B 77 16.51 -31.50 -4.08
C PHE B 77 15.73 -30.20 -4.04
N MET B 78 16.27 -29.22 -3.30
CA MET B 78 15.67 -27.91 -3.13
C MET B 78 16.28 -26.97 -4.15
N GLU B 79 15.43 -26.31 -4.93
CA GLU B 79 15.86 -25.32 -5.89
C GLU B 79 15.81 -23.96 -5.18
N MET B 80 16.98 -23.42 -4.87
CA MET B 80 17.12 -22.09 -4.29
C MET B 80 17.30 -21.09 -5.42
N PHE B 81 16.65 -19.94 -5.29
CA PHE B 81 16.60 -19.00 -6.42
C PHE B 81 16.64 -17.57 -5.93
N ARG B 82 17.26 -16.70 -6.72
CA ARG B 82 17.08 -15.27 -6.55
C ARG B 82 17.32 -14.62 -7.90
N ASN B 83 16.75 -13.44 -8.07
CA ASN B 83 16.91 -12.69 -9.31
C ASN B 83 17.63 -11.37 -9.12
N ASN B 84 18.24 -11.14 -7.96
CA ASN B 84 18.92 -9.89 -7.65
C ASN B 84 20.16 -10.20 -6.84
N SER B 85 21.29 -9.56 -7.18
CA SER B 85 22.57 -9.88 -6.51
C SER B 85 22.55 -9.54 -5.02
N ASN B 86 21.67 -8.64 -4.59
CA ASN B 86 21.60 -8.23 -3.20
C ASN B 86 20.55 -8.99 -2.38
N ALA B 87 19.71 -9.81 -3.01
CA ALA B 87 18.63 -10.46 -2.28
C ALA B 87 19.12 -11.73 -1.61
N GLU B 88 18.35 -12.20 -0.65
CA GLU B 88 18.54 -13.54 -0.10
C GLU B 88 17.90 -14.58 -1.03
N PHE B 89 18.41 -15.81 -0.95
CA PHE B 89 17.85 -16.91 -1.73
C PHE B 89 16.52 -17.36 -1.16
N GLN B 90 15.60 -17.75 -2.05
CA GLN B 90 14.33 -18.33 -1.64
C GLN B 90 14.23 -19.76 -2.14
N HIS B 91 13.60 -20.61 -1.33
CA HIS B 91 13.28 -21.98 -1.71
C HIS B 91 12.12 -21.93 -2.70
N LYS B 92 12.44 -22.03 -3.98
CA LYS B 92 11.44 -21.81 -5.04
C LYS B 92 10.64 -23.07 -5.39
N ARG B 93 11.31 -24.22 -5.46
CA ARG B 93 10.71 -25.48 -5.91
C ARG B 93 11.44 -26.65 -5.27
N THR B 94 10.81 -27.83 -5.35
CA THR B 94 11.33 -29.06 -4.79
C THR B 94 11.20 -30.21 -5.78
N LEU B 95 12.26 -31.01 -5.90
CA LEU B 95 12.25 -32.29 -6.59
C LEU B 95 12.49 -33.38 -5.54
N THR B 96 11.54 -34.31 -5.41
CA THR B 96 11.68 -35.42 -4.47
C THR B 96 11.91 -36.68 -5.29
N SER B 97 13.05 -37.33 -5.08
CA SER B 97 13.55 -38.27 -6.06
C SER B 97 14.12 -39.52 -5.42
N SER B 98 13.81 -40.67 -5.99
CA SER B 98 14.52 -41.90 -5.65
C SER B 98 15.69 -42.18 -6.57
N THR B 99 15.80 -41.47 -7.70
CA THR B 99 16.88 -41.68 -8.65
C THR B 99 18.07 -40.80 -8.41
N LYS B 100 17.89 -39.66 -7.74
CA LYS B 100 18.97 -38.72 -7.47
C LYS B 100 19.54 -38.07 -8.73
N LEU B 101 18.79 -38.11 -9.83
CA LEU B 101 19.19 -37.41 -11.06
C LEU B 101 18.53 -36.03 -11.09
N VAL B 102 19.30 -35.02 -11.53
CA VAL B 102 18.85 -33.63 -11.49
C VAL B 102 19.16 -32.94 -12.82
N GLY B 103 18.22 -32.16 -13.34
CA GLY B 103 18.34 -31.60 -14.67
C GLY B 103 18.28 -30.08 -14.71
N ILE B 104 19.01 -29.50 -15.66
CA ILE B 104 18.89 -28.06 -15.93
C ILE B 104 19.04 -27.81 -17.43
N LEU B 105 18.27 -26.85 -17.96
CA LEU B 105 18.19 -26.63 -19.40
C LEU B 105 18.01 -25.15 -19.72
N LYS B 106 18.73 -24.65 -20.73
CA LYS B 106 18.48 -23.31 -21.24
C LYS B 106 17.69 -23.44 -22.54
N HIS B 107 16.49 -22.85 -22.57
CA HIS B 107 15.69 -22.99 -23.79
C HIS B 107 14.60 -21.92 -23.87
N GLY B 108 14.45 -21.36 -25.07
CA GLY B 108 13.37 -20.43 -25.41
C GLY B 108 13.27 -19.29 -24.42
N GLY B 109 14.41 -18.68 -24.12
CA GLY B 109 14.46 -17.56 -23.20
C GLY B 109 14.23 -17.88 -21.75
N ARG B 110 14.16 -19.16 -21.37
CA ARG B 110 13.87 -19.54 -19.99
C ARG B 110 14.87 -20.59 -19.50
N LEU B 111 14.98 -20.71 -18.19
CA LEU B 111 15.80 -21.73 -17.56
C LEU B 111 14.88 -22.78 -16.95
N TRP B 112 15.13 -24.06 -17.25
CA TRP B 112 14.20 -25.13 -16.89
C TRP B 112 14.85 -26.12 -15.93
N THR B 113 14.04 -26.57 -14.97
CA THR B 113 14.44 -27.61 -14.03
C THR B 113 13.27 -28.57 -13.86
N TYR B 114 13.50 -29.68 -13.17
CA TYR B 114 12.44 -30.62 -12.83
C TYR B 114 11.98 -30.40 -11.39
N HIS B 115 10.69 -30.66 -11.15
CA HIS B 115 10.15 -30.59 -9.81
C HIS B 115 8.99 -31.58 -9.68
N GLY B 116 8.51 -31.75 -8.46
CA GLY B 116 7.55 -32.79 -8.16
C GLY B 116 8.19 -33.98 -7.47
N GLU B 117 7.51 -35.13 -7.55
CA GLU B 117 7.95 -36.39 -6.96
C GLU B 117 8.08 -37.44 -8.04
N THR B 118 9.25 -38.10 -8.10
CA THR B 118 9.40 -39.22 -9.02
C THR B 118 8.43 -40.33 -8.61
N PRO B 119 7.91 -41.10 -9.57
CA PRO B 119 8.25 -41.07 -11.00
C PRO B 119 7.43 -40.10 -11.82
N ASN B 120 6.90 -39.03 -11.21
CA ASN B 120 6.00 -38.11 -11.91
C ASN B 120 6.53 -36.67 -11.94
N ALA B 121 7.84 -36.49 -11.91
CA ALA B 121 8.42 -35.15 -11.94
C ALA B 121 8.27 -34.54 -13.34
N THR B 122 8.09 -33.21 -13.38
CA THR B 122 7.84 -32.49 -14.63
C THR B 122 8.71 -31.23 -14.68
N THR B 123 8.82 -30.64 -15.86
CA THR B 123 9.65 -29.44 -16.01
C THR B 123 8.91 -28.18 -15.57
N ASP B 124 9.66 -27.19 -15.10
CA ASP B 124 9.14 -25.86 -14.81
C ASP B 124 10.27 -24.87 -15.02
N TYR B 125 9.93 -23.57 -15.04
CA TYR B 125 10.86 -22.58 -15.58
C TYR B 125 11.04 -21.38 -14.66
N SER B 126 12.17 -20.69 -14.88
CA SER B 126 12.43 -19.34 -14.40
C SER B 126 12.67 -18.44 -15.61
N THR B 127 12.23 -17.19 -15.52
CA THR B 127 12.44 -16.22 -16.58
C THR B 127 13.74 -15.46 -16.38
N THR B 128 14.22 -14.86 -17.46
CA THR B 128 15.46 -14.12 -17.49
C THR B 128 15.49 -13.28 -18.75
N SER B 129 16.15 -12.12 -18.66
CA SER B 129 16.39 -11.34 -19.86
C SER B 129 17.76 -11.65 -20.47
N ASN B 130 18.51 -12.56 -19.86
CA ASN B 130 19.92 -12.77 -20.16
C ASN B 130 20.26 -14.25 -20.13
N LEU B 131 19.52 -15.05 -20.90
CA LEU B 131 19.64 -16.51 -20.80
C LEU B 131 21.01 -17.00 -21.23
N ASN B 132 21.55 -16.47 -22.32
CA ASN B 132 22.72 -17.09 -22.92
C ASN B 132 23.93 -17.01 -22.00
N GLU B 133 24.03 -15.97 -21.18
CA GLU B 133 25.16 -15.76 -20.29
C GLU B 133 25.06 -16.55 -18.99
N ILE B 134 24.04 -17.41 -18.83
CA ILE B 134 23.99 -18.28 -17.67
C ILE B 134 25.06 -19.34 -17.80
N SER B 135 25.98 -19.38 -16.83
CA SER B 135 26.92 -20.47 -16.74
C SER B 135 26.53 -21.35 -15.55
N VAL B 136 26.92 -22.61 -15.64
CA VAL B 136 26.52 -23.65 -14.70
C VAL B 136 27.77 -24.32 -14.17
N THR B 137 27.89 -24.41 -12.86
CA THR B 137 28.90 -25.24 -12.21
C THR B 137 28.20 -26.48 -11.69
N THR B 138 28.63 -27.64 -12.15
CA THR B 138 28.16 -28.90 -11.60
C THR B 138 29.17 -29.40 -10.57
N TYR B 139 28.68 -30.16 -9.57
CA TYR B 139 29.54 -30.74 -8.55
C TYR B 139 29.52 -32.27 -8.58
N ALA B 140 29.00 -32.88 -9.64
CA ALA B 140 29.03 -34.32 -9.84
C ALA B 140 29.07 -34.58 -11.33
N GLU B 141 29.38 -35.83 -11.72
CA GLU B 141 29.44 -36.21 -13.13
C GLU B 141 28.07 -35.89 -13.75
N PHE B 142 28.05 -35.49 -15.03
CA PHE B 142 26.80 -35.20 -15.72
C PHE B 142 26.85 -35.69 -17.17
N TYR B 143 25.68 -35.81 -17.76
CA TYR B 143 25.48 -36.11 -19.18
C TYR B 143 24.73 -34.96 -19.84
N ILE B 144 24.73 -34.94 -21.17
CA ILE B 144 23.96 -33.93 -21.88
C ILE B 144 23.02 -34.61 -22.87
N ILE B 145 21.79 -34.07 -22.96
CA ILE B 145 20.73 -34.67 -23.74
C ILE B 145 20.06 -33.58 -24.58
N PRO B 146 20.01 -33.70 -25.91
CA PRO B 146 19.33 -32.68 -26.71
C PRO B 146 17.88 -32.50 -26.27
N ARG B 147 17.41 -31.26 -26.34
CA ARG B 147 16.00 -31.00 -26.02
C ARG B 147 15.05 -31.86 -26.86
N SER B 148 15.43 -32.21 -28.11
CA SER B 148 14.58 -33.10 -28.91
C SER B 148 14.44 -34.51 -28.32
N GLN B 149 15.26 -34.88 -27.34
CA GLN B 149 15.03 -36.12 -26.61
C GLN B 149 14.66 -35.85 -25.15
N GLU B 150 13.98 -34.74 -24.89
CA GLU B 150 13.58 -34.43 -23.52
C GLU B 150 12.75 -35.55 -22.90
N SER B 151 11.90 -36.23 -23.68
CA SER B 151 11.10 -37.30 -23.11
C SER B 151 11.97 -38.41 -22.52
N LYS B 152 13.15 -38.64 -23.10
CA LYS B 152 14.08 -39.58 -22.49
C LYS B 152 14.65 -39.01 -21.19
N CYS B 153 15.08 -37.75 -21.22
CA CYS B 153 15.59 -37.11 -20.01
C CYS B 153 14.56 -37.21 -18.88
N THR B 154 13.30 -36.88 -19.18
CA THR B 154 12.24 -37.02 -18.17
C THR B 154 12.17 -38.45 -17.65
N GLU B 155 12.22 -39.44 -18.54
CA GLU B 155 12.25 -40.83 -18.11
C GLU B 155 13.41 -41.05 -17.13
N TYR B 156 14.60 -40.52 -17.47
CA TYR B 156 15.76 -40.73 -16.60
C TYR B 156 15.56 -40.04 -15.27
N ILE B 157 14.96 -38.84 -15.29
CA ILE B 157 14.72 -38.12 -14.04
C ILE B 157 13.87 -38.99 -13.13
N ASN B 158 12.92 -39.71 -13.72
CA ASN B 158 11.82 -40.31 -12.98
C ASN B 158 12.02 -41.78 -12.65
N THR B 159 12.75 -42.54 -13.51
CA THR B 159 12.95 -43.96 -13.29
C THR B 159 14.41 -44.38 -13.39
N GLY B 160 15.35 -43.44 -13.56
CA GLY B 160 16.75 -43.74 -13.40
C GLY B 160 17.46 -44.10 -14.71
N LEU B 161 18.76 -44.31 -14.59
CA LEU B 161 19.55 -44.77 -15.72
C LEU B 161 19.54 -46.29 -15.75
N VAL C 2 3.86 22.65 -5.45
CA VAL C 2 5.26 23.02 -5.32
C VAL C 2 6.16 22.03 -6.04
N LEU C 3 7.05 22.58 -6.88
CA LEU C 3 7.96 21.82 -7.71
C LEU C 3 9.39 22.06 -7.23
N ASP C 4 10.13 20.99 -6.95
CA ASP C 4 11.52 21.12 -6.47
C ASP C 4 12.46 21.25 -7.67
N GLY C 5 13.09 22.40 -7.82
CA GLY C 5 14.03 22.60 -8.91
C GLY C 5 13.89 23.96 -9.55
N PRO C 6 14.56 24.18 -10.70
CA PRO C 6 15.28 23.21 -11.53
C PRO C 6 16.68 22.85 -11.07
N TYR C 7 17.06 21.60 -11.31
CA TYR C 7 18.40 21.10 -11.08
C TYR C 7 19.15 21.03 -12.41
N GLN C 8 20.46 21.18 -12.36
CA GLN C 8 21.28 21.11 -13.57
C GLN C 8 21.50 19.66 -14.00
N PRO C 9 21.73 19.41 -15.29
CA PRO C 9 21.98 18.04 -15.74
C PRO C 9 23.07 17.38 -14.90
N VAL C 10 22.82 16.14 -14.50
CA VAL C 10 23.76 15.42 -13.64
C VAL C 10 23.44 13.93 -13.73
N ALA C 11 24.43 13.10 -13.45
CA ALA C 11 24.20 11.68 -13.24
C ALA C 11 23.92 11.46 -11.76
N PHE C 12 22.83 10.75 -11.46
CA PHE C 12 22.56 10.40 -10.07
C PHE C 12 21.68 9.17 -10.05
N LYS C 13 21.53 8.59 -8.85
CA LYS C 13 20.66 7.46 -8.62
C LYS C 13 19.37 7.94 -7.96
N PRO C 14 18.28 8.12 -8.70
CA PRO C 14 17.05 8.68 -8.11
C PRO C 14 16.50 7.78 -7.03
N PRO C 15 15.92 8.36 -5.96
CA PRO C 15 15.27 7.53 -4.94
C PRO C 15 13.94 7.04 -5.47
N ASN C 16 13.48 5.91 -4.92
CA ASN C 16 12.19 5.39 -5.32
C ASN C 16 11.10 6.41 -4.98
N ASP C 17 10.02 6.37 -5.77
CA ASP C 17 8.82 7.16 -5.54
C ASP C 17 9.03 8.66 -5.76
N TYR C 18 9.95 9.07 -6.62
CA TYR C 18 10.05 10.45 -7.05
C TYR C 18 10.13 10.51 -8.56
N TRP C 19 9.20 11.23 -9.18
CA TRP C 19 9.27 11.56 -10.60
C TRP C 19 10.42 12.53 -10.83
N ILE C 20 11.27 12.20 -11.79
CA ILE C 20 12.23 13.12 -12.39
C ILE C 20 11.57 13.67 -13.65
N LEU C 21 11.36 14.98 -13.66
CA LEU C 21 10.60 15.68 -14.70
C LEU C 21 11.58 16.57 -15.45
N VAL C 22 11.97 16.16 -16.65
CA VAL C 22 13.03 16.82 -17.40
C VAL C 22 12.40 17.79 -18.39
N ASN C 23 12.92 19.02 -18.40
CA ASN C 23 12.47 20.06 -19.32
C ASN C 23 13.42 20.13 -20.50
N SER C 24 13.17 19.29 -21.50
CA SER C 24 14.12 19.18 -22.60
C SER C 24 14.08 20.43 -23.47
N ASN C 25 15.22 20.78 -24.04
CA ASN C 25 15.25 21.90 -24.98
C ASN C 25 15.64 21.46 -26.38
N SER C 26 16.83 20.91 -26.57
CA SER C 26 17.26 20.54 -27.90
C SER C 26 16.85 19.10 -28.23
N ASN C 27 17.01 18.74 -29.49
CA ASN C 27 16.87 17.35 -29.88
C ASN C 27 18.05 16.55 -29.32
N GLY C 28 18.02 15.24 -29.53
CA GLY C 28 19.07 14.39 -29.03
C GLY C 28 18.64 13.65 -27.79
N VAL C 29 19.63 13.14 -27.06
CA VAL C 29 19.37 12.34 -25.88
C VAL C 29 18.92 13.26 -24.76
N VAL C 30 17.68 13.08 -24.29
CA VAL C 30 17.18 13.82 -23.14
C VAL C 30 17.69 13.19 -21.85
N LEU C 31 17.65 11.87 -21.76
CA LEU C 31 17.99 11.17 -20.52
C LEU C 31 18.34 9.74 -20.85
N GLU C 32 19.10 9.11 -19.95
CA GLU C 32 19.40 7.71 -20.10
C GLU C 32 19.59 7.10 -18.73
N GLY C 33 19.17 5.86 -18.56
CA GLY C 33 19.24 5.21 -17.26
C GLY C 33 19.56 3.74 -17.41
N THR C 34 20.28 3.22 -16.42
CA THR C 34 20.63 1.80 -16.44
C THR C 34 21.00 1.33 -15.04
N ASN C 35 20.74 0.04 -14.81
CA ASN C 35 21.23 -0.67 -13.64
C ASN C 35 22.32 -1.65 -13.99
N ASN C 36 22.76 -1.66 -15.25
CA ASN C 36 23.78 -2.54 -15.80
C ASN C 36 23.43 -4.02 -15.70
N THR C 37 22.18 -4.39 -15.41
CA THR C 37 21.82 -5.80 -15.41
C THR C 37 20.68 -6.15 -16.36
N ASP C 38 19.53 -5.46 -16.26
CA ASP C 38 18.40 -5.83 -17.10
C ASP C 38 17.61 -4.62 -17.61
N VAL C 39 18.10 -3.40 -17.44
CA VAL C 39 17.44 -2.20 -17.94
C VAL C 39 18.48 -1.26 -18.53
N TRP C 40 18.29 -0.89 -19.79
CA TRP C 40 18.93 0.27 -20.40
C TRP C 40 17.83 1.04 -21.08
N VAL C 41 17.63 2.29 -20.69
CA VAL C 41 16.60 3.13 -21.30
C VAL C 41 17.22 4.46 -21.70
N ALA C 42 16.79 4.97 -22.85
CA ALA C 42 17.18 6.31 -23.30
C ALA C 42 16.02 6.96 -24.03
N ILE C 43 15.71 8.20 -23.67
CA ILE C 43 14.65 8.96 -24.33
C ILE C 43 15.31 9.96 -25.26
N ILE C 44 14.95 9.92 -26.53
CA ILE C 44 15.61 10.69 -27.58
C ILE C 44 14.59 11.67 -28.15
N SER C 45 14.99 12.93 -28.33
CA SER C 45 14.09 13.98 -28.79
C SER C 45 14.26 14.24 -30.28
N ILE C 46 13.14 14.20 -31.01
CA ILE C 46 13.08 14.54 -32.43
C ILE C 46 12.25 15.82 -32.57
N GLU C 47 12.85 16.85 -33.18
CA GLU C 47 12.16 18.10 -33.48
C GLU C 47 11.05 17.88 -34.50
N PRO C 48 10.10 18.81 -34.61
CA PRO C 48 8.95 18.62 -35.49
C PRO C 48 9.33 18.58 -36.96
N ASN C 49 8.46 17.92 -37.74
CA ASN C 49 8.49 17.97 -39.21
C ASN C 49 9.77 17.33 -39.77
N VAL C 50 10.03 16.10 -39.35
CA VAL C 50 11.23 15.34 -39.73
C VAL C 50 10.79 14.12 -40.52
N ASN C 51 11.23 14.03 -41.78
CA ASN C 51 11.01 12.84 -42.59
C ASN C 51 11.99 11.74 -42.18
N SER C 52 11.63 10.50 -42.48
CA SER C 52 12.37 9.36 -41.96
C SER C 52 13.84 9.42 -42.35
N GLU C 53 14.73 9.20 -41.39
CA GLU C 53 16.16 9.23 -41.67
C GLU C 53 16.93 8.57 -40.54
N SER C 54 18.17 8.25 -40.82
CA SER C 54 19.07 7.71 -39.81
C SER C 54 19.78 8.87 -39.11
N ARG C 55 19.87 8.79 -37.78
CA ARG C 55 20.62 9.75 -36.99
C ARG C 55 21.54 8.98 -36.06
N GLN C 56 22.58 9.66 -35.59
CA GLN C 56 23.56 9.03 -34.72
C GLN C 56 23.44 9.60 -33.32
N TYR C 57 23.41 8.71 -32.33
CA TYR C 57 23.33 9.09 -30.93
C TYR C 57 24.36 8.32 -30.13
N SER C 58 24.86 8.93 -29.07
CA SER C 58 25.76 8.26 -28.16
C SER C 58 24.94 7.78 -26.96
N LEU C 59 24.74 6.46 -26.89
CA LEU C 59 23.97 5.84 -25.82
C LEU C 59 24.93 5.06 -24.93
N PHE C 60 25.06 5.51 -23.67
CA PHE C 60 25.94 4.88 -22.70
C PHE C 60 27.36 4.77 -23.25
N GLY C 61 27.78 5.81 -23.96
CA GLY C 61 29.12 5.91 -24.50
C GLY C 61 29.38 5.15 -25.77
N VAL C 62 28.36 4.57 -26.41
CA VAL C 62 28.54 3.85 -27.66
C VAL C 62 27.75 4.57 -28.75
N ASN C 63 28.32 4.68 -29.95
CA ASN C 63 27.60 5.31 -31.05
C ASN C 63 26.60 4.33 -31.64
N LYS C 64 25.34 4.77 -31.75
CA LYS C 64 24.28 3.97 -32.32
C LYS C 64 23.63 4.76 -33.44
N GLN C 65 23.36 4.07 -34.54
CA GLN C 65 22.54 4.61 -35.62
C GLN C 65 21.10 4.21 -35.33
N ILE C 66 20.19 5.17 -35.44
CA ILE C 66 18.78 4.94 -35.15
C ILE C 66 17.97 5.65 -36.22
N THR C 67 17.03 4.94 -36.82
CA THR C 67 16.11 5.58 -37.75
C THR C 67 14.99 6.26 -36.97
N VAL C 68 14.71 7.52 -37.35
CA VAL C 68 13.74 8.37 -36.68
C VAL C 68 12.82 8.98 -37.73
N VAL C 69 11.63 9.36 -37.26
CA VAL C 69 10.65 10.02 -38.10
C VAL C 69 9.72 10.80 -37.18
N ASN C 70 9.29 11.98 -37.63
CA ASN C 70 8.29 12.75 -36.89
C ASN C 70 7.65 13.73 -37.86
N THR C 71 6.52 13.36 -38.46
CA THR C 71 5.85 14.28 -39.36
C THR C 71 4.86 15.19 -38.64
N SER C 72 4.84 15.16 -37.31
CA SER C 72 3.94 16.02 -36.54
C SER C 72 4.51 17.42 -36.37
N ASN C 73 3.64 18.36 -35.97
CA ASN C 73 4.05 19.67 -35.48
C ASN C 73 4.51 19.63 -34.02
N LYS C 74 4.28 18.52 -33.34
CA LYS C 74 4.78 18.33 -31.99
C LYS C 74 6.19 17.74 -31.99
N TRP C 75 6.88 17.88 -30.86
CA TRP C 75 8.13 17.17 -30.63
C TRP C 75 7.83 15.70 -30.34
N LYS C 76 8.78 14.82 -30.66
CA LYS C 76 8.60 13.39 -30.46
C LYS C 76 9.71 12.84 -29.58
N PHE C 77 9.35 12.14 -28.52
CA PHE C 77 10.33 11.56 -27.61
C PHE C 77 10.26 10.05 -27.74
N MET C 78 11.34 9.46 -28.26
CA MET C 78 11.41 8.03 -28.50
C MET C 78 12.01 7.36 -27.28
N GLU C 79 11.29 6.40 -26.70
CA GLU C 79 11.83 5.61 -25.61
C GLU C 79 12.48 4.37 -26.22
N MET C 80 13.82 4.41 -26.25
CA MET C 80 14.69 3.32 -26.66
C MET C 80 15.00 2.43 -25.46
N PHE C 81 14.94 1.12 -25.67
CA PHE C 81 15.03 0.22 -24.54
C PHE C 81 15.73 -1.08 -24.91
N ARG C 82 16.45 -1.65 -23.94
CA ARG C 82 16.89 -3.03 -24.02
C ARG C 82 17.04 -3.58 -22.60
N ASN C 83 16.96 -4.92 -22.48
CA ASN C 83 17.03 -5.55 -21.16
C ASN C 83 18.23 -6.47 -21.03
N ASN C 84 19.20 -6.32 -21.93
CA ASN C 84 20.33 -7.23 -22.06
C ASN C 84 21.51 -6.41 -22.60
N SER C 85 22.68 -6.52 -21.96
CA SER C 85 23.84 -5.73 -22.40
C SER C 85 24.33 -6.08 -23.80
N ASN C 86 24.06 -7.28 -24.30
CA ASN C 86 24.49 -7.66 -25.64
C ASN C 86 23.50 -7.27 -26.75
N ALA C 87 22.35 -6.70 -26.41
CA ALA C 87 21.34 -6.48 -27.45
C ALA C 87 21.43 -5.06 -28.02
N GLU C 88 20.76 -4.86 -29.14
CA GLU C 88 20.58 -3.51 -29.66
C GLU C 88 19.35 -2.89 -28.99
N PHE C 89 19.26 -1.56 -29.06
CA PHE C 89 18.10 -0.86 -28.53
C PHE C 89 16.93 -0.96 -29.49
N GLN C 90 15.73 -1.08 -28.93
CA GLN C 90 14.51 -1.10 -29.72
C GLN C 90 13.68 0.11 -29.37
N HIS C 91 12.97 0.62 -30.36
CA HIS C 91 12.03 1.72 -30.14
C HIS C 91 10.82 1.16 -29.39
N LYS C 92 10.82 1.27 -28.06
CA LYS C 92 9.76 0.64 -27.26
C LYS C 92 8.51 1.49 -27.24
N ARG C 93 8.65 2.81 -27.03
CA ARG C 93 7.47 3.65 -26.87
C ARG C 93 7.69 5.03 -27.47
N THR C 94 6.62 5.80 -27.55
CA THR C 94 6.67 7.15 -28.08
C THR C 94 5.83 8.09 -27.23
N LEU C 95 6.37 9.28 -26.91
CA LEU C 95 5.61 10.38 -26.34
C LEU C 95 5.58 11.53 -27.35
N THR C 96 4.39 11.93 -27.79
CA THR C 96 4.27 13.05 -28.72
C THR C 96 3.77 14.26 -27.93
N SER C 97 4.54 15.34 -27.94
CA SER C 97 4.35 16.39 -26.94
C SER C 97 4.53 17.77 -27.54
N SER C 98 3.62 18.67 -27.17
CA SER C 98 3.82 20.10 -27.39
C SER C 98 4.51 20.77 -26.21
N THR C 99 4.67 20.08 -25.08
CA THR C 99 5.23 20.68 -23.87
C THR C 99 6.72 20.40 -23.68
N LYS C 100 7.26 19.37 -24.31
CA LYS C 100 8.68 19.04 -24.27
C LYS C 100 9.16 18.58 -22.88
N LEU C 101 8.23 18.19 -22.00
CA LEU C 101 8.58 17.61 -20.70
C LEU C 101 8.52 16.10 -20.80
N VAL C 102 9.47 15.43 -20.15
CA VAL C 102 9.44 13.97 -20.06
C VAL C 102 9.65 13.57 -18.61
N GLY C 103 9.15 12.40 -18.23
CA GLY C 103 9.27 11.94 -16.87
C GLY C 103 9.88 10.56 -16.78
N ILE C 104 10.44 10.26 -15.60
CA ILE C 104 10.89 8.91 -15.30
C ILE C 104 10.78 8.68 -13.79
N LEU C 105 10.28 7.50 -13.41
CA LEU C 105 9.97 7.22 -12.02
C LEU C 105 10.34 5.80 -11.67
N LYS C 106 11.01 5.59 -10.54
CA LYS C 106 11.22 4.25 -10.02
C LYS C 106 10.15 3.96 -8.97
N HIS C 107 9.28 2.99 -9.25
CA HIS C 107 8.25 2.67 -8.25
C HIS C 107 7.77 1.24 -8.39
N GLY C 108 7.62 0.56 -7.26
CA GLY C 108 6.93 -0.71 -7.18
C GLY C 108 7.51 -1.77 -8.07
N GLY C 109 8.83 -1.94 -8.01
CA GLY C 109 9.45 -2.93 -8.85
C GLY C 109 9.48 -2.59 -10.33
N ARG C 110 9.09 -1.37 -10.72
CA ARG C 110 8.96 -1.04 -12.13
C ARG C 110 9.54 0.33 -12.42
N LEU C 111 9.94 0.53 -13.68
CA LEU C 111 10.38 1.83 -14.17
C LEU C 111 9.27 2.43 -15.03
N TRP C 112 8.84 3.65 -14.71
CA TRP C 112 7.67 4.29 -15.33
C TRP C 112 8.11 5.48 -16.17
N THR C 113 7.51 5.61 -17.35
CA THR C 113 7.66 6.78 -18.22
C THR C 113 6.30 7.18 -18.77
N TYR C 114 6.26 8.29 -19.51
CA TYR C 114 5.03 8.75 -20.14
C TYR C 114 5.05 8.41 -21.63
N HIS C 115 3.89 8.00 -22.16
CA HIS C 115 3.75 7.79 -23.58
C HIS C 115 2.36 8.25 -24.03
N GLY C 116 2.19 8.28 -25.35
CA GLY C 116 0.97 8.77 -25.97
C GLY C 116 1.18 10.16 -26.54
N GLU C 117 0.12 10.93 -26.68
CA GLU C 117 0.15 12.26 -27.27
C GLU C 117 -0.49 13.25 -26.32
N THR C 118 0.22 14.34 -26.02
CA THR C 118 -0.34 15.36 -25.15
C THR C 118 -1.60 15.92 -25.80
N PRO C 119 -2.62 16.31 -25.01
CA PRO C 119 -2.70 16.37 -23.55
C PRO C 119 -3.23 15.11 -22.88
N ASN C 120 -3.16 13.97 -23.59
CA ASN C 120 -3.71 12.72 -23.09
C ASN C 120 -2.63 11.65 -22.87
N ALA C 121 -1.41 12.07 -22.53
CA ALA C 121 -0.34 11.10 -22.28
C ALA C 121 -0.53 10.43 -20.93
N THR C 122 -0.14 9.15 -20.85
CA THR C 122 -0.29 8.38 -19.62
C THR C 122 1.00 7.63 -19.30
N THR C 123 1.08 7.12 -18.07
CA THR C 123 2.27 6.40 -17.64
C THR C 123 2.22 4.96 -18.15
N ASP C 124 3.40 4.38 -18.31
CA ASP C 124 3.54 2.98 -18.65
C ASP C 124 4.88 2.51 -18.07
N TYR C 125 5.09 1.20 -18.04
CA TYR C 125 6.18 0.64 -17.22
C TYR C 125 7.05 -0.33 -18.02
N SER C 126 8.27 -0.48 -17.53
CA SER C 126 9.17 -1.57 -17.85
C SER C 126 9.42 -2.36 -16.58
N THR C 127 9.54 -3.67 -16.72
CA THR C 127 9.81 -4.50 -15.55
C THR C 127 11.33 -4.63 -15.35
N THR C 128 11.71 -5.02 -14.14
CA THR C 128 13.10 -5.16 -13.77
C THR C 128 13.15 -6.00 -12.49
N SER C 129 14.21 -6.77 -12.36
CA SER C 129 14.47 -7.42 -11.09
C SER C 129 15.42 -6.61 -10.21
N ASN C 130 15.88 -5.46 -10.68
CA ASN C 130 16.95 -4.69 -10.03
C ASN C 130 16.64 -3.19 -10.05
N LEU C 131 15.45 -2.81 -9.57
CA LEU C 131 15.01 -1.42 -9.66
C LEU C 131 15.97 -0.47 -8.96
N ASN C 132 16.41 -0.82 -7.74
CA ASN C 132 17.09 0.14 -6.89
C ASN C 132 18.38 0.64 -7.50
N GLU C 133 19.05 -0.18 -8.32
CA GLU C 133 20.34 0.21 -8.88
C GLU C 133 20.22 0.98 -10.17
N ILE C 134 19.00 1.28 -10.64
CA ILE C 134 18.87 2.08 -11.85
C ILE C 134 19.33 3.50 -11.54
N SER C 135 20.37 3.96 -12.22
CA SER C 135 20.75 5.36 -12.08
C SER C 135 20.49 6.07 -13.40
N VAL C 136 20.27 7.38 -13.32
CA VAL C 136 19.84 8.18 -14.46
C VAL C 136 20.83 9.31 -14.68
N THR C 137 21.12 9.58 -15.95
CA THR C 137 21.83 10.79 -16.36
C THR C 137 20.85 11.63 -17.15
N THR C 138 20.59 12.85 -16.67
CA THR C 138 19.79 13.81 -17.42
C THR C 138 20.71 14.72 -18.24
N TYR C 139 20.21 15.18 -19.39
CA TYR C 139 20.94 16.10 -20.25
C TYR C 139 20.24 17.45 -20.39
N ALA C 140 19.25 17.74 -19.55
CA ALA C 140 18.64 19.06 -19.49
C ALA C 140 18.11 19.28 -18.07
N GLU C 141 17.71 20.52 -17.77
CA GLU C 141 17.20 20.86 -16.45
C GLU C 141 16.03 19.97 -16.06
N PHE C 142 15.92 19.67 -14.77
CA PHE C 142 14.84 18.80 -14.30
C PHE C 142 14.35 19.22 -12.93
N TYR C 143 13.19 18.67 -12.58
CA TYR C 143 12.48 18.90 -11.34
C TYR C 143 12.20 17.55 -10.70
N ILE C 144 11.91 17.58 -9.42
CA ILE C 144 11.63 16.37 -8.64
C ILE C 144 10.26 16.53 -7.99
N ILE C 145 9.41 15.53 -8.16
CA ILE C 145 8.04 15.56 -7.63
C ILE C 145 7.77 14.23 -6.93
N PRO C 146 7.21 14.20 -5.71
CA PRO C 146 6.85 12.91 -5.11
C PRO C 146 5.75 12.23 -5.90
N ARG C 147 5.72 10.90 -5.84
CA ARG C 147 4.71 10.13 -6.54
C ARG C 147 3.32 10.41 -5.97
N SER C 148 3.23 10.81 -4.71
CA SER C 148 1.96 11.26 -4.16
C SER C 148 1.38 12.44 -4.93
N GLN C 149 2.21 13.20 -5.64
CA GLN C 149 1.73 14.28 -6.49
C GLN C 149 1.69 13.91 -7.98
N GLU C 150 1.54 12.61 -8.30
CA GLU C 150 1.65 12.20 -9.70
C GLU C 150 0.60 12.89 -10.57
N SER C 151 -0.62 13.07 -10.06
CA SER C 151 -1.66 13.72 -10.86
C SER C 151 -1.19 15.08 -11.35
N LYS C 152 -0.45 15.82 -10.52
CA LYS C 152 0.13 17.08 -10.96
C LYS C 152 1.19 16.83 -12.04
N CYS C 153 2.07 15.87 -11.81
CA CYS C 153 3.13 15.59 -12.79
C CYS C 153 2.53 15.29 -14.16
N THR C 154 1.54 14.41 -14.20
CA THR C 154 0.82 14.15 -15.45
C THR C 154 0.33 15.45 -16.07
N GLU C 155 -0.29 16.32 -15.28
CA GLU C 155 -0.75 17.59 -15.79
C GLU C 155 0.39 18.37 -16.43
N TYR C 156 1.55 18.42 -15.75
CA TYR C 156 2.73 19.08 -16.32
C TYR C 156 3.16 18.41 -17.63
N ILE C 157 3.19 17.07 -17.64
CA ILE C 157 3.54 16.37 -18.87
C ILE C 157 2.64 16.84 -20.01
N ASN C 158 1.36 17.01 -19.70
CA ASN C 158 0.35 17.17 -20.73
C ASN C 158 0.07 18.63 -21.09
N THR C 159 0.20 19.59 -20.15
CA THR C 159 -0.09 20.97 -20.46
C THR C 159 1.05 21.93 -20.14
N GLY C 160 2.09 21.47 -19.47
CA GLY C 160 3.29 22.26 -19.29
C GLY C 160 3.32 22.98 -17.95
N LEU C 161 4.39 23.75 -17.76
CA LEU C 161 4.60 24.46 -16.50
C LEU C 161 4.00 25.87 -16.46
N VAL D 2 20.67 -10.66 9.48
CA VAL D 2 19.27 -10.82 9.87
C VAL D 2 18.88 -9.79 10.93
N LEU D 3 19.82 -9.46 11.82
CA LEU D 3 19.48 -8.76 13.06
C LEU D 3 20.50 -7.68 13.35
N ASP D 4 20.03 -6.43 13.44
CA ASP D 4 20.88 -5.25 13.57
C ASP D 4 21.12 -4.92 15.05
N GLY D 5 22.25 -5.37 15.59
CA GLY D 5 22.62 -5.13 16.96
C GLY D 5 23.53 -6.23 17.46
N PRO D 6 23.73 -6.33 18.78
CA PRO D 6 23.13 -5.48 19.81
C PRO D 6 23.92 -4.21 20.09
N TYR D 7 23.20 -3.10 20.28
CA TYR D 7 23.77 -1.84 20.73
C TYR D 7 23.67 -1.75 22.25
N GLN D 8 24.62 -1.04 22.85
CA GLN D 8 24.69 -0.92 24.29
C GLN D 8 23.69 0.14 24.78
N PRO D 9 23.33 0.09 26.06
CA PRO D 9 22.40 1.10 26.63
C PRO D 9 22.80 2.53 26.30
N VAL D 10 21.81 3.30 25.81
CA VAL D 10 22.02 4.69 25.43
C VAL D 10 20.68 5.42 25.51
N ALA D 11 20.74 6.74 25.65
CA ALA D 11 19.61 7.62 25.43
C ALA D 11 19.71 8.15 24.01
N PHE D 12 18.64 7.99 23.23
CA PHE D 12 18.66 8.46 21.85
C PHE D 12 17.25 8.65 21.35
N LYS D 13 17.14 9.35 20.24
CA LYS D 13 15.86 9.62 19.61
C LYS D 13 15.70 8.65 18.45
N PRO D 14 14.90 7.59 18.60
CA PRO D 14 14.89 6.56 17.56
C PRO D 14 14.18 7.03 16.31
N PRO D 15 14.60 6.59 15.13
CA PRO D 15 13.87 6.91 13.91
C PRO D 15 12.52 6.21 13.87
N ASN D 16 11.57 6.85 13.19
CA ASN D 16 10.25 6.23 13.02
C ASN D 16 10.37 4.96 12.20
N ASP D 17 9.41 4.04 12.39
CA ASP D 17 9.29 2.81 11.62
C ASP D 17 10.45 1.85 11.86
N TYR D 18 11.09 1.92 13.05
CA TYR D 18 12.04 0.92 13.48
C TYR D 18 11.70 0.51 14.91
N TRP D 19 11.54 -0.79 15.12
CA TRP D 19 11.37 -1.37 16.44
C TRP D 19 12.70 -1.34 17.19
N ILE D 20 12.67 -0.85 18.43
CA ILE D 20 13.76 -1.02 19.36
C ILE D 20 13.42 -2.22 20.23
N LEU D 21 14.24 -3.26 20.13
CA LEU D 21 13.98 -4.51 20.84
C LEU D 21 15.04 -4.67 21.93
N VAL D 22 14.63 -4.54 23.17
CA VAL D 22 15.52 -4.58 24.32
C VAL D 22 15.55 -6.00 24.87
N ASN D 23 16.76 -6.51 25.03
CA ASN D 23 17.04 -7.81 25.62
C ASN D 23 17.35 -7.56 27.09
N SER D 24 16.30 -7.57 27.92
CA SER D 24 16.47 -7.23 29.34
C SER D 24 16.96 -8.44 30.13
N ASN D 25 17.76 -8.16 31.16
CA ASN D 25 18.36 -9.18 32.01
C ASN D 25 18.00 -9.00 33.48
N SER D 26 18.15 -7.80 34.02
CA SER D 26 17.87 -7.46 35.41
C SER D 26 16.41 -7.04 35.57
N ASN D 27 15.93 -7.09 36.82
CA ASN D 27 14.61 -6.54 37.07
C ASN D 27 14.72 -5.02 37.16
N GLY D 28 13.59 -4.34 37.37
CA GLY D 28 13.60 -2.89 37.46
C GLY D 28 13.33 -2.26 36.11
N VAL D 29 13.76 -1.01 35.95
CA VAL D 29 13.42 -0.22 34.77
C VAL D 29 14.23 -0.73 33.57
N VAL D 30 13.52 -1.15 32.52
CA VAL D 30 14.13 -1.65 31.30
C VAL D 30 14.40 -0.52 30.30
N LEU D 31 13.44 0.40 30.17
CA LEU D 31 13.50 1.48 29.20
C LEU D 31 12.54 2.55 29.67
N GLU D 32 12.80 3.79 29.23
CA GLU D 32 11.85 4.87 29.44
C GLU D 32 11.96 5.86 28.30
N GLY D 33 10.82 6.34 27.83
CA GLY D 33 10.80 7.29 26.75
C GLY D 33 9.89 8.46 27.09
N THR D 34 10.28 9.62 26.59
CA THR D 34 9.43 10.81 26.76
C THR D 34 9.73 11.81 25.65
N ASN D 35 8.71 12.61 25.34
CA ASN D 35 8.90 13.81 24.53
C ASN D 35 8.79 15.07 25.37
N ASN D 36 8.63 14.93 26.69
CA ASN D 36 8.49 16.03 27.64
C ASN D 36 7.25 16.88 27.38
N THR D 37 6.35 16.41 26.52
CA THR D 37 5.14 17.14 26.16
C THR D 37 3.89 16.39 26.59
N ASP D 38 3.66 15.20 26.05
CA ASP D 38 2.43 14.46 26.34
C ASP D 38 2.66 12.95 26.42
N VAL D 39 3.91 12.51 26.54
CA VAL D 39 4.22 11.09 26.65
C VAL D 39 5.35 10.90 27.65
N TRP D 40 5.09 10.13 28.70
CA TRP D 40 6.11 9.53 29.55
C TRP D 40 5.74 8.06 29.68
N VAL D 41 6.67 7.18 29.34
CA VAL D 41 6.42 5.75 29.42
C VAL D 41 7.67 5.09 29.99
N ALA D 42 7.47 4.14 30.90
CA ALA D 42 8.57 3.42 31.49
C ALA D 42 8.15 1.98 31.65
N ILE D 43 9.03 1.06 31.32
CA ILE D 43 8.69 -0.34 31.41
C ILE D 43 9.50 -0.94 32.54
N ILE D 44 8.80 -1.60 33.46
CA ILE D 44 9.40 -2.05 34.70
C ILE D 44 9.31 -3.57 34.74
N SER D 45 10.42 -4.22 35.08
CA SER D 45 10.51 -5.68 35.06
C SER D 45 10.44 -6.24 36.48
N ILE D 46 9.59 -7.24 36.67
CA ILE D 46 9.43 -8.00 37.90
C ILE D 46 9.73 -9.46 37.62
N GLU D 47 10.65 -10.04 38.37
CA GLU D 47 11.06 -11.42 38.21
C GLU D 47 9.91 -12.37 38.61
N PRO D 48 9.99 -13.66 38.20
CA PRO D 48 8.90 -14.59 38.50
C PRO D 48 8.70 -14.79 40.00
N ASN D 49 7.47 -15.16 40.36
CA ASN D 49 7.09 -15.63 41.69
C ASN D 49 7.30 -14.57 42.78
N VAL D 50 6.67 -13.43 42.57
CA VAL D 50 6.71 -12.31 43.50
C VAL D 50 5.29 -12.09 44.03
N ASN D 51 5.12 -12.24 45.34
CA ASN D 51 3.88 -11.89 46.00
C ASN D 51 3.79 -10.38 46.12
N SER D 52 2.55 -9.87 46.21
CA SER D 52 2.34 -8.44 46.09
C SER D 52 3.13 -7.68 47.15
N GLU D 53 3.84 -6.64 46.74
CA GLU D 53 4.65 -5.86 47.67
C GLU D 53 4.99 -4.53 47.01
N SER D 54 5.55 -3.63 47.80
CA SER D 54 5.92 -2.31 47.31
C SER D 54 7.41 -2.32 46.96
N ARG D 55 7.76 -1.80 45.79
CA ARG D 55 9.16 -1.68 45.40
C ARG D 55 9.44 -0.26 44.96
N GLN D 56 10.70 0.15 45.05
CA GLN D 56 11.12 1.48 44.66
C GLN D 56 11.71 1.49 43.25
N TYR D 57 11.32 2.47 42.43
CA TYR D 57 11.89 2.63 41.10
C TYR D 57 12.13 4.09 40.82
N SER D 58 13.16 4.39 40.04
CA SER D 58 13.42 5.76 39.61
C SER D 58 12.86 5.95 38.19
N LEU D 59 11.81 6.74 38.07
CA LEU D 59 11.23 7.08 36.77
C LEU D 59 11.60 8.52 36.44
N PHE D 60 12.37 8.69 35.35
CA PHE D 60 12.83 9.99 34.87
C PHE D 60 13.41 10.85 36.00
N GLY D 61 14.21 10.22 36.86
CA GLY D 61 14.87 10.91 37.94
C GLY D 61 14.09 11.04 39.23
N VAL D 62 12.92 10.43 39.35
CA VAL D 62 12.07 10.59 40.53
C VAL D 62 11.75 9.22 41.14
N ASN D 63 11.99 9.08 42.43
CA ASN D 63 11.64 7.87 43.16
C ASN D 63 10.14 7.69 43.24
N LYS D 64 9.67 6.50 42.84
CA LYS D 64 8.28 6.07 42.97
C LYS D 64 8.21 4.78 43.77
N GLN D 65 7.33 4.73 44.75
CA GLN D 65 6.95 3.50 45.42
C GLN D 65 5.78 2.91 44.64
N ILE D 66 5.95 1.69 44.11
CA ILE D 66 4.99 1.08 43.19
C ILE D 66 4.67 -0.31 43.71
N THR D 67 3.38 -0.62 43.84
CA THR D 67 2.98 -1.96 44.27
C THR D 67 3.01 -2.91 43.08
N VAL D 68 3.81 -3.97 43.20
CA VAL D 68 3.99 -4.93 42.12
C VAL D 68 3.57 -6.31 42.61
N VAL D 69 3.13 -7.13 41.66
CA VAL D 69 2.77 -8.52 41.93
C VAL D 69 3.09 -9.31 40.67
N ASN D 70 3.65 -10.51 40.84
CA ASN D 70 3.82 -11.42 39.70
C ASN D 70 3.86 -12.87 40.21
N THR D 71 2.69 -13.50 40.32
CA THR D 71 2.68 -14.87 40.82
C THR D 71 2.94 -15.90 39.72
N SER D 72 3.43 -15.47 38.56
CA SER D 72 3.64 -16.35 37.41
C SER D 72 5.06 -16.92 37.41
N ASN D 73 5.29 -17.95 36.58
CA ASN D 73 6.65 -18.41 36.29
C ASN D 73 7.30 -17.62 35.17
N LYS D 74 6.62 -16.61 34.64
CA LYS D 74 7.20 -15.75 33.64
C LYS D 74 7.59 -14.42 34.28
N TRP D 75 8.41 -13.66 33.56
CA TRP D 75 8.74 -12.30 33.95
C TRP D 75 7.59 -11.38 33.59
N LYS D 76 7.40 -10.34 34.40
CA LYS D 76 6.31 -9.38 34.19
C LYS D 76 6.89 -8.02 33.84
N PHE D 77 6.38 -7.39 32.80
CA PHE D 77 6.82 -6.06 32.38
C PHE D 77 5.61 -5.14 32.44
N MET D 78 5.61 -4.24 33.41
CA MET D 78 4.55 -3.26 33.60
C MET D 78 4.88 -2.02 32.80
N GLU D 79 3.95 -1.60 31.95
CA GLU D 79 4.06 -0.32 31.23
C GLU D 79 3.43 0.79 32.09
N MET D 80 4.26 1.66 32.65
CA MET D 80 3.82 2.86 33.36
C MET D 80 3.75 4.02 32.37
N PHE D 81 2.71 4.86 32.51
CA PHE D 81 2.41 5.87 31.50
C PHE D 81 1.76 7.10 32.12
N ARG D 82 2.09 8.26 31.56
CA ARG D 82 1.31 9.48 31.83
C ARG D 82 1.45 10.45 30.65
N ASN D 83 0.43 11.28 30.46
CA ASN D 83 0.41 12.18 29.31
C ASN D 83 0.68 13.63 29.71
N ASN D 84 1.26 13.85 30.89
CA ASN D 84 1.37 15.19 31.46
C ASN D 84 2.37 15.17 32.61
N SER D 85 3.31 16.12 32.60
CA SER D 85 4.35 16.22 33.63
C SER D 85 3.80 16.57 35.00
N ASN D 86 2.53 16.89 35.11
CA ASN D 86 1.89 17.19 36.38
C ASN D 86 1.01 16.05 36.86
N ALA D 87 0.93 14.95 36.10
CA ALA D 87 0.15 13.79 36.50
C ALA D 87 1.07 12.72 37.09
N GLU D 88 0.47 11.73 37.74
CA GLU D 88 1.20 10.60 38.26
C GLU D 88 1.18 9.46 37.23
N PHE D 89 2.23 8.64 37.27
CA PHE D 89 2.28 7.48 36.39
C PHE D 89 1.19 6.47 36.75
N GLN D 90 0.63 5.82 35.73
CA GLN D 90 -0.36 4.78 35.95
C GLN D 90 0.11 3.50 35.28
N HIS D 91 -0.35 2.35 35.80
CA HIS D 91 -0.02 1.04 35.23
C HIS D 91 -0.97 0.80 34.06
N LYS D 92 -0.47 1.03 32.84
CA LYS D 92 -1.35 1.03 31.67
C LYS D 92 -1.54 -0.35 31.05
N ARG D 93 -0.50 -1.17 31.01
CA ARG D 93 -0.49 -2.44 30.28
C ARG D 93 0.52 -3.38 30.90
N THR D 94 0.38 -4.67 30.55
CA THR D 94 1.31 -5.66 31.05
C THR D 94 1.73 -6.59 29.92
N LEU D 95 3.03 -6.90 29.91
CA LEU D 95 3.60 -7.94 29.05
C LEU D 95 4.13 -9.05 29.95
N THR D 96 3.57 -10.24 29.83
CA THR D 96 3.98 -11.38 30.63
C THR D 96 4.77 -12.32 29.73
N SER D 97 6.02 -12.60 30.08
CA SER D 97 6.95 -13.07 29.06
C SER D 97 7.95 -14.08 29.61
N SER D 98 8.12 -15.18 28.89
CA SER D 98 9.21 -16.11 29.17
C SER D 98 10.50 -15.71 28.47
N THR D 99 10.46 -14.72 27.58
CA THR D 99 11.65 -14.38 26.79
C THR D 99 12.40 -13.15 27.28
N LYS D 100 11.76 -12.28 28.07
CA LYS D 100 12.36 -11.07 28.61
C LYS D 100 12.75 -10.07 27.52
N LEU D 101 12.10 -10.14 26.36
CA LEU D 101 12.30 -9.15 25.30
C LEU D 101 11.18 -8.13 25.34
N VAL D 102 11.54 -6.86 25.15
CA VAL D 102 10.61 -5.74 25.22
C VAL D 102 10.81 -4.87 23.97
N GLY D 103 9.72 -4.38 23.38
CA GLY D 103 9.82 -3.60 22.17
C GLY D 103 9.12 -2.26 22.28
N ILE D 104 9.69 -1.26 21.59
CA ILE D 104 9.03 0.05 21.47
C ILE D 104 9.25 0.61 20.06
N LEU D 105 8.20 1.19 19.47
CA LEU D 105 8.24 1.60 18.08
C LEU D 105 7.52 2.95 17.93
N LYS D 106 8.09 3.84 17.12
CA LYS D 106 7.40 5.08 16.79
C LYS D 106 6.88 4.96 15.37
N HIS D 107 5.56 5.03 15.18
CA HIS D 107 4.99 4.83 13.86
C HIS D 107 3.57 5.37 13.80
N GLY D 108 3.23 5.96 12.65
CA GLY D 108 1.86 6.38 12.39
C GLY D 108 1.27 7.29 13.45
N GLY D 109 2.03 8.29 13.89
CA GLY D 109 1.55 9.19 14.91
C GLY D 109 1.33 8.56 16.26
N ARG D 110 1.90 7.37 16.50
CA ARG D 110 1.61 6.62 17.71
C ARG D 110 2.86 5.93 18.21
N LEU D 111 2.87 5.68 19.52
CA LEU D 111 3.92 4.94 20.18
C LEU D 111 3.41 3.53 20.47
N TRP D 112 4.17 2.52 20.04
CA TRP D 112 3.75 1.14 20.09
C TRP D 112 4.60 0.33 21.06
N THR D 113 3.94 -0.54 21.83
CA THR D 113 4.61 -1.52 22.67
C THR D 113 3.89 -2.86 22.52
N TYR D 114 4.42 -3.89 23.16
CA TYR D 114 3.78 -5.19 23.21
C TYR D 114 3.13 -5.39 24.57
N HIS D 115 2.06 -6.18 24.59
CA HIS D 115 1.38 -6.57 25.82
C HIS D 115 0.68 -7.90 25.61
N GLY D 116 0.09 -8.42 26.67
CA GLY D 116 -0.41 -9.77 26.69
C GLY D 116 0.64 -10.72 27.24
N GLU D 117 0.47 -12.01 26.97
CA GLU D 117 1.42 -12.98 27.49
C GLU D 117 1.93 -13.88 26.36
N THR D 118 3.25 -14.08 26.34
CA THR D 118 3.86 -14.91 25.33
C THR D 118 3.31 -16.33 25.42
N PRO D 119 3.23 -17.05 24.29
CA PRO D 119 3.73 -16.67 22.96
C PRO D 119 2.71 -15.91 22.14
N ASN D 120 1.74 -15.27 22.79
CA ASN D 120 0.66 -14.62 22.07
C ASN D 120 0.62 -13.12 22.31
N ALA D 121 1.76 -12.50 22.60
CA ALA D 121 1.79 -11.06 22.86
C ALA D 121 1.62 -10.28 21.57
N THR D 122 0.92 -9.15 21.64
CA THR D 122 0.58 -8.33 20.49
C THR D 122 0.87 -6.86 20.76
N THR D 123 0.86 -6.06 19.69
CA THR D 123 1.16 -4.65 19.81
C THR D 123 -0.09 -3.86 20.17
N ASP D 124 0.14 -2.73 20.80
CA ASP D 124 -0.90 -1.78 21.15
C ASP D 124 -0.19 -0.44 21.21
N TYR D 125 -0.98 0.63 21.29
CA TYR D 125 -0.43 1.97 21.08
C TYR D 125 -0.85 2.94 22.17
N SER D 126 -0.08 4.01 22.26
CA SER D 126 -0.45 5.24 22.92
C SER D 126 -0.42 6.37 21.89
N THR D 127 -1.30 7.36 22.09
CA THR D 127 -1.43 8.49 21.18
C THR D 127 -0.53 9.63 21.61
N THR D 128 -0.17 10.48 20.66
CA THR D 128 0.66 11.63 20.96
C THR D 128 0.49 12.65 19.85
N SER D 129 0.64 13.92 20.22
CA SER D 129 0.69 15.01 19.24
C SER D 129 2.12 15.39 18.87
N ASN D 130 3.12 14.76 19.52
CA ASN D 130 4.53 15.13 19.42
C ASN D 130 5.39 13.87 19.25
N LEU D 131 5.02 13.01 18.29
CA LEU D 131 5.66 11.71 18.15
C LEU D 131 7.17 11.82 17.98
N ASN D 132 7.63 12.73 17.11
CA ASN D 132 9.01 12.67 16.64
C ASN D 132 9.99 13.03 17.74
N GLU D 133 9.58 13.84 18.72
CA GLU D 133 10.47 14.26 19.80
C GLU D 133 10.58 13.23 20.92
N ILE D 134 9.84 12.12 20.87
CA ILE D 134 9.99 11.08 21.88
C ILE D 134 11.38 10.49 21.79
N SER D 135 12.16 10.65 22.85
CA SER D 135 13.45 9.97 22.94
C SER D 135 13.34 8.85 23.95
N VAL D 136 14.20 7.85 23.78
CA VAL D 136 14.19 6.64 24.59
C VAL D 136 15.54 6.48 25.26
N THR D 137 15.54 6.05 26.51
CA THR D 137 16.73 5.54 27.15
C THR D 137 16.47 4.06 27.39
N THR D 138 17.40 3.21 26.95
CA THR D 138 17.33 1.81 27.29
C THR D 138 18.34 1.53 28.38
N TYR D 139 18.06 0.53 29.20
CA TYR D 139 18.95 0.17 30.27
C TYR D 139 19.51 -1.22 30.10
N ALA D 140 19.22 -1.87 28.98
CA ALA D 140 19.83 -3.12 28.56
C ALA D 140 20.16 -2.99 27.07
N GLU D 141 20.96 -3.94 26.57
CA GLU D 141 21.30 -3.90 25.15
C GLU D 141 20.06 -4.15 24.30
N PHE D 142 20.09 -3.66 23.07
CA PHE D 142 18.95 -3.72 22.18
C PHE D 142 19.37 -3.94 20.72
N TYR D 143 18.39 -4.33 19.92
CA TYR D 143 18.47 -4.44 18.47
C TYR D 143 17.49 -3.47 17.82
N ILE D 144 17.72 -3.20 16.53
CA ILE D 144 16.86 -2.35 15.73
C ILE D 144 16.33 -3.17 14.58
N ILE D 145 15.01 -3.17 14.39
CA ILE D 145 14.37 -3.98 13.37
C ILE D 145 13.39 -3.12 12.57
N PRO D 146 13.53 -3.04 11.25
CA PRO D 146 12.58 -2.24 10.45
C PRO D 146 11.14 -2.72 10.67
N ARG D 147 10.21 -1.77 10.61
CA ARG D 147 8.81 -2.14 10.76
C ARG D 147 8.36 -3.15 9.71
N SER D 148 8.99 -3.14 8.54
CA SER D 148 8.64 -4.10 7.49
C SER D 148 8.94 -5.53 7.92
N GLN D 149 9.81 -5.74 8.90
CA GLN D 149 10.10 -7.06 9.44
C GLN D 149 9.47 -7.25 10.81
N GLU D 150 8.37 -6.52 11.08
CA GLU D 150 7.72 -6.58 12.38
C GLU D 150 7.32 -8.01 12.76
N SER D 151 6.91 -8.82 11.77
CA SER D 151 6.56 -10.21 12.04
C SER D 151 7.71 -10.93 12.72
N LYS D 152 8.95 -10.68 12.29
CA LYS D 152 10.07 -11.28 12.98
C LYS D 152 10.23 -10.69 14.38
N CYS D 153 10.05 -9.38 14.54
CA CYS D 153 10.09 -8.77 15.87
C CYS D 153 9.10 -9.45 16.81
N THR D 154 7.83 -9.49 16.39
CA THR D 154 6.79 -10.19 17.15
C THR D 154 7.25 -11.60 17.50
N GLU D 155 7.85 -12.29 16.53
CA GLU D 155 8.32 -13.65 16.78
C GLU D 155 9.38 -13.67 17.87
N TYR D 156 10.34 -12.75 17.80
CA TYR D 156 11.33 -12.64 18.86
C TYR D 156 10.67 -12.33 20.19
N ILE D 157 9.68 -11.42 20.20
CA ILE D 157 9.01 -11.09 21.44
C ILE D 157 8.43 -12.35 22.08
N ASN D 158 7.91 -13.26 21.25
CA ASN D 158 7.11 -14.33 21.80
C ASN D 158 7.85 -15.63 21.98
N THR D 159 8.98 -15.84 21.30
CA THR D 159 9.72 -17.09 21.41
C THR D 159 11.22 -16.94 21.63
N GLY D 160 11.76 -15.73 21.58
CA GLY D 160 13.12 -15.50 22.01
C GLY D 160 14.11 -15.42 20.85
N LEU D 161 15.35 -15.16 21.21
CA LEU D 161 16.41 -15.01 20.21
C LEU D 161 17.18 -16.31 19.99
N VAL E 2 -19.50 7.71 -14.80
CA VAL E 2 -18.29 8.34 -14.29
C VAL E 2 -18.55 8.96 -12.92
N LEU E 3 -19.81 9.33 -12.67
CA LEU E 3 -20.13 10.21 -11.54
C LEU E 3 -21.44 9.78 -10.89
N ASP E 4 -21.36 9.36 -9.63
CA ASP E 4 -22.51 8.83 -8.89
C ASP E 4 -23.33 9.99 -8.32
N GLY E 5 -24.57 10.13 -8.79
CA GLY E 5 -25.43 11.23 -8.38
C GLY E 5 -26.05 11.92 -9.59
N PRO E 6 -26.64 13.11 -9.40
CA PRO E 6 -26.71 13.88 -8.15
C PRO E 6 -27.84 13.43 -7.24
N TYR E 7 -27.59 13.49 -5.94
CA TYR E 7 -28.59 13.17 -4.93
C TYR E 7 -29.14 14.45 -4.33
N GLN E 8 -30.39 14.38 -3.85
CA GLN E 8 -31.09 15.54 -3.35
C GLN E 8 -30.60 15.92 -1.96
N PRO E 9 -30.74 17.20 -1.58
CA PRO E 9 -30.37 17.61 -0.23
C PRO E 9 -31.01 16.72 0.82
N VAL E 10 -30.20 16.27 1.78
CA VAL E 10 -30.66 15.34 2.81
C VAL E 10 -29.67 15.39 3.97
N ALA E 11 -30.15 15.00 5.16
CA ALA E 11 -29.27 14.77 6.30
C ALA E 11 -28.96 13.29 6.37
N PHE E 12 -27.67 12.95 6.38
CA PHE E 12 -27.28 11.55 6.43
C PHE E 12 -25.89 11.41 7.03
N LYS E 13 -25.55 10.17 7.34
CA LYS E 13 -24.25 9.81 7.88
C LYS E 13 -23.41 9.25 6.73
N PRO E 14 -22.44 9.99 6.21
CA PRO E 14 -21.71 9.54 5.01
C PRO E 14 -20.74 8.42 5.34
N PRO E 15 -20.59 7.46 4.44
CA PRO E 15 -19.62 6.37 4.68
C PRO E 15 -18.21 6.89 4.53
N ASN E 16 -17.29 6.29 5.29
CA ASN E 16 -15.90 6.69 5.17
C ASN E 16 -15.39 6.42 3.75
N ASP E 17 -14.38 7.18 3.35
CA ASP E 17 -13.64 7.01 2.10
C ASP E 17 -14.47 7.36 0.85
N TYR E 18 -15.54 8.13 1.00
CA TYR E 18 -16.23 8.71 -0.16
C TYR E 18 -16.31 10.21 0.02
N TRP E 19 -15.80 10.95 -0.96
CA TRP E 19 -16.04 12.38 -1.07
C TRP E 19 -17.50 12.66 -1.36
N ILE E 20 -18.10 13.54 -0.56
CA ILE E 20 -19.38 14.15 -0.86
C ILE E 20 -19.08 15.46 -1.55
N LEU E 21 -19.45 15.58 -2.82
CA LEU E 21 -19.17 16.77 -3.61
C LEU E 21 -20.48 17.51 -3.83
N VAL E 22 -20.60 18.68 -3.25
CA VAL E 22 -21.83 19.45 -3.27
C VAL E 22 -21.72 20.50 -4.37
N ASN E 23 -22.75 20.55 -5.21
CA ASN E 23 -22.83 21.49 -6.32
C ASN E 23 -23.71 22.65 -5.88
N SER E 24 -23.08 23.69 -5.30
CA SER E 24 -23.85 24.76 -4.68
C SER E 24 -24.27 25.80 -5.73
N ASN E 25 -25.42 26.45 -5.51
CA ASN E 25 -25.83 27.53 -6.41
C ASN E 25 -26.15 28.81 -5.68
N SER E 26 -26.86 28.74 -4.57
CA SER E 26 -27.21 29.95 -3.84
C SER E 26 -26.13 30.28 -2.83
N ASN E 27 -26.12 31.54 -2.37
CA ASN E 27 -25.22 31.86 -1.29
C ASN E 27 -25.78 31.29 0.02
N GLY E 28 -25.05 31.48 1.11
CA GLY E 28 -25.51 31.00 2.40
C GLY E 28 -24.94 29.63 2.72
N VAL E 29 -25.59 28.95 3.66
CA VAL E 29 -25.07 27.68 4.17
C VAL E 29 -25.20 26.62 3.08
N VAL E 30 -24.07 26.03 2.71
CA VAL E 30 -24.02 24.99 1.69
C VAL E 30 -24.12 23.61 2.31
N LEU E 31 -23.43 23.41 3.43
CA LEU E 31 -23.41 22.11 4.09
C LEU E 31 -23.03 22.32 5.54
N GLU E 32 -23.54 21.45 6.41
CA GLU E 32 -23.08 21.44 7.79
C GLU E 32 -23.00 20.00 8.29
N GLY E 33 -21.94 19.70 9.03
CA GLY E 33 -21.78 18.39 9.62
C GLY E 33 -21.40 18.47 11.08
N THR E 34 -21.89 17.49 11.84
CA THR E 34 -21.49 17.37 13.23
C THR E 34 -21.60 15.94 13.70
N ASN E 35 -20.82 15.62 14.73
CA ASN E 35 -20.99 14.40 15.51
C ASN E 35 -21.49 14.68 16.92
N ASN E 36 -21.88 15.93 17.22
CA ASN E 36 -22.36 16.38 18.52
C ASN E 36 -21.36 16.17 19.64
N THR E 37 -20.10 15.85 19.32
CA THR E 37 -19.08 15.61 20.32
C THR E 37 -17.90 16.56 20.19
N ASP E 38 -17.17 16.51 19.10
CA ASP E 38 -16.01 17.38 18.99
C ASP E 38 -15.85 17.96 17.59
N VAL E 39 -16.89 17.90 16.76
CA VAL E 39 -16.81 18.47 15.43
C VAL E 39 -18.13 19.16 15.11
N TRP E 40 -18.06 20.45 14.81
CA TRP E 40 -19.13 21.17 14.13
C TRP E 40 -18.46 21.92 12.99
N VAL E 41 -18.92 21.71 11.75
CA VAL E 41 -18.41 22.41 10.58
C VAL E 41 -19.60 22.86 9.74
N ALA E 42 -19.50 24.06 9.20
CA ALA E 42 -20.50 24.59 8.29
C ALA E 42 -19.77 25.39 7.23
N ILE E 43 -20.15 25.22 5.98
CA ILE E 43 -19.54 25.94 4.89
C ILE E 43 -20.54 26.97 4.37
N ILE E 44 -20.10 28.22 4.28
CA ILE E 44 -20.99 29.35 3.99
C ILE E 44 -20.50 30.00 2.70
N SER E 45 -21.43 30.25 1.77
CA SER E 45 -21.10 30.81 0.47
C SER E 45 -21.38 32.31 0.43
N ILE E 46 -20.41 33.06 -0.09
CA ILE E 46 -20.48 34.49 -0.37
C ILE E 46 -20.32 34.67 -1.87
N GLU E 47 -21.29 35.34 -2.51
CA GLU E 47 -21.26 35.62 -3.93
C GLU E 47 -20.12 36.58 -4.26
N PRO E 48 -19.78 36.75 -5.54
CA PRO E 48 -18.66 37.66 -5.90
C PRO E 48 -18.94 39.12 -5.59
N ASN E 49 -17.85 39.85 -5.33
CA ASN E 49 -17.84 41.31 -5.24
C ASN E 49 -18.66 41.84 -4.07
N VAL E 50 -18.38 41.33 -2.88
CA VAL E 50 -19.08 41.73 -1.66
C VAL E 50 -18.12 42.49 -0.78
N ASN E 51 -18.43 43.76 -0.52
CA ASN E 51 -17.65 44.53 0.43
C ASN E 51 -18.02 44.11 1.85
N SER E 52 -17.05 44.27 2.77
CA SER E 52 -17.18 43.71 4.11
C SER E 52 -18.47 44.19 4.76
N GLU E 53 -19.20 43.25 5.36
CA GLU E 53 -20.50 43.54 5.92
C GLU E 53 -20.91 42.37 6.81
N SER E 54 -21.93 42.59 7.63
CA SER E 54 -22.45 41.57 8.52
C SER E 54 -23.65 40.89 7.87
N ARG E 55 -23.70 39.55 7.95
CA ARG E 55 -24.78 38.78 7.37
C ARG E 55 -25.21 37.74 8.39
N GLN E 56 -26.47 37.33 8.29
CA GLN E 56 -27.05 36.38 9.23
C GLN E 56 -27.10 35.01 8.59
N TYR E 57 -26.73 33.99 9.36
CA TYR E 57 -26.82 32.60 8.94
C TYR E 57 -27.34 31.75 10.08
N SER E 58 -28.00 30.67 9.73
CA SER E 58 -28.46 29.69 10.71
C SER E 58 -27.50 28.51 10.70
N LEU E 59 -26.73 28.35 11.77
CA LEU E 59 -25.83 27.22 11.90
C LEU E 59 -26.35 26.28 12.98
N PHE E 60 -26.69 25.05 12.56
CA PHE E 60 -27.25 24.02 13.46
C PHE E 60 -28.38 24.60 14.31
N GLY E 61 -29.25 25.38 13.66
CA GLY E 61 -30.44 25.89 14.30
C GLY E 61 -30.26 27.15 15.10
N VAL E 62 -29.09 27.79 15.05
CA VAL E 62 -28.81 28.96 15.86
C VAL E 62 -28.43 30.12 14.94
N ASN E 63 -29.10 31.26 15.10
CA ASN E 63 -28.78 32.43 14.31
C ASN E 63 -27.45 33.01 14.74
N LYS E 64 -26.59 33.26 13.75
CA LYS E 64 -25.28 33.85 13.92
C LYS E 64 -25.14 35.06 12.99
N GLN E 65 -24.55 36.13 13.51
CA GLN E 65 -24.19 37.30 12.70
C GLN E 65 -22.70 37.23 12.44
N ILE E 66 -22.32 37.10 11.16
CA ILE E 66 -20.95 36.85 10.76
C ILE E 66 -20.53 37.94 9.80
N THR E 67 -19.35 38.52 10.02
CA THR E 67 -18.78 39.50 9.10
C THR E 67 -18.15 38.76 7.92
N VAL E 68 -18.58 39.10 6.71
CA VAL E 68 -18.09 38.46 5.50
C VAL E 68 -17.51 39.52 4.59
N VAL E 69 -16.63 39.09 3.70
CA VAL E 69 -16.01 39.95 2.69
C VAL E 69 -15.56 39.09 1.53
N ASN E 70 -15.81 39.56 0.29
CA ASN E 70 -15.34 38.85 -0.90
C ASN E 70 -15.17 39.86 -2.03
N THR E 71 -14.00 40.48 -2.13
CA THR E 71 -13.76 41.45 -3.19
C THR E 71 -13.22 40.78 -4.46
N SER E 72 -13.47 39.50 -4.63
CA SER E 72 -13.02 38.70 -5.74
C SER E 72 -14.16 38.52 -6.72
N ASN E 73 -13.82 38.08 -7.92
CA ASN E 73 -14.83 37.68 -8.87
C ASN E 73 -15.22 36.22 -8.72
N LYS E 74 -14.54 35.49 -7.85
CA LYS E 74 -14.92 34.12 -7.55
C LYS E 74 -15.84 34.12 -6.34
N TRP E 75 -16.55 33.01 -6.17
CA TRP E 75 -17.33 32.78 -4.97
C TRP E 75 -16.39 32.43 -3.82
N LYS E 76 -16.82 32.76 -2.61
CA LYS E 76 -16.03 32.50 -1.41
C LYS E 76 -16.78 31.56 -0.48
N PHE E 77 -16.16 30.45 -0.11
CA PHE E 77 -16.74 29.47 0.81
C PHE E 77 -15.94 29.50 2.09
N MET E 78 -16.58 29.96 3.15
CA MET E 78 -15.98 30.09 4.47
C MET E 78 -16.28 28.83 5.26
N GLU E 79 -15.23 28.15 5.71
CA GLU E 79 -15.38 26.99 6.59
C GLU E 79 -15.42 27.47 8.05
N MET E 80 -16.58 27.38 8.67
CA MET E 80 -16.75 27.70 10.09
C MET E 80 -16.70 26.41 10.90
N PHE E 81 -16.07 26.48 12.06
CA PHE E 81 -15.69 25.26 12.77
C PHE E 81 -15.67 25.52 14.27
N ARG E 82 -16.03 24.50 15.03
CA ARG E 82 -15.73 24.47 16.46
C ARG E 82 -15.64 23.02 16.92
N ASN E 83 -14.96 22.80 18.03
CA ASN E 83 -14.74 21.45 18.53
C ASN E 83 -15.45 21.20 19.85
N ASN E 84 -16.44 22.02 20.20
CA ASN E 84 -17.14 21.92 21.49
C ASN E 84 -18.46 22.68 21.40
N SER E 85 -19.54 22.05 21.90
CA SER E 85 -20.86 22.67 21.87
C SER E 85 -20.95 23.92 22.73
N ASN E 86 -19.93 24.23 23.53
CA ASN E 86 -19.94 25.44 24.32
C ASN E 86 -19.01 26.52 23.77
N ALA E 87 -18.38 26.29 22.62
CA ALA E 87 -17.54 27.30 22.00
C ALA E 87 -18.29 27.97 20.86
N GLU E 88 -17.74 29.09 20.42
CA GLU E 88 -18.26 29.80 19.27
C GLU E 88 -17.55 29.32 18.00
N PHE E 89 -18.27 29.33 16.89
CA PHE E 89 -17.66 28.99 15.61
C PHE E 89 -16.58 30.01 15.26
N GLN E 90 -15.50 29.53 14.64
CA GLN E 90 -14.47 30.41 14.12
C GLN E 90 -14.32 30.20 12.62
N HIS E 91 -13.82 31.21 11.92
CA HIS E 91 -13.50 31.10 10.50
C HIS E 91 -12.19 30.34 10.36
N LYS E 92 -12.27 29.03 10.12
CA LYS E 92 -11.05 28.22 10.13
C LYS E 92 -10.29 28.25 8.80
N ARG E 93 -11.00 28.21 7.67
CA ARG E 93 -10.36 28.13 6.36
C ARG E 93 -11.27 28.74 5.30
N THR E 94 -10.71 28.88 4.09
CA THR E 94 -11.39 29.52 2.97
C THR E 94 -11.09 28.78 1.68
N LEU E 95 -12.15 28.50 0.91
CA LEU E 95 -12.07 28.06 -0.48
C LEU E 95 -12.57 29.19 -1.38
N THR E 96 -11.71 29.66 -2.28
CA THR E 96 -12.07 30.69 -3.25
C THR E 96 -12.18 30.04 -4.62
N SER E 97 -13.36 30.13 -5.25
CA SER E 97 -13.70 29.17 -6.29
C SER E 97 -14.56 29.77 -7.41
N SER E 98 -14.15 29.51 -8.66
CA SER E 98 -15.00 29.82 -9.81
C SER E 98 -15.99 28.71 -10.13
N THR E 99 -15.87 27.54 -9.49
CA THR E 99 -16.70 26.39 -9.83
C THR E 99 -17.86 26.17 -8.86
N LYS E 100 -17.79 26.71 -7.65
CA LYS E 100 -18.86 26.63 -6.66
C LYS E 100 -19.10 25.19 -6.18
N LEU E 101 -18.12 24.32 -6.37
CA LEU E 101 -18.16 22.95 -5.88
C LEU E 101 -17.42 22.87 -4.56
N VAL E 102 -17.96 22.08 -3.63
CA VAL E 102 -17.44 21.99 -2.27
C VAL E 102 -17.41 20.53 -1.85
N GLY E 103 -16.29 20.09 -1.26
CA GLY E 103 -16.12 18.69 -0.92
C GLY E 103 -16.00 18.45 0.58
N ILE E 104 -16.51 17.29 1.03
CA ILE E 104 -16.28 16.85 2.41
C ILE E 104 -16.10 15.34 2.48
N LEU E 105 -15.08 14.89 3.23
CA LEU E 105 -14.64 13.50 3.22
C LEU E 105 -14.27 13.02 4.61
N LYS E 106 -14.79 11.86 5.02
CA LYS E 106 -14.39 11.22 6.26
C LYS E 106 -13.34 10.16 5.91
N HIS E 107 -12.14 10.27 6.48
CA HIS E 107 -11.07 9.34 6.13
C HIS E 107 -9.93 9.44 7.13
N GLY E 108 -9.37 8.30 7.50
CA GLY E 108 -8.17 8.27 8.32
C GLY E 108 -8.33 8.95 9.65
N GLY E 109 -9.47 8.74 10.30
CA GLY E 109 -9.76 9.44 11.54
C GLY E 109 -9.79 10.94 11.43
N ARG E 110 -10.01 11.49 10.24
CA ARG E 110 -9.96 12.92 10.01
C ARG E 110 -11.08 13.34 9.07
N LEU E 111 -11.53 14.59 9.24
CA LEU E 111 -12.51 15.21 8.35
C LEU E 111 -11.79 16.11 7.36
N TRP E 112 -12.07 15.95 6.07
CA TRP E 112 -11.33 16.59 4.99
C TRP E 112 -12.24 17.53 4.21
N THR E 113 -11.68 18.69 3.85
CA THR E 113 -12.35 19.68 3.00
C THR E 113 -11.32 20.27 2.05
N TYR E 114 -11.78 21.09 1.11
CA TYR E 114 -10.89 21.79 0.22
C TYR E 114 -10.74 23.24 0.64
N HIS E 115 -9.56 23.79 0.39
CA HIS E 115 -9.30 25.18 0.70
C HIS E 115 -8.25 25.72 -0.28
N GLY E 116 -8.04 27.01 -0.24
CA GLY E 116 -7.23 27.69 -1.25
C GLY E 116 -8.09 28.25 -2.36
N GLU E 117 -7.42 28.60 -3.46
CA GLU E 117 -8.03 29.26 -4.62
C GLU E 117 -7.94 28.35 -5.84
N THR E 118 -9.08 28.05 -6.45
CA THR E 118 -9.08 27.33 -7.70
C THR E 118 -8.27 28.10 -8.73
N PRO E 119 -7.59 27.41 -9.68
CA PRO E 119 -7.62 25.96 -9.89
C PRO E 119 -6.62 25.18 -9.06
N ASN E 120 -6.11 25.78 -7.97
CA ASN E 120 -5.07 25.13 -7.18
C ASN E 120 -5.55 24.82 -5.76
N ALA E 121 -6.83 24.51 -5.61
CA ALA E 121 -7.38 24.22 -4.28
C ALA E 121 -6.99 22.80 -3.86
N THR E 122 -6.66 22.64 -2.57
CA THR E 122 -6.11 21.38 -2.04
C THR E 122 -6.86 21.00 -0.77
N THR E 123 -6.67 19.73 -0.37
CA THR E 123 -7.37 19.21 0.79
C THR E 123 -6.64 19.57 2.08
N ASP E 124 -7.42 19.62 3.16
CA ASP E 124 -6.91 19.82 4.51
C ASP E 124 -7.90 19.19 5.47
N TYR E 125 -7.48 19.03 6.72
CA TYR E 125 -8.22 18.20 7.66
C TYR E 125 -8.49 18.93 8.96
N SER E 126 -9.51 18.43 9.65
CA SER E 126 -9.75 18.63 11.07
C SER E 126 -9.66 17.27 11.74
N THR E 127 -9.12 17.25 12.95
CA THR E 127 -9.00 16.04 13.75
C THR E 127 -10.27 15.82 14.56
N THR E 128 -10.49 14.57 14.96
CA THR E 128 -11.67 14.17 15.71
C THR E 128 -11.38 12.82 16.35
N SER E 129 -11.97 12.61 17.53
CA SER E 129 -11.97 11.31 18.17
C SER E 129 -13.25 10.52 17.88
N ASN E 130 -14.20 11.10 17.15
CA ASN E 130 -15.51 10.51 16.90
C ASN E 130 -15.88 10.60 15.42
N LEU E 131 -14.97 10.14 14.55
CA LEU E 131 -15.15 10.35 13.11
C LEU E 131 -16.47 9.80 12.61
N ASN E 132 -16.78 8.55 12.99
CA ASN E 132 -17.84 7.83 12.30
C ASN E 132 -19.22 8.43 12.57
N GLU E 133 -19.41 9.08 13.73
CA GLU E 133 -20.72 9.64 14.03
C GLU E 133 -20.97 10.99 13.35
N ILE E 134 -20.00 11.53 12.62
CA ILE E 134 -20.24 12.80 11.92
C ILE E 134 -21.28 12.55 10.84
N SER E 135 -22.47 13.11 11.01
CA SER E 135 -23.44 13.17 9.94
C SER E 135 -23.36 14.54 9.26
N VAL E 136 -23.81 14.57 8.00
CA VAL E 136 -23.71 15.75 7.13
C VAL E 136 -25.11 16.08 6.62
N THR E 137 -25.46 17.35 6.65
CA THR E 137 -26.65 17.87 5.98
C THR E 137 -26.17 18.74 4.82
N THR E 138 -26.49 18.33 3.60
CA THR E 138 -26.20 19.14 2.41
C THR E 138 -27.42 19.97 2.09
N TYR E 139 -27.20 21.21 1.63
CA TYR E 139 -28.29 22.08 1.25
C TYR E 139 -28.41 22.27 -0.24
N ALA E 140 -27.57 21.60 -1.01
CA ALA E 140 -27.69 21.56 -2.47
C ALA E 140 -27.40 20.14 -2.93
N GLU E 141 -27.55 19.93 -4.23
CA GLU E 141 -27.28 18.62 -4.82
C GLU E 141 -25.83 18.20 -4.63
N PHE E 142 -25.63 16.91 -4.39
CA PHE E 142 -24.28 16.38 -4.30
C PHE E 142 -24.13 15.08 -5.08
N TYR E 143 -22.86 14.76 -5.34
CA TYR E 143 -22.38 13.50 -5.87
C TYR E 143 -21.53 12.79 -4.83
N ILE E 144 -21.33 11.49 -5.04
CA ILE E 144 -20.48 10.67 -4.20
C ILE E 144 -19.34 10.12 -5.06
N ILE E 145 -18.10 10.31 -4.61
CA ILE E 145 -16.93 9.90 -5.35
C ILE E 145 -16.03 9.10 -4.42
N PRO E 146 -15.69 7.84 -4.75
CA PRO E 146 -14.74 7.08 -3.90
C PRO E 146 -13.42 7.81 -3.72
N ARG E 147 -12.80 7.60 -2.55
CA ARG E 147 -11.51 8.24 -2.31
C ARG E 147 -10.47 7.80 -3.33
N SER E 148 -10.59 6.58 -3.85
CA SER E 148 -9.67 6.12 -4.89
C SER E 148 -9.71 6.98 -6.14
N GLN E 149 -10.79 7.75 -6.34
CA GLN E 149 -10.90 8.66 -7.46
C GLN E 149 -10.77 10.12 -7.03
N GLU E 150 -10.07 10.36 -5.92
CA GLU E 150 -9.95 11.72 -5.39
C GLU E 150 -9.37 12.67 -6.43
N SER E 151 -8.46 12.19 -7.26
CA SER E 151 -7.87 13.05 -8.29
C SER E 151 -8.95 13.63 -9.20
N LYS E 152 -9.97 12.84 -9.51
CA LYS E 152 -11.09 13.39 -10.27
C LYS E 152 -11.86 14.40 -9.42
N CYS E 153 -12.15 14.05 -8.17
CA CYS E 153 -12.83 14.98 -7.26
C CYS E 153 -12.09 16.32 -7.23
N THR E 154 -10.79 16.27 -6.92
CA THR E 154 -9.99 17.50 -6.94
C THR E 154 -10.12 18.22 -8.28
N GLU E 155 -10.06 17.48 -9.39
CA GLU E 155 -10.22 18.09 -10.69
C GLU E 155 -11.54 18.85 -10.78
N TYR E 156 -12.64 18.19 -10.37
CA TYR E 156 -13.94 18.84 -10.37
C TYR E 156 -13.92 20.08 -9.50
N ILE E 157 -13.33 19.96 -8.30
CA ILE E 157 -13.28 21.12 -7.40
C ILE E 157 -12.69 22.31 -8.15
N ASN E 158 -11.64 22.05 -8.94
CA ASN E 158 -10.82 23.14 -9.44
C ASN E 158 -11.21 23.61 -10.84
N THR E 159 -11.93 22.81 -11.65
CA THR E 159 -12.31 23.23 -12.99
C THR E 159 -13.78 23.01 -13.32
N GLY E 160 -14.55 22.37 -12.45
CA GLY E 160 -15.99 22.33 -12.60
C GLY E 160 -16.48 21.02 -13.20
N LEU E 161 -17.79 20.98 -13.43
CA LEU E 161 -18.40 19.78 -13.96
C LEU E 161 -18.63 19.86 -15.48
N VAL F 2 -25.35 -4.79 52.51
CA VAL F 2 -24.05 -4.29 52.06
C VAL F 2 -23.94 -4.42 50.55
N LEU F 3 -24.53 -5.49 50.00
CA LEU F 3 -24.27 -5.95 48.65
C LEU F 3 -25.57 -6.45 48.03
N ASP F 4 -25.84 -6.08 46.79
CA ASP F 4 -27.15 -6.32 46.17
C ASP F 4 -27.06 -7.51 45.23
N GLY F 5 -27.49 -8.67 45.69
CA GLY F 5 -27.40 -9.89 44.92
C GLY F 5 -27.32 -11.11 45.82
N PRO F 6 -27.08 -12.30 45.24
CA PRO F 6 -26.83 -12.59 43.81
C PRO F 6 -28.06 -12.66 42.97
N TYR F 7 -27.92 -12.27 41.71
CA TYR F 7 -28.94 -12.46 40.68
C TYR F 7 -28.49 -13.55 39.72
N GLN F 8 -29.45 -14.27 39.15
CA GLN F 8 -29.09 -15.38 38.27
C GLN F 8 -28.75 -14.88 36.87
N PRO F 9 -28.03 -15.67 36.08
CA PRO F 9 -27.64 -15.24 34.72
C PRO F 9 -28.84 -14.82 33.89
N VAL F 10 -28.69 -13.70 33.17
CA VAL F 10 -29.78 -13.15 32.38
C VAL F 10 -29.21 -12.18 31.36
N ALA F 11 -29.92 -11.98 30.28
CA ALA F 11 -29.65 -10.89 29.36
C ALA F 11 -30.50 -9.71 29.78
N PHE F 12 -29.87 -8.58 30.07
CA PHE F 12 -30.59 -7.38 30.44
C PHE F 12 -29.77 -6.17 30.05
N LYS F 13 -30.39 -5.01 30.16
CA LYS F 13 -29.77 -3.71 29.86
C LYS F 13 -29.45 -3.02 31.17
N PRO F 14 -28.19 -2.99 31.60
CA PRO F 14 -27.87 -2.45 32.95
C PRO F 14 -28.06 -0.95 33.01
N PRO F 15 -28.51 -0.43 34.13
CA PRO F 15 -28.61 1.03 34.27
C PRO F 15 -27.24 1.64 34.40
N ASN F 16 -27.13 2.91 33.98
CA ASN F 16 -25.87 3.61 34.10
C ASN F 16 -25.49 3.75 35.57
N ASP F 17 -24.19 3.81 35.83
CA ASP F 17 -23.62 4.07 37.15
C ASP F 17 -23.86 2.93 38.15
N TYR F 18 -23.99 1.69 37.68
CA TYR F 18 -23.98 0.53 38.57
C TYR F 18 -23.00 -0.52 38.05
N TRP F 19 -22.03 -0.89 38.90
CA TRP F 19 -21.18 -2.04 38.62
C TRP F 19 -21.99 -3.33 38.62
N ILE F 20 -21.78 -4.15 37.59
CA ILE F 20 -22.25 -5.53 37.54
C ILE F 20 -21.04 -6.40 37.84
N LEU F 21 -21.07 -7.10 38.98
CA LEU F 21 -19.94 -7.89 39.49
C LEU F 21 -20.32 -9.37 39.37
N VAL F 22 -19.75 -10.04 38.39
CA VAL F 22 -20.04 -11.44 38.10
C VAL F 22 -19.09 -12.31 38.90
N ASN F 23 -19.64 -13.34 39.54
CA ASN F 23 -18.88 -14.36 40.27
C ASN F 23 -18.80 -15.58 39.36
N SER F 24 -17.79 -15.59 38.50
CA SER F 24 -17.65 -16.67 37.54
C SER F 24 -17.27 -17.98 38.23
N ASN F 25 -17.58 -19.11 37.57
CA ASN F 25 -17.23 -20.39 38.16
C ASN F 25 -16.27 -21.21 37.29
N SER F 26 -16.67 -21.67 36.12
CA SER F 26 -15.72 -22.45 35.34
C SER F 26 -15.27 -21.65 34.12
N ASN F 27 -14.32 -22.22 33.38
CA ASN F 27 -13.75 -21.56 32.22
C ASN F 27 -14.82 -21.35 31.16
N GLY F 28 -14.52 -20.48 30.20
CA GLY F 28 -15.45 -20.15 29.13
C GLY F 28 -15.91 -18.71 29.21
N VAL F 29 -16.97 -18.40 28.45
CA VAL F 29 -17.51 -17.06 28.37
C VAL F 29 -18.21 -16.72 29.69
N VAL F 30 -17.70 -15.72 30.39
CA VAL F 30 -18.29 -15.25 31.64
C VAL F 30 -19.43 -14.26 31.38
N LEU F 31 -19.31 -13.46 30.33
CA LEU F 31 -20.08 -12.23 30.17
C LEU F 31 -19.89 -11.77 28.73
N GLU F 32 -20.96 -11.26 28.11
CA GLU F 32 -20.81 -10.62 26.81
C GLU F 32 -21.81 -9.45 26.72
N GLY F 33 -21.38 -8.35 26.11
CA GLY F 33 -22.21 -7.16 26.01
C GLY F 33 -22.11 -6.55 24.64
N THR F 34 -23.21 -5.92 24.20
CA THR F 34 -23.22 -5.27 22.90
C THR F 34 -24.34 -4.24 22.81
N ASN F 35 -24.08 -3.17 22.05
CA ASN F 35 -25.12 -2.25 21.61
C ASN F 35 -25.44 -2.42 20.13
N ASN F 36 -24.78 -3.36 19.47
CA ASN F 36 -24.98 -3.70 18.07
C ASN F 36 -24.64 -2.56 17.12
N THR F 37 -23.93 -1.53 17.59
CA THR F 37 -23.38 -0.51 16.70
C THR F 37 -21.87 -0.38 16.80
N ASP F 38 -21.32 -0.06 17.96
CA ASP F 38 -19.89 0.20 18.06
C ASP F 38 -19.22 -0.49 19.24
N VAL F 39 -19.92 -1.37 19.98
CA VAL F 39 -19.34 -2.07 21.12
C VAL F 39 -19.77 -3.54 21.07
N TRP F 40 -18.79 -4.43 20.98
CA TRP F 40 -18.92 -5.84 21.29
C TRP F 40 -17.81 -6.19 22.26
N VAL F 41 -18.17 -6.70 23.44
CA VAL F 41 -17.21 -7.14 24.43
C VAL F 41 -17.64 -8.49 24.98
N ALA F 42 -16.68 -9.36 25.19
CA ALA F 42 -16.92 -10.65 25.81
C ALA F 42 -15.72 -10.96 26.70
N ILE F 43 -15.98 -11.47 27.89
CA ILE F 43 -14.90 -11.80 28.82
C ILE F 43 -14.85 -13.31 28.92
N ILE F 44 -13.67 -13.87 28.64
CA ILE F 44 -13.46 -15.31 28.57
C ILE F 44 -12.57 -15.73 29.73
N SER F 45 -12.94 -16.81 30.42
CA SER F 45 -12.18 -17.30 31.56
C SER F 45 -11.29 -18.49 31.16
N ILE F 46 -10.03 -18.45 31.58
CA ILE F 46 -9.08 -19.53 31.37
C ILE F 46 -8.57 -19.98 32.75
N GLU F 47 -8.66 -21.29 33.00
CA GLU F 47 -8.23 -21.86 34.26
C GLU F 47 -6.71 -21.75 34.40
N PRO F 48 -6.19 -21.85 35.62
CA PRO F 48 -4.73 -21.76 35.84
C PRO F 48 -3.97 -22.84 35.09
N ASN F 49 -2.69 -22.57 34.86
CA ASN F 49 -1.72 -23.56 34.34
C ASN F 49 -2.17 -24.18 33.01
N VAL F 50 -2.41 -23.31 32.03
CA VAL F 50 -2.74 -23.73 30.67
C VAL F 50 -1.60 -23.31 29.76
N ASN F 51 -0.97 -24.27 29.09
CA ASN F 51 -0.01 -23.97 28.04
C ASN F 51 -0.74 -23.52 26.77
N SER F 52 -0.03 -22.76 25.92
CA SER F 52 -0.66 -22.09 24.79
C SER F 52 -1.38 -23.08 23.89
N GLU F 53 -2.68 -22.84 23.67
CA GLU F 53 -3.50 -23.73 22.85
C GLU F 53 -4.65 -22.92 22.30
N SER F 54 -5.39 -23.52 21.37
CA SER F 54 -6.55 -22.89 20.78
C SER F 54 -7.81 -23.52 21.33
N ARG F 55 -8.84 -22.72 21.56
CA ARG F 55 -10.09 -23.19 22.13
C ARG F 55 -11.25 -22.60 21.33
N GLN F 56 -12.35 -23.34 21.29
CA GLN F 56 -13.55 -22.92 20.56
C GLN F 56 -14.50 -22.20 21.51
N TYR F 57 -15.02 -21.06 21.06
CA TYR F 57 -15.97 -20.25 21.81
C TYR F 57 -17.08 -19.81 20.89
N SER F 58 -18.26 -19.59 21.45
CA SER F 58 -19.34 -18.96 20.71
C SER F 58 -19.46 -17.54 21.25
N LEU F 59 -19.10 -16.56 20.43
CA LEU F 59 -19.26 -15.16 20.78
C LEU F 59 -20.45 -14.62 19.98
N PHE F 60 -21.49 -14.22 20.68
CA PHE F 60 -22.70 -13.67 20.07
C PHE F 60 -23.23 -14.60 18.99
N GLY F 61 -23.21 -15.90 19.27
CA GLY F 61 -23.71 -16.91 18.37
C GLY F 61 -22.79 -17.30 17.24
N VAL F 62 -21.57 -16.75 17.17
CA VAL F 62 -20.65 -17.02 16.09
C VAL F 62 -19.46 -17.79 16.64
N ASN F 63 -19.09 -18.88 15.97
CA ASN F 63 -17.95 -19.68 16.41
C ASN F 63 -16.64 -18.96 16.17
N LYS F 64 -15.76 -19.02 17.17
CA LYS F 64 -14.46 -18.38 17.16
C LYS F 64 -13.43 -19.33 17.74
N GLN F 65 -12.32 -19.44 17.06
CA GLN F 65 -11.19 -20.25 17.52
C GLN F 65 -10.15 -19.27 18.04
N ILE F 66 -9.95 -19.26 19.35
CA ILE F 66 -9.14 -18.24 20.02
C ILE F 66 -7.96 -18.91 20.69
N THR F 67 -6.77 -18.32 20.51
CA THR F 67 -5.57 -18.81 21.16
C THR F 67 -5.46 -18.24 22.58
N VAL F 68 -5.25 -19.12 23.56
CA VAL F 68 -5.21 -18.76 24.96
C VAL F 68 -3.95 -19.37 25.60
N VAL F 69 -3.52 -18.75 26.69
CA VAL F 69 -2.43 -19.28 27.50
C VAL F 69 -2.59 -18.69 28.88
N ASN F 70 -2.26 -19.48 29.91
CA ASN F 70 -2.27 -18.94 31.27
C ASN F 70 -1.31 -19.80 32.12
N THR F 71 -0.05 -19.43 32.17
CA THR F 71 0.89 -20.23 32.94
C THR F 71 0.98 -19.75 34.37
N SER F 72 0.00 -18.97 34.83
CA SER F 72 -0.13 -18.47 36.18
C SER F 72 -0.91 -19.49 37.02
N ASN F 73 -0.76 -19.39 38.34
CA ASN F 73 -1.64 -20.10 39.25
C ASN F 73 -2.99 -19.40 39.43
N LYS F 74 -3.14 -18.20 38.91
CA LYS F 74 -4.39 -17.46 38.94
C LYS F 74 -5.22 -17.75 37.70
N TRP F 75 -6.51 -17.47 37.80
CA TRP F 75 -7.38 -17.54 36.62
C TRP F 75 -7.13 -16.33 35.73
N LYS F 76 -7.30 -16.50 34.42
CA LYS F 76 -7.09 -15.42 33.46
C LYS F 76 -8.41 -15.06 32.79
N PHE F 77 -8.75 -13.78 32.74
CA PHE F 77 -9.96 -13.28 32.10
C PHE F 77 -9.55 -12.41 30.93
N MET F 78 -9.79 -12.90 29.73
CA MET F 78 -9.46 -12.18 28.49
C MET F 78 -10.64 -11.32 28.08
N GLU F 79 -10.40 -10.02 27.92
CA GLU F 79 -11.41 -9.10 27.40
C GLU F 79 -11.22 -9.02 25.89
N MET F 80 -12.12 -9.69 25.17
CA MET F 80 -12.23 -9.67 23.72
C MET F 80 -13.17 -8.55 23.32
N PHE F 81 -12.77 -7.76 22.32
CA PHE F 81 -13.46 -6.54 21.98
C PHE F 81 -13.44 -6.31 20.47
N ARG F 82 -14.46 -5.62 19.97
CA ARG F 82 -14.45 -5.02 18.65
C ARG F 82 -15.47 -3.90 18.62
N ASN F 83 -15.24 -2.91 17.73
CA ASN F 83 -16.11 -1.74 17.62
C ASN F 83 -16.91 -1.70 16.32
N ASN F 84 -17.00 -2.82 15.61
CA ASN F 84 -17.72 -2.82 14.33
C ASN F 84 -18.18 -4.24 14.03
N SER F 85 -19.41 -4.36 13.54
CA SER F 85 -19.98 -5.66 13.22
C SER F 85 -19.17 -6.44 12.21
N ASN F 86 -18.33 -5.78 11.40
CA ASN F 86 -17.55 -6.47 10.38
C ASN F 86 -16.08 -6.68 10.77
N ALA F 87 -15.65 -6.15 11.90
CA ALA F 87 -14.30 -6.40 12.37
C ALA F 87 -14.22 -7.71 13.13
N GLU F 88 -13.00 -8.25 13.24
CA GLU F 88 -12.79 -9.42 14.08
C GLU F 88 -12.52 -8.99 15.52
N PHE F 89 -12.84 -9.88 16.46
CA PHE F 89 -12.54 -9.64 17.86
C PHE F 89 -11.04 -9.61 18.09
N GLN F 90 -10.60 -8.72 18.97
CA GLN F 90 -9.21 -8.66 19.39
C GLN F 90 -9.12 -8.83 20.90
N HIS F 91 -8.06 -9.47 21.34
CA HIS F 91 -7.76 -9.58 22.77
C HIS F 91 -7.27 -8.23 23.23
N LYS F 92 -8.18 -7.44 23.79
CA LYS F 92 -7.92 -6.05 24.15
C LYS F 92 -7.27 -5.92 25.51
N ARG F 93 -7.75 -6.69 26.50
CA ARG F 93 -7.25 -6.55 27.87
C ARG F 93 -7.24 -7.89 28.59
N THR F 94 -6.59 -7.89 29.76
CA THR F 94 -6.50 -9.09 30.58
C THR F 94 -6.63 -8.75 32.05
N LEU F 95 -7.35 -9.60 32.78
CA LEU F 95 -7.45 -9.58 34.24
C LEU F 95 -6.93 -10.91 34.76
N THR F 96 -5.91 -10.88 35.59
CA THR F 96 -5.34 -12.10 36.18
C THR F 96 -5.75 -12.11 37.66
N SER F 97 -6.50 -13.11 38.07
CA SER F 97 -7.26 -12.99 39.28
C SER F 97 -7.30 -14.29 40.07
N SER F 98 -7.11 -14.19 41.38
CA SER F 98 -7.33 -15.30 42.28
C SER F 98 -8.75 -15.34 42.82
N THR F 99 -9.52 -14.26 42.67
CA THR F 99 -10.87 -14.19 43.18
C THR F 99 -11.95 -14.60 42.18
N LYS F 100 -11.64 -14.60 40.88
CA LYS F 100 -12.57 -14.99 39.81
C LYS F 100 -13.76 -14.04 39.68
N LEU F 101 -13.66 -12.83 40.23
CA LEU F 101 -14.70 -11.83 40.10
C LEU F 101 -14.37 -10.89 38.94
N VAL F 102 -15.39 -10.55 38.15
CA VAL F 102 -15.27 -9.75 36.93
C VAL F 102 -16.30 -8.61 36.97
N GLY F 103 -15.90 -7.40 36.56
CA GLY F 103 -16.77 -6.23 36.67
C GLY F 103 -17.07 -5.58 35.33
N ILE F 104 -18.27 -5.01 35.22
CA ILE F 104 -18.58 -4.18 34.04
C ILE F 104 -19.51 -3.03 34.45
N LEU F 105 -19.24 -1.85 33.91
CA LEU F 105 -19.95 -0.63 34.30
C LEU F 105 -20.18 0.29 33.11
N LYS F 106 -21.39 0.80 32.99
CA LYS F 106 -21.72 1.83 32.01
C LYS F 106 -21.68 3.19 32.73
N HIS F 107 -20.71 4.04 32.36
CA HIS F 107 -20.61 5.34 33.00
C HIS F 107 -19.86 6.32 32.11
N GLY F 108 -20.36 7.57 32.07
CA GLY F 108 -19.68 8.71 31.49
C GLY F 108 -19.27 8.53 30.04
N GLY F 109 -20.21 8.07 29.22
CA GLY F 109 -19.92 7.79 27.84
C GLY F 109 -18.99 6.63 27.59
N ARG F 110 -18.70 5.82 28.60
CA ARG F 110 -17.67 4.79 28.50
C ARG F 110 -18.13 3.50 29.14
N LEU F 111 -17.57 2.40 28.67
CA LEU F 111 -17.79 1.08 29.24
C LEU F 111 -16.52 0.68 29.98
N TRP F 112 -16.66 0.32 31.26
CA TRP F 112 -15.54 0.10 32.17
C TRP F 112 -15.47 -1.38 32.59
N THR F 113 -14.25 -1.90 32.61
CA THR F 113 -13.93 -3.24 33.10
C THR F 113 -12.68 -3.14 33.96
N TYR F 114 -12.32 -4.23 34.61
CA TYR F 114 -11.11 -4.28 35.41
C TYR F 114 -10.02 -5.04 34.65
N HIS F 115 -8.78 -4.65 34.87
CA HIS F 115 -7.67 -5.36 34.28
C HIS F 115 -6.45 -5.24 35.19
N GLY F 116 -5.40 -5.96 34.83
CA GLY F 116 -4.23 -6.10 35.67
C GLY F 116 -4.31 -7.39 36.47
N GLU F 117 -3.52 -7.46 37.54
CA GLU F 117 -3.38 -8.66 38.34
C GLU F 117 -3.79 -8.35 39.78
N THR F 118 -4.68 -9.18 40.34
CA THR F 118 -5.07 -9.01 41.72
C THR F 118 -3.84 -9.20 42.61
N PRO F 119 -3.75 -8.46 43.74
CA PRO F 119 -4.72 -7.54 44.33
C PRO F 119 -4.61 -6.08 43.86
N ASN F 120 -4.00 -5.83 42.70
CA ASN F 120 -3.77 -4.47 42.22
C ASN F 120 -4.47 -4.20 40.89
N ALA F 121 -5.57 -4.90 40.64
CA ALA F 121 -6.33 -4.66 39.43
C ALA F 121 -7.02 -3.30 39.53
N THR F 122 -7.23 -2.66 38.36
CA THR F 122 -7.77 -1.31 38.28
C THR F 122 -8.71 -1.23 37.08
N THR F 123 -9.53 -0.17 37.06
CA THR F 123 -10.50 0.00 35.99
C THR F 123 -9.86 0.57 34.74
N ASP F 124 -10.55 0.36 33.61
CA ASP F 124 -10.18 0.92 32.32
C ASP F 124 -11.43 0.88 31.45
N TYR F 125 -11.38 1.60 30.32
CA TYR F 125 -12.59 1.91 29.55
C TYR F 125 -12.43 1.61 28.07
N SER F 126 -13.58 1.43 27.42
CA SER F 126 -13.73 1.48 25.98
C SER F 126 -14.74 2.58 25.66
N THR F 127 -14.46 3.33 24.61
CA THR F 127 -15.31 4.46 24.30
C THR F 127 -16.49 4.02 23.47
N THR F 128 -17.56 4.82 23.52
CA THR F 128 -18.77 4.50 22.77
C THR F 128 -19.61 5.76 22.61
N SER F 129 -20.28 5.85 21.46
CA SER F 129 -21.25 6.89 21.18
C SER F 129 -22.68 6.45 21.48
N ASN F 130 -22.88 5.19 21.88
CA ASN F 130 -24.18 4.59 22.09
C ASN F 130 -24.18 3.80 23.41
N LEU F 131 -23.79 4.46 24.50
CA LEU F 131 -23.65 3.78 25.79
C LEU F 131 -24.94 3.14 26.26
N ASN F 132 -26.06 3.87 26.20
CA ASN F 132 -27.27 3.44 26.88
C ASN F 132 -27.83 2.15 26.29
N GLU F 133 -27.62 1.90 25.00
CA GLU F 133 -28.19 0.71 24.39
C GLU F 133 -27.36 -0.54 24.63
N ILE F 134 -26.19 -0.43 25.27
CA ILE F 134 -25.38 -1.61 25.59
C ILE F 134 -26.16 -2.51 26.53
N SER F 135 -26.44 -3.72 26.08
CA SER F 135 -27.04 -4.74 26.94
C SER F 135 -26.00 -5.80 27.26
N VAL F 136 -26.19 -6.45 28.40
CA VAL F 136 -25.22 -7.40 28.96
C VAL F 136 -25.93 -8.72 29.20
N THR F 137 -25.29 -9.81 28.78
CA THR F 137 -25.68 -11.16 29.14
C THR F 137 -24.60 -11.72 30.05
N THR F 138 -24.99 -12.11 31.26
CA THR F 138 -24.09 -12.76 32.19
C THR F 138 -24.31 -14.26 32.12
N TYR F 139 -23.23 -15.03 32.27
CA TYR F 139 -23.33 -16.48 32.30
C TYR F 139 -22.96 -17.05 33.67
N ALA F 140 -22.94 -16.20 34.70
CA ALA F 140 -22.81 -16.64 36.08
C ALA F 140 -23.58 -15.65 36.94
N GLU F 141 -23.78 -16.03 38.21
CA GLU F 141 -24.39 -15.14 39.22
C GLU F 141 -23.68 -13.80 39.29
N PHE F 142 -24.44 -12.74 39.61
CA PHE F 142 -23.83 -11.43 39.72
C PHE F 142 -24.47 -10.59 40.83
N TYR F 143 -23.76 -9.51 41.18
CA TYR F 143 -24.22 -8.51 42.13
C TYR F 143 -24.21 -7.13 41.47
N ILE F 144 -24.97 -6.21 42.05
CA ILE F 144 -25.07 -4.84 41.56
C ILE F 144 -24.58 -3.90 42.66
N ILE F 145 -23.65 -3.02 42.31
CA ILE F 145 -23.01 -2.13 43.26
C ILE F 145 -23.04 -0.72 42.69
N PRO F 146 -23.65 0.25 43.36
CA PRO F 146 -23.64 1.63 42.84
C PRO F 146 -22.22 2.15 42.67
N ARG F 147 -22.00 2.94 41.62
CA ARG F 147 -20.68 3.48 41.35
C ARG F 147 -20.13 4.29 42.53
N SER F 148 -21.02 4.91 43.32
CA SER F 148 -20.54 5.67 44.49
C SER F 148 -19.83 4.77 45.50
N GLN F 149 -20.00 3.46 45.41
CA GLN F 149 -19.26 2.54 46.27
C GLN F 149 -18.26 1.69 45.46
N GLU F 150 -17.68 2.30 44.42
CA GLU F 150 -16.74 1.58 43.57
C GLU F 150 -15.56 1.05 44.37
N SER F 151 -15.11 1.78 45.40
CA SER F 151 -13.97 1.31 46.17
C SER F 151 -14.23 -0.04 46.81
N LYS F 152 -15.50 -0.33 47.15
CA LYS F 152 -15.83 -1.68 47.61
C LYS F 152 -15.75 -2.68 46.46
N CYS F 153 -16.32 -2.32 45.31
CA CYS F 153 -16.25 -3.21 44.15
C CYS F 153 -14.79 -3.57 43.86
N THR F 154 -13.94 -2.55 43.78
CA THR F 154 -12.52 -2.77 43.54
C THR F 154 -11.94 -3.72 44.57
N GLU F 155 -12.26 -3.49 45.85
CA GLU F 155 -11.74 -4.40 46.87
C GLU F 155 -12.28 -5.81 46.65
N TYR F 156 -13.56 -5.94 46.32
CA TYR F 156 -14.10 -7.26 45.99
C TYR F 156 -13.36 -7.88 44.82
N ILE F 157 -13.05 -7.07 43.78
CA ILE F 157 -12.33 -7.57 42.63
C ILE F 157 -10.99 -8.13 43.08
N ASN F 158 -10.34 -7.44 43.99
CA ASN F 158 -8.95 -7.74 44.27
C ASN F 158 -8.75 -8.71 45.43
N THR F 159 -9.67 -8.80 46.40
CA THR F 159 -9.47 -9.72 47.52
C THR F 159 -10.60 -10.71 47.76
N GLY F 160 -11.73 -10.59 47.07
CA GLY F 160 -12.78 -11.57 47.11
C GLY F 160 -14.02 -11.07 47.85
N LEU F 161 -15.08 -11.85 47.72
CA LEU F 161 -16.29 -11.67 48.51
C LEU F 161 -16.04 -12.10 49.95
N MET G 1 -4.87 -14.87 15.94
CA MET G 1 -5.14 -15.16 17.34
C MET G 1 -6.62 -15.47 17.54
N VAL G 2 -7.47 -14.83 16.74
CA VAL G 2 -8.89 -15.13 16.70
C VAL G 2 -9.22 -15.62 15.30
N LEU G 3 -9.39 -16.92 15.14
CA LEU G 3 -9.90 -17.49 13.89
C LEU G 3 -11.42 -17.43 13.83
N ASP G 4 -11.95 -16.94 12.72
CA ASP G 4 -13.38 -16.96 12.45
C ASP G 4 -13.74 -18.32 11.87
N GLY G 5 -14.48 -19.12 12.62
CA GLY G 5 -14.87 -20.44 12.16
C GLY G 5 -14.85 -21.46 13.28
N PRO G 6 -15.09 -22.74 12.96
CA PRO G 6 -15.19 -23.33 11.62
C PRO G 6 -16.51 -23.06 10.89
N TYR G 7 -16.44 -22.95 9.57
CA TYR G 7 -17.59 -22.97 8.69
C TYR G 7 -17.69 -24.33 8.01
N GLN G 8 -18.91 -24.72 7.66
CA GLN G 8 -19.12 -25.99 6.96
C GLN G 8 -18.85 -25.85 5.46
N PRO G 9 -18.49 -26.95 4.80
CA PRO G 9 -18.19 -26.90 3.35
C PRO G 9 -19.29 -26.19 2.58
N VAL G 10 -18.90 -25.27 1.70
CA VAL G 10 -19.81 -24.42 0.95
C VAL G 10 -19.10 -23.92 -0.31
N ALA G 11 -19.89 -23.49 -1.28
CA ALA G 11 -19.39 -22.73 -2.41
C ALA G 11 -19.68 -21.26 -2.14
N PHE G 12 -18.68 -20.41 -2.30
CA PHE G 12 -18.90 -19.00 -2.11
C PHE G 12 -17.78 -18.24 -2.81
N LYS G 13 -17.97 -16.94 -2.93
CA LYS G 13 -16.99 -16.05 -3.54
C LYS G 13 -16.22 -15.37 -2.42
N PRO G 14 -15.01 -15.80 -2.11
CA PRO G 14 -14.28 -15.22 -0.97
C PRO G 14 -13.96 -13.76 -1.22
N PRO G 15 -14.03 -12.93 -0.18
CA PRO G 15 -13.65 -11.53 -0.35
C PRO G 15 -12.14 -11.42 -0.48
N ASN G 16 -11.69 -10.36 -1.16
CA ASN G 16 -10.26 -10.16 -1.29
C ASN G 16 -9.66 -9.95 0.10
N ASP G 17 -8.39 -10.34 0.24
CA ASP G 17 -7.58 -10.11 1.45
C ASP G 17 -8.04 -10.92 2.66
N TYR G 18 -8.65 -12.08 2.46
CA TYR G 18 -8.93 -13.01 3.55
C TYR G 18 -8.42 -14.39 3.16
N TRP G 19 -7.54 -14.96 3.97
CA TRP G 19 -7.17 -16.37 3.83
C TRP G 19 -8.36 -17.25 4.20
N ILE G 20 -8.61 -18.25 3.36
CA ILE G 20 -9.50 -19.36 3.65
C ILE G 20 -8.63 -20.54 4.03
N LEU G 21 -8.74 -20.99 5.28
CA LEU G 21 -7.87 -22.02 5.83
C LEU G 21 -8.71 -23.27 6.07
N VAL G 22 -8.50 -24.30 5.26
CA VAL G 22 -9.33 -25.49 5.23
C VAL G 22 -8.66 -26.57 6.06
N ASN G 23 -9.41 -27.13 7.01
CA ASN G 23 -8.94 -28.25 7.81
C ASN G 23 -9.41 -29.52 7.13
N SER G 24 -8.56 -30.09 6.28
CA SER G 24 -8.99 -31.22 5.49
C SER G 24 -8.97 -32.50 6.32
N ASN G 25 -9.78 -33.47 5.91
CA ASN G 25 -9.87 -34.70 6.72
C ASN G 25 -9.34 -35.92 5.99
N SER G 26 -9.97 -36.35 4.90
CA SER G 26 -9.49 -37.54 4.22
C SER G 26 -8.99 -37.17 2.82
N ASN G 27 -8.47 -38.17 2.13
CA ASN G 27 -7.97 -37.97 0.79
C ASN G 27 -9.11 -37.60 -0.16
N GLY G 28 -8.76 -36.95 -1.26
CA GLY G 28 -9.73 -36.47 -2.23
C GLY G 28 -9.59 -34.97 -2.43
N VAL G 29 -10.57 -34.41 -3.13
CA VAL G 29 -10.55 -32.99 -3.44
C VAL G 29 -10.83 -32.20 -2.16
N VAL G 30 -9.87 -31.37 -1.73
CA VAL G 30 -10.02 -30.50 -0.57
C VAL G 30 -10.82 -29.26 -0.92
N LEU G 31 -10.52 -28.68 -2.07
CA LEU G 31 -11.16 -27.43 -2.47
C LEU G 31 -10.91 -27.24 -3.95
N GLU G 32 -11.80 -26.49 -4.59
CA GLU G 32 -11.61 -26.10 -5.99
C GLU G 32 -12.08 -24.66 -6.16
N GLY G 33 -11.51 -23.97 -7.13
CA GLY G 33 -11.86 -22.57 -7.36
C GLY G 33 -11.72 -22.22 -8.82
N THR G 34 -12.59 -21.31 -9.26
CA THR G 34 -12.53 -20.87 -10.64
C THR G 34 -13.26 -19.55 -10.81
N ASN G 35 -12.80 -18.77 -11.79
CA ASN G 35 -13.51 -17.62 -12.32
C ASN G 35 -14.06 -17.88 -13.71
N ASN G 36 -13.94 -19.10 -14.20
CA ASN G 36 -14.43 -19.50 -15.52
C ASN G 36 -13.79 -18.71 -16.67
N THR G 37 -12.74 -17.91 -16.41
CA THR G 37 -12.04 -17.28 -17.52
C THR G 37 -10.58 -17.71 -17.63
N ASP G 38 -9.75 -17.54 -16.58
CA ASP G 38 -8.35 -17.93 -16.71
C ASP G 38 -7.79 -18.61 -15.47
N VAL G 39 -8.61 -19.06 -14.54
CA VAL G 39 -8.10 -19.80 -13.38
C VAL G 39 -9.04 -20.96 -13.12
N TRP G 40 -8.50 -22.18 -13.09
CA TRP G 40 -9.14 -23.34 -12.49
C TRP G 40 -8.10 -23.98 -11.58
N VAL G 41 -8.40 -24.04 -10.28
CA VAL G 41 -7.47 -24.65 -9.33
C VAL G 41 -8.23 -25.68 -8.50
N ALA G 42 -7.55 -26.77 -8.19
CA ALA G 42 -8.10 -27.78 -7.29
C ALA G 42 -6.96 -28.34 -6.44
N ILE G 43 -7.18 -28.41 -5.14
CA ILE G 43 -6.19 -29.00 -4.25
C ILE G 43 -6.67 -30.39 -3.84
N ILE G 44 -5.83 -31.38 -4.07
CA ILE G 44 -6.18 -32.79 -3.96
C ILE G 44 -5.31 -33.39 -2.87
N SER G 45 -5.92 -34.10 -1.92
CA SER G 45 -5.20 -34.68 -0.79
C SER G 45 -4.87 -36.14 -1.05
N ILE G 46 -3.62 -36.51 -0.76
CA ILE G 46 -3.08 -37.85 -0.92
C ILE G 46 -2.55 -38.29 0.45
N GLU G 47 -3.04 -39.44 0.93
CA GLU G 47 -2.68 -39.92 2.25
C GLU G 47 -1.22 -40.39 2.26
N PRO G 48 -0.64 -40.60 3.44
CA PRO G 48 0.77 -41.05 3.48
C PRO G 48 0.97 -42.40 2.83
N ASN G 49 2.19 -42.59 2.33
CA ASN G 49 2.70 -43.90 1.93
C ASN G 49 1.89 -44.51 0.79
N VAL G 50 1.87 -43.80 -0.33
CA VAL G 50 1.18 -44.19 -1.55
C VAL G 50 2.22 -44.31 -2.65
N ASN G 51 2.31 -45.49 -3.25
CA ASN G 51 3.13 -45.63 -4.46
C ASN G 51 2.38 -45.09 -5.67
N SER G 52 3.14 -44.81 -6.74
CA SER G 52 2.56 -44.11 -7.87
C SER G 52 1.42 -44.91 -8.48
N GLU G 53 0.26 -44.26 -8.62
CA GLU G 53 -0.91 -44.91 -9.20
C GLU G 53 -1.83 -43.84 -9.73
N SER G 54 -2.83 -44.28 -10.47
CA SER G 54 -3.82 -43.40 -11.06
C SER G 54 -5.07 -43.38 -10.19
N ARG G 55 -5.58 -42.18 -9.93
CA ARG G 55 -6.80 -42.05 -9.16
C ARG G 55 -7.75 -41.13 -9.90
N GLN G 56 -9.04 -41.31 -9.63
CA GLN G 56 -10.08 -40.54 -10.31
C GLN G 56 -10.63 -39.47 -9.37
N TYR G 57 -10.80 -38.26 -9.89
CA TYR G 57 -11.32 -37.14 -9.09
C TYR G 57 -12.34 -36.39 -9.91
N SER G 58 -13.29 -35.77 -9.24
CA SER G 58 -14.28 -34.93 -9.89
C SER G 58 -13.86 -33.46 -9.74
N LEU G 59 -13.40 -32.88 -10.83
CA LEU G 59 -12.98 -31.49 -10.87
C LEU G 59 -14.00 -30.71 -11.71
N PHE G 60 -14.72 -29.81 -11.05
CA PHE G 60 -15.73 -28.97 -11.69
C PHE G 60 -16.72 -29.82 -12.49
N GLY G 61 -17.20 -30.89 -11.87
CA GLY G 61 -18.18 -31.75 -12.48
C GLY G 61 -17.66 -32.70 -13.55
N VAL G 62 -16.35 -32.75 -13.79
CA VAL G 62 -15.80 -33.64 -14.80
C VAL G 62 -14.87 -34.62 -14.11
N ASN G 63 -15.01 -35.90 -14.45
CA ASN G 63 -14.09 -36.91 -13.93
C ASN G 63 -12.76 -36.78 -14.65
N LYS G 64 -11.67 -36.77 -13.88
CA LYS G 64 -10.31 -36.70 -14.37
C LYS G 64 -9.52 -37.84 -13.76
N GLN G 65 -8.67 -38.48 -14.56
CA GLN G 65 -7.68 -39.42 -14.05
C GLN G 65 -6.38 -38.65 -13.81
N ILE G 66 -5.86 -38.74 -12.59
CA ILE G 66 -4.64 -38.03 -12.21
C ILE G 66 -3.70 -39.02 -11.57
N THR G 67 -2.45 -39.02 -12.02
CA THR G 67 -1.45 -39.87 -11.42
C THR G 67 -0.85 -39.19 -10.20
N VAL G 68 -0.79 -39.94 -9.09
CA VAL G 68 -0.42 -39.43 -7.79
C VAL G 68 0.63 -40.37 -7.20
N VAL G 69 1.42 -39.81 -6.28
CA VAL G 69 2.43 -40.55 -5.54
C VAL G 69 2.70 -39.79 -4.26
N ASN G 70 2.91 -40.51 -3.16
CA ASN G 70 3.35 -39.87 -1.90
C ASN G 70 4.06 -40.92 -1.05
N THR G 71 5.38 -41.01 -1.20
CA THR G 71 6.12 -41.99 -0.39
C THR G 71 6.51 -41.44 0.98
N SER G 72 5.91 -40.33 1.40
CA SER G 72 6.22 -39.71 2.68
C SER G 72 5.24 -40.13 3.77
N ASN G 73 5.69 -39.96 5.02
CA ASN G 73 4.84 -40.08 6.20
C ASN G 73 3.82 -38.95 6.30
N LYS G 74 4.02 -37.85 5.58
CA LYS G 74 3.09 -36.73 5.64
C LYS G 74 2.00 -36.87 4.58
N TRP G 75 0.95 -36.06 4.73
CA TRP G 75 -0.06 -35.93 3.69
C TRP G 75 0.49 -35.04 2.59
N LYS G 76 0.07 -35.30 1.37
CA LYS G 76 0.52 -34.51 0.24
C LYS G 76 -0.71 -33.85 -0.39
N PHE G 77 -0.64 -32.55 -0.59
CA PHE G 77 -1.72 -31.82 -1.25
C PHE G 77 -1.19 -31.33 -2.59
N MET G 78 -1.80 -31.82 -3.66
CA MET G 78 -1.41 -31.46 -5.01
C MET G 78 -2.25 -30.27 -5.45
N GLU G 79 -1.59 -29.19 -5.84
CA GLU G 79 -2.28 -28.06 -6.46
C GLU G 79 -2.27 -28.28 -7.97
N MET G 80 -3.44 -28.68 -8.49
CA MET G 80 -3.72 -28.86 -9.89
C MET G 80 -4.27 -27.55 -10.46
N PHE G 81 -3.78 -27.17 -11.64
CA PHE G 81 -4.06 -25.85 -12.18
C PHE G 81 -4.27 -25.92 -13.68
N ARG G 82 -5.09 -25.00 -14.18
CA ARG G 82 -5.06 -24.65 -15.61
C ARG G 82 -5.56 -23.23 -15.77
N ASN G 83 -5.17 -22.57 -16.86
CA ASN G 83 -5.62 -21.21 -17.12
C ASN G 83 -6.51 -21.12 -18.35
N ASN G 84 -7.00 -22.25 -18.85
CA ASN G 84 -7.76 -22.31 -20.09
C ASN G 84 -8.83 -23.39 -19.93
N SER G 85 -10.09 -23.06 -20.29
CA SER G 85 -11.18 -24.03 -20.14
C SER G 85 -11.01 -25.27 -21.00
N ASN G 86 -10.18 -25.22 -22.04
CA ASN G 86 -10.01 -26.37 -22.91
C ASN G 86 -8.82 -27.24 -22.53
N ALA G 87 -8.00 -26.80 -21.58
CA ALA G 87 -6.77 -27.54 -21.28
C ALA G 87 -7.03 -28.62 -20.24
N GLU G 88 -6.10 -29.57 -20.15
CA GLU G 88 -6.08 -30.47 -19.01
C GLU G 88 -5.38 -29.80 -17.83
N PHE G 89 -5.59 -30.36 -16.64
CA PHE G 89 -4.96 -29.86 -15.44
C PHE G 89 -3.53 -30.35 -15.34
N GLN G 90 -2.67 -29.48 -14.81
CA GLN G 90 -1.28 -29.82 -14.57
C GLN G 90 -1.00 -29.74 -13.08
N HIS G 91 -0.10 -30.59 -12.62
CA HIS G 91 0.29 -30.60 -11.22
C HIS G 91 1.23 -29.42 -11.05
N LYS G 92 0.68 -28.30 -10.61
CA LYS G 92 1.45 -27.06 -10.57
C LYS G 92 2.37 -27.01 -9.36
N ARG G 93 1.85 -27.38 -8.18
CA ARG G 93 2.62 -27.28 -6.95
C ARG G 93 2.27 -28.40 -6.00
N THR G 94 3.05 -28.50 -4.93
CA THR G 94 2.87 -29.51 -3.88
C THR G 94 3.07 -28.88 -2.52
N LEU G 95 2.15 -29.17 -1.61
CA LEU G 95 2.33 -28.89 -0.19
C LEU G 95 2.38 -30.22 0.53
N THR G 96 3.48 -30.48 1.24
CA THR G 96 3.67 -31.72 2.00
C THR G 96 3.59 -31.40 3.50
N SER G 97 2.62 -32.00 4.19
CA SER G 97 2.18 -31.45 5.48
C SER G 97 1.87 -32.53 6.51
N SER G 98 2.31 -32.27 7.75
CA SER G 98 1.84 -33.07 8.88
C SER G 98 0.59 -32.48 9.54
N THR G 99 0.18 -31.26 9.17
CA THR G 99 -0.94 -30.60 9.82
C THR G 99 -2.27 -30.78 9.08
N LYS G 100 -2.25 -31.10 7.78
CA LYS G 100 -3.43 -31.24 6.94
C LYS G 100 -4.22 -29.94 6.77
N LEU G 101 -3.62 -28.79 7.08
CA LEU G 101 -4.24 -27.49 6.80
C LEU G 101 -3.83 -27.02 5.42
N VAL G 102 -4.76 -26.39 4.71
CA VAL G 102 -4.53 -25.89 3.36
C VAL G 102 -5.11 -24.49 3.27
N GLY G 103 -4.44 -23.58 2.56
CA GLY G 103 -4.90 -22.20 2.47
C GLY G 103 -5.11 -21.72 1.05
N ILE G 104 -6.02 -20.76 0.88
CA ILE G 104 -6.19 -20.07 -0.40
C ILE G 104 -6.57 -18.62 -0.14
N LEU G 105 -5.96 -17.70 -0.89
CA LEU G 105 -6.19 -16.27 -0.68
C LEU G 105 -6.28 -15.54 -2.02
N LYS G 106 -7.17 -14.54 -2.10
CA LYS G 106 -7.21 -13.60 -3.22
C LYS G 106 -6.61 -12.27 -2.79
N HIS G 107 -5.50 -11.86 -3.42
CA HIS G 107 -4.87 -10.60 -3.04
C HIS G 107 -4.02 -10.05 -4.18
N GLY G 108 -4.11 -8.74 -4.38
CA GLY G 108 -3.20 -8.01 -5.26
C GLY G 108 -3.10 -8.57 -6.66
N GLY G 109 -4.25 -8.84 -7.27
CA GLY G 109 -4.26 -9.38 -8.62
C GLY G 109 -3.83 -10.82 -8.74
N ARG G 110 -3.66 -11.54 -7.64
CA ARG G 110 -3.08 -12.88 -7.66
C ARG G 110 -3.82 -13.79 -6.70
N LEU G 111 -3.77 -15.09 -6.99
CA LEU G 111 -4.33 -16.13 -6.14
C LEU G 111 -3.18 -16.83 -5.45
N TRP G 112 -3.23 -16.95 -4.12
CA TRP G 112 -2.12 -17.43 -3.32
C TRP G 112 -2.47 -18.75 -2.64
N THR G 113 -1.50 -19.66 -2.59
CA THR G 113 -1.61 -20.92 -1.87
C THR G 113 -0.30 -21.19 -1.16
N TYR G 114 -0.27 -22.23 -0.34
CA TYR G 114 0.97 -22.63 0.32
C TYR G 114 1.57 -23.81 -0.41
N HIS G 115 2.91 -23.88 -0.43
CA HIS G 115 3.62 -25.03 -0.95
C HIS G 115 4.91 -25.22 -0.17
N GLY G 116 5.56 -26.35 -0.42
CA GLY G 116 6.71 -26.77 0.35
C GLY G 116 6.38 -27.89 1.31
N GLU G 117 7.21 -28.01 2.34
CA GLU G 117 7.09 -29.06 3.34
C GLU G 117 7.05 -28.42 4.73
N THR G 118 6.03 -28.75 5.51
CA THR G 118 5.94 -28.23 6.86
C THR G 118 7.13 -28.74 7.67
N PRO G 119 7.64 -27.94 8.61
CA PRO G 119 7.12 -26.63 9.05
C PRO G 119 7.66 -25.42 8.29
N ASN G 120 8.12 -25.59 7.04
CA ASN G 120 8.73 -24.50 6.28
C ASN G 120 7.95 -24.17 5.00
N ALA G 121 6.64 -24.45 4.99
CA ALA G 121 5.80 -24.10 3.84
C ALA G 121 5.67 -22.59 3.72
N THR G 122 5.63 -22.09 2.47
CA THR G 122 5.52 -20.67 2.17
C THR G 122 4.43 -20.42 1.12
N THR G 123 4.05 -19.16 0.96
CA THR G 123 3.03 -18.82 -0.01
C THR G 123 3.65 -18.68 -1.40
N ASP G 124 2.83 -18.96 -2.42
CA ASP G 124 3.19 -18.72 -3.80
C ASP G 124 1.91 -18.35 -4.52
N TYR G 125 2.03 -17.89 -5.77
CA TYR G 125 0.91 -17.28 -6.45
C TYR G 125 0.68 -17.85 -7.84
N SER G 126 -0.54 -17.65 -8.32
CA SER G 126 -0.92 -17.79 -9.70
C SER G 126 -1.49 -16.46 -10.15
N THR G 127 -1.23 -16.07 -11.39
CA THR G 127 -1.69 -14.79 -11.89
C THR G 127 -3.07 -14.92 -12.51
N THR G 128 -3.74 -13.77 -12.68
CA THR G 128 -5.08 -13.72 -13.24
C THR G 128 -5.39 -12.27 -13.64
N SER G 129 -6.18 -12.11 -14.70
CA SER G 129 -6.75 -10.81 -15.03
C SER G 129 -8.13 -10.61 -14.43
N ASN G 130 -8.64 -11.61 -13.73
CA ASN G 130 -10.03 -11.66 -13.27
C ASN G 130 -10.11 -12.20 -11.84
N LEU G 131 -9.35 -11.60 -10.92
CA LEU G 131 -9.27 -12.10 -9.55
C LEU G 131 -10.63 -12.10 -8.85
N ASN G 132 -11.39 -11.01 -8.98
CA ASN G 132 -12.56 -10.83 -8.13
C ASN G 132 -13.61 -11.90 -8.34
N GLU G 133 -13.73 -12.43 -9.56
CA GLU G 133 -14.77 -13.41 -9.88
C GLU G 133 -14.40 -14.84 -9.51
N ILE G 134 -13.22 -15.08 -8.94
CA ILE G 134 -12.87 -16.43 -8.50
C ILE G 134 -13.74 -16.80 -7.32
N SER G 135 -14.48 -17.90 -7.44
CA SER G 135 -15.18 -18.45 -6.29
C SER G 135 -14.67 -19.85 -5.99
N VAL G 136 -14.88 -20.25 -4.74
CA VAL G 136 -14.25 -21.45 -4.19
C VAL G 136 -15.33 -22.34 -3.61
N THR G 137 -15.23 -23.63 -3.88
CA THR G 137 -15.99 -24.65 -3.16
C THR G 137 -15.02 -25.40 -2.27
N THR G 138 -15.24 -25.34 -0.96
CA THR G 138 -14.50 -26.19 -0.03
C THR G 138 -15.25 -27.51 0.21
N TYR G 139 -14.48 -28.57 0.46
CA TYR G 139 -15.04 -29.85 0.83
C TYR G 139 -14.68 -30.26 2.26
N ALA G 140 -14.19 -29.33 3.06
CA ALA G 140 -14.01 -29.59 4.48
C ALA G 140 -14.21 -28.28 5.22
N GLU G 141 -14.34 -28.38 6.55
CA GLU G 141 -14.50 -27.21 7.41
C GLU G 141 -13.35 -26.23 7.19
N PHE G 142 -13.64 -24.94 7.35
CA PHE G 142 -12.60 -23.94 7.13
C PHE G 142 -12.78 -22.75 8.08
N TYR G 143 -11.74 -21.93 8.12
CA TYR G 143 -11.68 -20.72 8.91
C TYR G 143 -11.34 -19.55 7.99
N ILE G 144 -11.64 -18.34 8.47
CA ILE G 144 -11.32 -17.10 7.75
C ILE G 144 -10.32 -16.32 8.59
N ILE G 145 -9.27 -15.83 7.97
CA ILE G 145 -8.25 -15.06 8.68
C ILE G 145 -7.89 -13.86 7.82
N PRO G 146 -7.89 -12.64 8.35
CA PRO G 146 -7.48 -11.47 7.53
C PRO G 146 -6.03 -11.59 7.08
N ARG G 147 -5.76 -11.08 5.88
CA ARG G 147 -4.39 -11.09 5.36
C ARG G 147 -3.42 -10.36 6.28
N SER G 148 -3.89 -9.37 7.03
CA SER G 148 -3.04 -8.71 8.00
C SER G 148 -2.55 -9.68 9.08
N GLN G 149 -3.21 -10.83 9.24
CA GLN G 149 -2.76 -11.86 10.16
C GLN G 149 -2.08 -13.03 9.44
N GLU G 150 -1.48 -12.77 8.27
CA GLU G 150 -0.91 -13.86 7.48
C GLU G 150 0.18 -14.59 8.26
N SER G 151 0.97 -13.85 9.03
CA SER G 151 2.00 -14.48 9.85
C SER G 151 1.42 -15.62 10.68
N LYS G 152 0.22 -15.43 11.22
CA LYS G 152 -0.41 -16.48 12.02
C LYS G 152 -0.91 -17.61 11.14
N CYS G 153 -1.52 -17.27 10.00
CA CYS G 153 -2.00 -18.30 9.08
C CYS G 153 -0.85 -19.23 8.70
N THR G 154 0.30 -18.65 8.35
CA THR G 154 1.46 -19.45 7.99
C THR G 154 1.85 -20.37 9.13
N GLU G 155 1.81 -19.86 10.37
CA GLU G 155 2.12 -20.70 11.54
C GLU G 155 1.14 -21.87 11.63
N TYR G 156 -0.15 -21.60 11.42
CA TYR G 156 -1.12 -22.70 11.43
C TYR G 156 -0.84 -23.70 10.33
N ILE G 157 -0.50 -23.22 9.13
CA ILE G 157 -0.18 -24.14 8.04
C ILE G 157 0.93 -25.08 8.48
N ASN G 158 1.91 -24.54 9.19
CA ASN G 158 3.17 -25.23 9.41
C ASN G 158 3.21 -26.01 10.71
N THR G 159 2.50 -25.54 11.74
CA THR G 159 2.51 -26.20 13.04
C THR G 159 1.13 -26.57 13.56
N GLY G 160 0.05 -26.11 12.92
CA GLY G 160 -1.28 -26.61 13.20
C GLY G 160 -2.04 -25.69 14.13
N LEU G 161 -3.29 -26.05 14.38
CA LEU G 161 -4.16 -25.32 15.29
C LEU G 161 -3.93 -25.64 16.79
N VAL H 2 4.26 55.22 19.74
CA VAL H 2 3.11 54.35 19.47
C VAL H 2 3.58 53.05 18.84
N LEU H 3 4.61 53.15 17.98
CA LEU H 3 4.98 52.07 17.08
C LEU H 3 6.50 52.01 16.94
N ASP H 4 7.08 50.84 17.19
CA ASP H 4 8.53 50.68 17.26
C ASP H 4 9.06 50.24 15.90
N GLY H 5 9.63 51.20 15.16
CA GLY H 5 10.21 50.94 13.87
C GLY H 5 10.18 52.18 13.01
N PRO H 6 10.42 52.04 11.70
CA PRO H 6 10.67 50.76 11.04
C PRO H 6 12.12 50.32 11.13
N TYR H 7 12.35 49.01 11.05
CA TYR H 7 13.68 48.43 10.97
C TYR H 7 13.92 47.91 9.56
N GLN H 8 15.19 47.83 9.18
CA GLN H 8 15.54 47.39 7.84
C GLN H 8 15.61 45.87 7.77
N PRO H 9 15.41 45.30 6.57
CA PRO H 9 15.49 43.84 6.39
C PRO H 9 16.73 43.20 7.02
N VAL H 10 16.51 42.31 7.98
CA VAL H 10 17.57 41.63 8.71
C VAL H 10 17.23 40.16 8.83
N ALA H 11 18.26 39.37 9.08
CA ALA H 11 18.12 38.03 9.64
C ALA H 11 18.39 38.15 11.13
N PHE H 12 17.42 37.76 11.96
CA PHE H 12 17.61 37.81 13.39
C PHE H 12 16.72 36.79 14.08
N LYS H 13 16.95 36.64 15.39
CA LYS H 13 16.20 35.73 16.23
C LYS H 13 15.21 36.54 17.06
N PRO H 14 13.96 36.67 16.64
CA PRO H 14 13.00 37.51 17.36
C PRO H 14 12.80 37.04 18.79
N PRO H 15 12.65 37.95 19.73
CA PRO H 15 12.25 37.55 21.08
C PRO H 15 10.80 37.12 21.09
N ASN H 16 10.48 36.25 22.05
CA ASN H 16 9.10 35.79 22.20
C ASN H 16 8.19 36.95 22.59
N ASP H 17 6.91 36.81 22.23
CA ASP H 17 5.82 37.70 22.64
C ASP H 17 5.93 39.09 22.02
N TYR H 18 6.64 39.25 20.89
CA TYR H 18 6.58 40.49 20.12
C TYR H 18 6.23 40.16 18.66
N TRP H 19 5.15 40.76 18.16
CA TRP H 19 4.78 40.68 16.75
C TRP H 19 5.81 41.41 15.88
N ILE H 20 6.30 40.73 14.86
CA ILE H 20 7.08 41.34 13.80
C ILE H 20 6.10 41.64 12.68
N LEU H 21 5.89 42.93 12.39
CA LEU H 21 4.90 43.41 11.44
C LEU H 21 5.63 43.97 10.22
N VAL H 22 5.72 43.17 9.16
CA VAL H 22 6.43 43.51 7.94
C VAL H 22 5.52 44.32 7.02
N ASN H 23 6.03 45.44 6.50
CA ASN H 23 5.33 46.26 5.51
C ASN H 23 5.88 45.92 4.13
N SER H 24 5.24 44.94 3.47
CA SER H 24 5.79 44.44 2.23
C SER H 24 5.52 45.42 1.09
N ASN H 25 6.41 45.45 0.12
CA ASN H 25 6.22 46.32 -1.02
C ASN H 25 6.10 45.55 -2.33
N SER H 26 7.01 44.66 -2.65
CA SER H 26 6.97 43.99 -3.93
C SER H 26 6.47 42.56 -3.77
N ASN H 27 6.15 41.94 -4.90
CA ASN H 27 5.85 40.52 -4.93
C ASN H 27 7.11 39.73 -4.61
N GLY H 28 6.94 38.44 -4.39
CA GLY H 28 8.03 37.57 -4.02
C GLY H 28 8.04 37.25 -2.54
N VAL H 29 9.20 36.80 -2.08
CA VAL H 29 9.35 36.32 -0.72
C VAL H 29 9.46 37.50 0.24
N VAL H 30 8.49 37.60 1.15
CA VAL H 30 8.39 38.68 2.12
C VAL H 30 9.22 38.37 3.36
N LEU H 31 9.23 37.11 3.78
CA LEU H 31 9.95 36.70 4.98
C LEU H 31 10.05 35.18 4.98
N GLU H 32 11.09 34.68 5.62
CA GLU H 32 11.23 33.25 5.81
C GLU H 32 11.83 32.99 7.18
N GLY H 33 11.35 31.95 7.85
CA GLY H 33 11.81 31.64 9.19
C GLY H 33 11.99 30.14 9.35
N THR H 34 12.94 29.79 10.21
CA THR H 34 13.24 28.37 10.44
C THR H 34 14.04 28.22 11.71
N ASN H 35 13.82 27.08 12.39
CA ASN H 35 14.72 26.62 13.45
C ASN H 35 15.58 25.46 12.98
N ASN H 36 15.51 25.14 11.70
CA ASN H 36 16.30 24.09 11.06
C ASN H 36 16.01 22.70 11.62
N THR H 37 14.97 22.55 12.45
CA THR H 37 14.56 21.23 12.91
C THR H 37 13.15 20.84 12.48
N ASP H 38 12.12 21.60 12.87
CA ASP H 38 10.74 21.21 12.57
C ASP H 38 9.86 22.36 12.07
N VAL H 39 10.42 23.53 11.76
CA VAL H 39 9.65 24.65 11.26
C VAL H 39 10.43 25.29 10.10
N TRP H 40 9.80 25.32 8.92
CA TRP H 40 10.25 26.11 7.78
C TRP H 40 9.00 26.84 7.28
N VAL H 41 8.98 28.17 7.41
CA VAL H 41 7.86 28.97 6.94
C VAL H 41 8.41 30.05 6.01
N ALA H 42 7.67 30.34 4.95
CA ALA H 42 7.98 31.43 4.04
C ALA H 42 6.69 32.03 3.51
N ILE H 43 6.60 33.36 3.50
CA ILE H 43 5.42 34.07 3.04
C ILE H 43 5.75 34.74 1.71
N ILE H 44 4.93 34.44 0.68
CA ILE H 44 5.18 34.88 -0.68
C ILE H 44 4.07 35.84 -1.10
N SER H 45 4.45 36.97 -1.67
CA SER H 45 3.54 38.02 -2.09
C SER H 45 3.22 37.89 -3.58
N ILE H 46 1.93 37.89 -3.90
CA ILE H 46 1.41 37.85 -5.26
C ILE H 46 0.58 39.12 -5.48
N GLU H 47 0.90 39.85 -6.55
CA GLU H 47 0.20 41.08 -6.85
C GLU H 47 -1.23 40.79 -7.34
N PRO H 48 -2.11 41.80 -7.34
CA PRO H 48 -3.50 41.57 -7.78
C PRO H 48 -3.59 41.06 -9.21
N ASN H 49 -4.70 40.38 -9.49
CA ASN H 49 -5.14 40.04 -10.84
C ASN H 49 -4.13 39.16 -11.60
N VAL H 50 -3.71 38.07 -10.96
CA VAL H 50 -2.79 37.11 -11.57
C VAL H 50 -3.57 35.83 -11.87
N ASN H 51 -3.65 35.47 -13.14
CA ASN H 51 -4.20 34.18 -13.52
C ASN H 51 -3.21 33.08 -13.17
N SER H 52 -3.72 31.86 -13.00
CA SER H 52 -2.91 30.75 -12.50
C SER H 52 -1.67 30.53 -13.34
N GLU H 53 -0.51 30.54 -12.69
CA GLU H 53 0.75 30.38 -13.40
C GLU H 53 1.81 29.94 -12.41
N SER H 54 2.91 29.43 -12.95
CA SER H 54 4.02 28.98 -12.13
C SER H 54 5.10 30.05 -12.06
N ARG H 55 5.68 30.23 -10.86
CA ARG H 55 6.71 31.22 -10.65
C ARG H 55 7.86 30.59 -9.87
N GLN H 56 9.08 31.06 -10.16
CA GLN H 56 10.29 30.56 -9.52
C GLN H 56 10.64 31.40 -8.28
N TYR H 57 10.80 30.73 -7.13
CA TYR H 57 11.23 31.36 -5.90
C TYR H 57 12.47 30.64 -5.36
N SER H 58 13.16 31.30 -4.45
CA SER H 58 14.29 30.69 -3.75
C SER H 58 13.95 30.69 -2.27
N LEU H 59 13.57 29.52 -1.75
CA LEU H 59 13.24 29.35 -0.35
C LEU H 59 14.44 28.74 0.36
N PHE H 60 15.03 29.49 1.29
CA PHE H 60 16.18 29.03 2.06
C PHE H 60 17.29 28.55 1.13
N GLY H 61 17.55 29.32 0.07
CA GLY H 61 18.57 28.98 -0.90
C GLY H 61 18.20 27.92 -1.92
N VAL H 62 17.05 27.28 -1.80
CA VAL H 62 16.66 26.18 -2.68
C VAL H 62 15.59 26.67 -3.65
N ASN H 63 15.81 26.46 -4.93
CA ASN H 63 14.86 26.91 -5.94
C ASN H 63 13.62 26.03 -5.96
N LYS H 64 12.45 26.69 -6.03
CA LYS H 64 11.15 26.01 -6.09
C LYS H 64 10.28 26.67 -7.15
N GLN H 65 9.59 25.85 -7.93
CA GLN H 65 8.53 26.32 -8.81
C GLN H 65 7.20 26.17 -8.07
N ILE H 66 6.49 27.28 -7.90
CA ILE H 66 5.26 27.30 -7.11
C ILE H 66 4.13 27.83 -7.99
N THR H 67 3.02 27.09 -8.03
CA THR H 67 1.85 27.54 -8.78
C THR H 67 1.07 28.54 -7.94
N VAL H 68 0.82 29.71 -8.52
CA VAL H 68 0.18 30.81 -7.82
C VAL H 68 -1.00 31.29 -8.66
N VAL H 69 -1.98 31.89 -7.97
CA VAL H 69 -3.15 32.45 -8.61
C VAL H 69 -3.68 33.54 -7.70
N ASN H 70 -4.09 34.66 -8.27
CA ASN H 70 -4.71 35.68 -7.41
C ASN H 70 -5.66 36.50 -8.26
N THR H 71 -6.92 36.09 -8.28
CA THR H 71 -7.85 36.80 -9.13
C THR H 71 -8.50 37.96 -8.39
N SER H 72 -8.07 38.22 -7.16
CA SER H 72 -8.56 39.31 -6.35
C SER H 72 -7.95 40.63 -6.83
N ASN H 73 -8.64 41.73 -6.51
CA ASN H 73 -7.99 43.04 -6.62
C ASN H 73 -7.11 43.35 -5.41
N LYS H 74 -7.03 42.46 -4.43
CA LYS H 74 -6.13 42.64 -3.31
C LYS H 74 -4.83 41.87 -3.55
N TRP H 75 -3.83 42.13 -2.70
CA TRP H 75 -2.61 41.34 -2.73
C TRP H 75 -2.79 40.03 -1.97
N LYS H 76 -2.07 39.00 -2.37
CA LYS H 76 -2.23 37.67 -1.79
C LYS H 76 -0.91 37.20 -1.20
N PHE H 77 -0.95 36.73 0.04
CA PHE H 77 0.24 36.28 0.75
C PHE H 77 0.09 34.80 1.08
N MET H 78 0.82 33.97 0.36
CA MET H 78 0.79 32.53 0.56
C MET H 78 1.78 32.16 1.65
N GLU H 79 1.32 31.44 2.67
CA GLU H 79 2.19 30.91 3.71
C GLU H 79 2.59 29.49 3.32
N MET H 80 3.82 29.32 2.87
CA MET H 80 4.39 28.02 2.59
C MET H 80 5.01 27.47 3.87
N PHE H 81 4.77 26.18 4.11
CA PHE H 81 5.20 25.55 5.34
C PHE H 81 5.71 24.13 5.08
N ARG H 82 6.65 23.72 5.93
CA ARG H 82 7.04 22.31 6.06
C ARG H 82 7.62 22.12 7.45
N ASN H 83 7.45 20.92 8.01
CA ASN H 83 7.93 20.61 9.35
C ASN H 83 9.08 19.60 9.36
N ASN H 84 9.71 19.37 8.21
CA ASN H 84 10.85 18.46 8.17
C ASN H 84 11.72 18.84 6.98
N SER H 85 13.05 18.79 7.20
CA SER H 85 14.00 19.14 6.17
C SER H 85 13.87 18.28 4.91
N ASN H 86 13.24 17.11 5.01
CA ASN H 86 13.11 16.21 3.85
C ASN H 86 11.73 16.27 3.21
N ALA H 87 10.84 17.14 3.69
CA ALA H 87 9.54 17.32 3.10
C ALA H 87 9.55 18.47 2.10
N GLU H 88 8.59 18.44 1.19
CA GLU H 88 8.38 19.58 0.33
C GLU H 88 7.49 20.60 1.04
N PHE H 89 7.70 21.88 0.72
CA PHE H 89 6.83 22.91 1.25
C PHE H 89 5.41 22.72 0.74
N GLN H 90 4.44 23.07 1.58
CA GLN H 90 3.06 23.06 1.17
C GLN H 90 2.45 24.43 1.45
N HIS H 91 1.55 24.85 0.58
CA HIS H 91 0.81 26.09 0.77
C HIS H 91 -0.23 25.85 1.86
N LYS H 92 0.04 26.39 3.05
CA LYS H 92 -0.71 26.07 4.26
C LYS H 92 -1.87 27.03 4.50
N ARG H 93 -1.63 28.33 4.33
CA ARG H 93 -2.60 29.37 4.60
C ARG H 93 -2.46 30.49 3.60
N THR H 94 -3.45 31.38 3.61
CA THR H 94 -3.50 32.52 2.71
C THR H 94 -3.99 33.75 3.45
N LEU H 95 -3.29 34.86 3.28
CA LEU H 95 -3.77 36.16 3.73
C LEU H 95 -4.06 37.00 2.49
N THR H 96 -5.31 37.43 2.32
CA THR H 96 -5.72 38.26 1.20
C THR H 96 -5.95 39.68 1.72
N SER H 97 -5.17 40.63 1.23
CA SER H 97 -4.95 41.87 1.98
C SER H 97 -4.84 43.06 1.04
N SER H 98 -5.51 44.15 1.42
CA SER H 98 -5.31 45.40 0.73
C SER H 98 -4.28 46.29 1.41
N THR H 99 -3.79 45.89 2.59
CA THR H 99 -2.81 46.70 3.31
C THR H 99 -1.38 46.21 3.13
N LYS H 100 -1.19 44.99 2.65
CA LYS H 100 0.13 44.42 2.38
C LYS H 100 0.98 44.33 3.64
N LEU H 101 0.34 44.28 4.81
CA LEU H 101 1.02 44.07 6.07
C LEU H 101 0.94 42.61 6.46
N VAL H 102 2.07 42.05 6.87
CA VAL H 102 2.18 40.64 7.20
C VAL H 102 2.79 40.53 8.60
N GLY H 103 2.23 39.67 9.44
CA GLY H 103 2.79 39.53 10.77
C GLY H 103 3.35 38.15 11.08
N ILE H 104 4.24 38.06 12.08
CA ILE H 104 4.69 36.77 12.61
C ILE H 104 5.07 36.94 14.07
N LEU H 105 4.71 35.94 14.89
CA LEU H 105 4.87 35.99 16.34
C LEU H 105 5.28 34.65 16.92
N LYS H 106 6.29 34.64 17.79
CA LYS H 106 6.65 33.45 18.57
C LYS H 106 6.00 33.55 19.95
N HIS H 107 5.07 32.65 20.26
CA HIS H 107 4.38 32.74 21.55
C HIS H 107 3.73 31.41 21.93
N GLY H 108 3.85 31.06 23.21
CA GLY H 108 3.12 29.94 23.81
C GLY H 108 3.37 28.61 23.15
N GLY H 109 4.62 28.31 22.83
CA GLY H 109 4.97 27.09 22.12
C GLY H 109 4.56 27.05 20.67
N ARG H 110 4.19 28.19 20.08
CA ARG H 110 3.58 28.20 18.76
C ARG H 110 4.11 29.37 17.94
N LEU H 111 3.99 29.24 16.63
CA LEU H 111 4.31 30.30 15.69
C LEU H 111 3.01 30.82 15.08
N TRP H 112 2.82 32.13 15.12
CA TRP H 112 1.56 32.77 14.79
C TRP H 112 1.72 33.67 13.58
N THR H 113 0.76 33.59 12.66
CA THR H 113 0.67 34.45 11.49
C THR H 113 -0.80 34.83 11.31
N TYR H 114 -1.09 35.67 10.33
CA TYR H 114 -2.45 36.06 10.02
C TYR H 114 -2.91 35.39 8.72
N HIS H 115 -4.20 35.05 8.67
CA HIS H 115 -4.80 34.57 7.44
C HIS H 115 -6.24 35.09 7.37
N GLY H 116 -6.91 34.81 6.26
CA GLY H 116 -8.20 35.39 5.96
C GLY H 116 -8.07 36.56 5.00
N GLU H 117 -9.16 37.30 4.86
CA GLU H 117 -9.21 38.46 3.97
C GLU H 117 -9.47 39.71 4.79
N THR H 118 -8.64 40.72 4.60
CA THR H 118 -8.84 42.00 5.25
C THR H 118 -10.21 42.56 4.84
N PRO H 119 -10.92 43.25 5.74
CA PRO H 119 -10.49 43.66 7.08
C PRO H 119 -10.82 42.67 8.19
N ASN H 120 -10.98 41.39 7.87
CA ASN H 120 -11.42 40.40 8.85
C ASN H 120 -10.37 39.32 9.07
N ALA H 121 -9.10 39.63 8.81
CA ALA H 121 -8.02 38.68 9.02
C ALA H 121 -7.87 38.36 10.50
N THR H 122 -7.33 37.17 10.78
CA THR H 122 -7.19 36.70 12.16
C THR H 122 -5.90 35.90 12.26
N THR H 123 -5.49 35.64 13.50
CA THR H 123 -4.26 34.89 13.75
C THR H 123 -4.53 33.37 13.74
N ASP H 124 -3.47 32.62 13.50
CA ASP H 124 -3.49 31.16 13.49
C ASP H 124 -2.05 30.67 13.65
N TYR H 125 -1.90 29.38 13.98
CA TYR H 125 -0.61 28.89 14.48
C TYR H 125 -0.13 27.62 13.77
N SER H 126 1.19 27.47 13.81
CA SER H 126 1.87 26.20 13.60
C SER H 126 2.52 25.78 14.90
N THR H 127 2.51 24.48 15.19
CA THR H 127 3.08 23.98 16.43
C THR H 127 4.55 23.67 16.25
N THR H 128 5.30 23.74 17.35
CA THR H 128 6.73 23.45 17.32
C THR H 128 7.20 23.02 18.70
N SER H 129 8.27 22.23 18.72
CA SER H 129 8.96 21.82 19.94
C SER H 129 10.24 22.60 20.17
N ASN H 130 10.58 23.51 19.26
CA ASN H 130 11.84 24.22 19.26
C ASN H 130 11.60 25.69 18.96
N LEU H 131 10.66 26.30 19.70
CA LEU H 131 10.18 27.64 19.35
C LEU H 131 11.30 28.67 19.38
N ASN H 132 12.12 28.66 20.45
CA ASN H 132 13.03 29.77 20.68
C ASN H 132 14.11 29.85 19.62
N GLU H 133 14.52 28.72 19.05
CA GLU H 133 15.57 28.71 18.02
C GLU H 133 15.06 29.13 16.65
N ILE H 134 13.82 29.60 16.53
CA ILE H 134 13.28 30.04 15.25
C ILE H 134 13.85 31.42 14.93
N SER H 135 14.63 31.50 13.85
CA SER H 135 15.06 32.81 13.39
C SER H 135 14.26 33.20 12.15
N VAL H 136 14.19 34.52 11.91
CA VAL H 136 13.37 35.11 10.85
C VAL H 136 14.24 36.04 10.03
N THR H 137 14.15 35.91 8.71
CA THR H 137 14.74 36.87 7.77
C THR H 137 13.60 37.59 7.06
N THR H 138 13.46 38.88 7.33
CA THR H 138 12.54 39.74 6.58
C THR H 138 13.23 40.31 5.36
N TYR H 139 12.46 40.45 4.27
CA TYR H 139 12.92 41.09 3.04
C TYR H 139 12.20 42.42 2.80
N ALA H 140 11.61 42.99 3.84
CA ALA H 140 11.04 44.33 3.80
C ALA H 140 11.13 44.93 5.20
N GLU H 141 10.84 46.23 5.29
CA GLU H 141 10.83 46.94 6.56
C GLU H 141 9.77 46.35 7.49
N PHE H 142 10.04 46.44 8.80
CA PHE H 142 9.11 45.85 9.76
C PHE H 142 9.09 46.68 11.03
N TYR H 143 8.05 46.47 11.82
CA TYR H 143 7.88 47.07 13.13
C TYR H 143 7.79 45.97 14.16
N ILE H 144 7.99 46.34 15.43
CA ILE H 144 7.92 45.43 16.57
C ILE H 144 6.82 45.91 17.49
N ILE H 145 5.87 45.03 17.81
CA ILE H 145 4.72 45.36 18.62
C ILE H 145 4.53 44.31 19.71
N PRO H 146 4.53 44.67 20.99
CA PRO H 146 4.38 43.64 22.04
C PRO H 146 3.02 42.97 21.95
N ARG H 147 3.00 41.67 22.27
CA ARG H 147 1.75 40.91 22.23
C ARG H 147 0.65 41.57 23.04
N SER H 148 1.00 42.27 24.12
CA SER H 148 0.01 42.98 24.92
C SER H 148 -0.75 44.04 24.12
N GLN H 149 -0.27 44.41 22.94
CA GLN H 149 -1.00 45.32 22.06
C GLN H 149 -1.35 44.66 20.74
N GLU H 150 -1.58 43.34 20.77
CA GLU H 150 -1.93 42.59 19.56
C GLU H 150 -3.14 43.18 18.87
N SER H 151 -4.12 43.64 19.65
CA SER H 151 -5.33 44.20 19.06
C SER H 151 -5.04 45.36 18.12
N LYS H 152 -3.92 46.08 18.33
CA LYS H 152 -3.52 47.12 17.38
C LYS H 152 -2.84 46.52 16.16
N CYS H 153 -1.94 45.55 16.39
CA CYS H 153 -1.37 44.79 15.29
C CYS H 153 -2.46 44.30 14.35
N THR H 154 -3.47 43.63 14.91
CA THR H 154 -4.57 43.12 14.12
C THR H 154 -5.22 44.23 13.30
N GLU H 155 -5.47 45.38 13.93
CA GLU H 155 -6.12 46.43 13.15
C GLU H 155 -5.15 47.00 12.11
N TYR H 156 -3.86 47.05 12.43
CA TYR H 156 -2.88 47.40 11.40
C TYR H 156 -2.93 46.40 10.26
N ILE H 157 -3.03 45.11 10.57
CA ILE H 157 -3.08 44.09 9.52
C ILE H 157 -4.27 44.35 8.62
N ASN H 158 -5.36 44.87 9.19
CA ASN H 158 -6.65 44.84 8.54
C ASN H 158 -7.05 46.16 7.92
N THR H 159 -6.59 47.29 8.47
CA THR H 159 -6.90 48.61 7.92
C THR H 159 -5.68 49.47 7.60
N GLY H 160 -4.47 49.04 7.93
CA GLY H 160 -3.26 49.72 7.52
C GLY H 160 -2.65 50.53 8.64
N LEU H 161 -1.44 51.01 8.39
CA LEU H 161 -0.77 51.93 9.30
C LEU H 161 -1.40 53.31 9.23
O5 A2G I . -13.43 10.42 33.21
C1 A2G I . -13.32 11.77 32.82
O1 A2G I . -13.40 12.65 33.94
C2 A2G I . -14.40 11.96 31.77
N2 A2G I . -14.27 13.17 31.00
C3 A2G I . -15.80 11.73 32.29
O3 A2G I . -16.69 11.72 31.20
C4 A2G I . -15.83 10.37 32.97
O4 A2G I . -15.68 9.41 31.97
C5 A2G I . -14.67 10.17 33.87
C6 A2G I . -14.63 8.79 34.49
O6 A2G I . -13.86 8.90 35.65
C7 A2G I . -14.20 13.03 29.67
O7 A2G I . -14.02 11.96 29.16
C8 A2G I . -14.37 14.25 28.84
C1 GAL I . -17.87 12.46 31.58
C2 GAL I . -18.84 12.61 30.42
C3 GAL I . -20.06 13.46 30.72
C4 GAL I . -20.73 12.96 31.97
C5 GAL I . -19.72 12.69 33.07
C6 GAL I . -20.51 12.06 34.19
O2 GAL I . -18.24 13.26 29.32
O3 GAL I . -21.00 13.40 29.64
O4 GAL I . -21.50 11.80 31.69
O5 GAL I . -18.63 11.88 32.62
O6 GAL I . -20.09 12.55 35.46
C1 NAG I . -13.50 7.53 35.96
C2 NAG I . -12.57 7.55 37.18
C3 NAG I . -12.13 6.12 37.53
C4 NAG I . -13.35 5.21 37.70
C5 NAG I . -14.26 5.31 36.47
C6 NAG I . -15.53 4.51 36.60
C7 NAG I . -11.15 9.51 37.62
C8 NAG I . -9.91 10.26 37.23
N2 NAG I . -11.41 8.39 36.93
O3 NAG I . -11.34 6.13 38.71
O4 NAG I . -12.93 3.86 37.82
O5 NAG I . -14.64 6.68 36.25
O6 NAG I . -16.14 4.70 37.88
O7 NAG I . -11.89 9.90 38.52
O5 A2G J . -3.49 29.36 23.56
C1 A2G J . -3.82 28.42 24.57
O1 A2G J . -4.49 28.99 25.69
C2 A2G J . -2.51 27.70 24.86
N2 A2G J . -2.66 26.53 25.66
C3 A2G J . -1.32 28.55 25.29
O3 A2G J . -0.16 27.73 25.35
C4 A2G J . -1.13 29.64 24.25
O4 A2G J . -0.65 29.13 23.05
C5 A2G J . -2.45 30.29 23.90
C6 A2G J . -2.29 31.28 22.77
O6 A2G J . -3.40 32.14 22.85
C7 A2G J . -2.18 25.43 25.13
O7 A2G J . -1.30 25.43 24.30
C8 A2G J . -2.79 24.17 25.59
C1 GAL J . 0.58 28.04 26.54
C2 GAL J . 1.85 27.20 26.49
C3 GAL J . 2.69 27.33 27.73
C4 GAL J . 2.99 28.79 28.01
C5 GAL J . 1.74 29.62 27.89
C6 GAL J . 2.02 31.10 27.97
O2 GAL J . 1.55 25.83 26.37
O3 GAL J . 3.91 26.63 27.56
O4 GAL J . 3.99 29.23 27.14
O5 GAL J . 1.04 29.36 26.68
O6 GAL J . 0.73 31.70 28.04
C1 NAG J . -3.57 32.79 21.57
C2 NAG J . -4.89 33.57 21.56
C3 NAG J . -5.07 34.27 20.21
C4 NAG J . -3.84 35.10 19.85
C5 NAG J . -2.58 34.24 19.93
C6 NAG J . -1.31 35.02 19.68
C7 NAG J . -6.84 32.85 22.88
C8 NAG J . -7.94 31.85 22.99
N2 NAG J . -6.01 32.70 21.83
O3 NAG J . -6.23 35.08 20.21
O4 NAG J . -3.97 35.59 18.52
O5 NAG J . -2.47 33.67 21.25
O6 NAG J . -1.19 36.12 20.57
O7 NAG J . -6.68 33.75 23.70
C1 NAG K . 8.01 -12.98 -32.32
C2 NAG K . 9.20 -12.22 -32.95
C3 NAG K . 8.74 -10.87 -33.56
C4 NAG K . 7.52 -11.06 -34.44
C5 NAG K . 6.44 -11.80 -33.66
C6 NAG K . 5.19 -12.04 -34.48
C7 NAG K . 11.48 -12.52 -32.06
C8 NAG K . 12.44 -12.18 -30.94
N2 NAG K . 10.25 -11.99 -31.97
O3 NAG K . 9.81 -10.32 -34.32
O4 NAG K . 7.00 -9.82 -34.91
O5 NAG K . 6.95 -13.08 -33.28
O6 NAG K . 5.53 -12.74 -35.68
O7 NAG K . 11.80 -13.25 -32.99
C1 NAG L . 8.41 -25.77 -23.24
C2 NAG L . 7.45 -26.95 -23.16
C3 NAG L . 7.81 -27.87 -21.98
C4 NAG L . 9.28 -28.23 -22.01
C5 NAG L . 10.13 -26.97 -22.09
C6 NAG L . 11.60 -27.28 -22.18
C7 NAG L . 5.24 -26.39 -24.09
C8 NAG L . 3.86 -25.90 -23.77
N2 NAG L . 6.07 -26.50 -23.04
O3 NAG L . 7.02 -29.05 -21.97
O4 NAG L . 9.65 -28.98 -20.85
O5 NAG L . 9.77 -26.23 -23.27
O6 NAG L . 11.83 -28.24 -23.19
O7 NAG L . 5.59 -26.69 -25.22
C1 NAG M . 0.78 2.18 -10.59
C2 NAG M . -0.51 2.90 -11.02
C3 NAG M . -0.24 3.90 -12.15
C4 NAG M . 0.90 4.83 -11.77
C5 NAG M . 2.13 4.01 -11.42
C6 NAG M . 3.32 4.86 -11.04
C7 NAG M . -2.51 1.52 -10.61
C8 NAG M . -3.50 0.55 -11.21
N2 NAG M . -1.54 1.95 -11.43
O3 NAG M . -1.42 4.63 -12.44
O4 NAG M . 1.21 5.70 -12.85
O5 NAG M . 1.82 3.15 -10.30
O6 NAG M . 2.99 5.82 -10.05
O7 NAG M . -2.57 1.86 -9.43
C1 NAG N . -0.51 -0.85 12.81
C2 NAG N . -0.85 -2.32 12.48
C3 NAG N . -0.30 -3.26 13.56
C4 NAG N . 1.17 -2.98 13.85
C5 NAG N . 1.33 -1.50 14.18
C6 NAG N . 2.77 -1.12 14.47
C7 NAG N . -2.88 -3.10 11.31
C8 NAG N . -4.37 -3.18 11.35
N2 NAG N . -2.29 -2.49 12.35
O3 NAG N . -0.44 -4.62 13.14
O4 NAG N . 1.63 -3.77 14.94
O5 NAG N . 0.90 -0.73 13.06
O6 NAG N . 3.63 -1.49 13.41
O7 NAG N . -2.22 -3.57 10.38
C1 NAG O . -4.31 11.93 2.95
C2 NAG O . -3.52 12.38 1.70
C3 NAG O . -4.22 13.56 1.01
C4 NAG O . -5.69 13.25 0.77
C5 NAG O . -6.35 12.87 2.08
C6 NAG O . -7.82 12.55 1.95
C7 NAG O . -1.09 12.06 1.62
C8 NAG O . 0.25 12.56 2.09
N2 NAG O . -2.16 12.72 2.05
O3 NAG O . -3.59 13.85 -0.23
O4 NAG O . -6.34 14.37 0.19
O5 NAG O . -5.70 11.69 2.60
O6 NAG O . -8.08 11.64 0.89
O7 NAG O . -1.19 11.09 0.87
C1 NAG P . 2.75 -10.71 -1.29
C2 NAG P . 3.88 -10.99 -0.27
C3 NAG P . 3.82 -12.44 0.24
C4 NAG P . 2.42 -12.79 0.72
C5 NAG P . 1.39 -12.47 -0.37
C6 NAG P . -0.02 -12.72 0.07
C7 NAG P . 5.89 -9.61 -0.57
C8 NAG P . 7.23 -9.50 -1.25
N2 NAG P . 5.19 -10.72 -0.85
O3 NAG P . 4.76 -12.60 1.29
O4 NAG P . 2.34 -14.16 1.06
O5 NAG P . 1.47 -11.08 -0.71
O6 NAG P . -0.27 -12.11 1.33
O7 NAG P . 5.46 -8.73 0.18
#